data_1KXK
# 
_entry.id   1KXK 
# 
_audit_conform.dict_name       mmcif_pdbx.dic 
_audit_conform.dict_version    5.386 
_audit_conform.dict_location   http://mmcif.pdb.org/dictionaries/ascii/mmcif_pdbx.dic 
# 
loop_
_database_2.database_id 
_database_2.database_code 
_database_2.pdbx_database_accession 
_database_2.pdbx_DOI 
PDB   1KXK         pdb_00001kxk 10.2210/pdb1kxk/pdb 
NDB   UR0019       ?            ?                   
RCSB  RCSB015439   ?            ?                   
WWPDB D_1000015439 ?            ?                   
# 
loop_
_pdbx_audit_revision_history.ordinal 
_pdbx_audit_revision_history.data_content_type 
_pdbx_audit_revision_history.major_revision 
_pdbx_audit_revision_history.minor_revision 
_pdbx_audit_revision_history.revision_date 
1 'Structure model' 1 0 2002-03-22 
2 'Structure model' 1 1 2008-04-27 
3 'Structure model' 1 2 2011-07-13 
4 'Structure model' 1 3 2024-02-14 
# 
_pdbx_audit_revision_details.ordinal             1 
_pdbx_audit_revision_details.revision_ordinal    1 
_pdbx_audit_revision_details.data_content_type   'Structure model' 
_pdbx_audit_revision_details.provider            repository 
_pdbx_audit_revision_details.type                'Initial release' 
_pdbx_audit_revision_details.description         ? 
_pdbx_audit_revision_details.details             ? 
# 
loop_
_pdbx_audit_revision_group.ordinal 
_pdbx_audit_revision_group.revision_ordinal 
_pdbx_audit_revision_group.data_content_type 
_pdbx_audit_revision_group.group 
1 2 'Structure model' 'Version format compliance' 
2 3 'Structure model' 'Version format compliance' 
3 4 'Structure model' 'Data collection'           
4 4 'Structure model' 'Database references'       
5 4 'Structure model' 'Derived calculations'      
# 
loop_
_pdbx_audit_revision_category.ordinal 
_pdbx_audit_revision_category.revision_ordinal 
_pdbx_audit_revision_category.data_content_type 
_pdbx_audit_revision_category.category 
1 4 'Structure model' chem_comp_atom 
2 4 'Structure model' chem_comp_bond 
3 4 'Structure model' database_2     
4 4 'Structure model' struct_conn    
5 4 'Structure model' struct_site    
# 
loop_
_pdbx_audit_revision_item.ordinal 
_pdbx_audit_revision_item.revision_ordinal 
_pdbx_audit_revision_item.data_content_type 
_pdbx_audit_revision_item.item 
1  4 'Structure model' '_database_2.pdbx_DOI'                
2  4 'Structure model' '_database_2.pdbx_database_accession' 
3  4 'Structure model' '_struct_conn.ptnr1_auth_comp_id'     
4  4 'Structure model' '_struct_conn.ptnr1_auth_seq_id'      
5  4 'Structure model' '_struct_conn.ptnr1_label_asym_id'    
6  4 'Structure model' '_struct_conn.ptnr1_label_atom_id'    
7  4 'Structure model' '_struct_conn.ptnr1_label_comp_id'    
8  4 'Structure model' '_struct_conn.ptnr1_label_seq_id'     
9  4 'Structure model' '_struct_conn.ptnr2_auth_comp_id'     
10 4 'Structure model' '_struct_conn.ptnr2_auth_seq_id'      
11 4 'Structure model' '_struct_conn.ptnr2_label_asym_id'    
12 4 'Structure model' '_struct_conn.ptnr2_label_atom_id'    
13 4 'Structure model' '_struct_conn.ptnr2_label_comp_id'    
14 4 'Structure model' '_struct_conn.ptnr2_label_seq_id'     
15 4 'Structure model' '_struct_site.pdbx_auth_asym_id'      
16 4 'Structure model' '_struct_site.pdbx_auth_comp_id'      
17 4 'Structure model' '_struct_site.pdbx_auth_seq_id'       
# 
_pdbx_database_status.status_code                     REL 
_pdbx_database_status.entry_id                        1KXK 
_pdbx_database_status.recvd_initial_deposition_date   2002-01-31 
_pdbx_database_status.deposit_site                    RCSB 
_pdbx_database_status.process_site                    RCSB 
_pdbx_database_status.status_code_sf                  REL 
_pdbx_database_status.SG_entry                        . 
_pdbx_database_status.pdb_format_compatible           Y 
_pdbx_database_status.status_code_mr                  ? 
_pdbx_database_status.status_code_cs                  ? 
_pdbx_database_status.status_code_nmr_data            ? 
_pdbx_database_status.methods_development_category    ? 
# 
loop_
_audit_author.name 
_audit_author.pdbx_ordinal 
'Zhang, L.'    1 
'Doudna, J.A.' 2 
# 
_citation.id                        primary 
_citation.title                     'Structural insights into group II intron catalysis and branch-site selection.' 
_citation.journal_abbrev            Science 
_citation.journal_volume            295 
_citation.page_first                2084 
_citation.page_last                 2088 
_citation.year                      2002 
_citation.journal_id_ASTM           SCIEAS 
_citation.country                   US 
_citation.journal_id_ISSN           0036-8075 
_citation.journal_id_CSD            0038 
_citation.book_publisher            ? 
_citation.pdbx_database_id_PubMed   11859154 
_citation.pdbx_database_id_DOI      10.1126/science.1069268 
# 
loop_
_citation_author.citation_id 
_citation_author.name 
_citation_author.ordinal 
_citation_author.identifier_ORCID 
primary 'Zhang, L.'    1 ? 
primary 'Doudna, J.A.' 2 ? 
# 
loop_
_entity.id 
_entity.type 
_entity.src_method 
_entity.pdbx_description 
_entity.formula_weight 
_entity.pdbx_number_of_molecules 
_entity.pdbx_ec 
_entity.pdbx_mutation 
_entity.pdbx_fragment 
_entity.details 
1 polymer     syn 'ai5g group II Self-splicing intron' 22620.477 1 ? ? 'domain 5 and 6' ? 
2 non-polymer syn 'MAGNESIUM ION'                      24.305    2 ? ? ?                ? 
# 
_entity_poly.entity_id                      1 
_entity_poly.type                           polyribonucleotide 
_entity_poly.nstd_linkage                   no 
_entity_poly.nstd_monomer                   no 
_entity_poly.pdbx_seq_one_letter_code       GUCUACCUAUCGGGCUAAGGAGCCGUAUGCGAUGAAAGUCGCACGUACGGUUCUAUGCCCGGGGGAAAAC 
_entity_poly.pdbx_seq_one_letter_code_can   GUCUACCUAUCGGGCUAAGGAGCCGUAUGCGAUGAAAGUCGCACGUACGGUUCUAUGCCCGGGGGAAAAC 
_entity_poly.pdbx_strand_id                 A 
_entity_poly.pdbx_target_identifier         ? 
# 
_pdbx_entity_nonpoly.entity_id   2 
_pdbx_entity_nonpoly.name        'MAGNESIUM ION' 
_pdbx_entity_nonpoly.comp_id     MG 
# 
loop_
_entity_poly_seq.entity_id 
_entity_poly_seq.num 
_entity_poly_seq.mon_id 
_entity_poly_seq.hetero 
1 1  G n 
1 2  U n 
1 3  C n 
1 4  U n 
1 5  A n 
1 6  C n 
1 7  C n 
1 8  U n 
1 9  A n 
1 10 U n 
1 11 C n 
1 12 G n 
1 13 G n 
1 14 G n 
1 15 C n 
1 16 U n 
1 17 A n 
1 18 A n 
1 19 G n 
1 20 G n 
1 21 A n 
1 22 G n 
1 23 C n 
1 24 C n 
1 25 G n 
1 26 U n 
1 27 A n 
1 28 U n 
1 29 G n 
1 30 C n 
1 31 G n 
1 32 A n 
1 33 U n 
1 34 G n 
1 35 A n 
1 36 A n 
1 37 A n 
1 38 G n 
1 39 U n 
1 40 C n 
1 41 G n 
1 42 C n 
1 43 A n 
1 44 C n 
1 45 G n 
1 46 U n 
1 47 A n 
1 48 C n 
1 49 G n 
1 50 G n 
1 51 U n 
1 52 U n 
1 53 C n 
1 54 U n 
1 55 A n 
1 56 U n 
1 57 G n 
1 58 C n 
1 59 C n 
1 60 C n 
1 61 G n 
1 62 G n 
1 63 G n 
1 64 G n 
1 65 G n 
1 66 A n 
1 67 A n 
1 68 A n 
1 69 A n 
1 70 C n 
# 
_pdbx_entity_src_syn.entity_id              1 
_pdbx_entity_src_syn.pdbx_src_id            1 
_pdbx_entity_src_syn.pdbx_alt_source_flag   sample 
_pdbx_entity_src_syn.pdbx_beg_seq_num       ? 
_pdbx_entity_src_syn.pdbx_end_seq_num       ? 
_pdbx_entity_src_syn.organism_scientific    ? 
_pdbx_entity_src_syn.organism_common_name   ? 
_pdbx_entity_src_syn.ncbi_taxonomy_id       ? 
_pdbx_entity_src_syn.details                'THE SEQUENCE IS FROM Saccharomyces cerevisiae (yeast). in vitro transcription.' 
# 
loop_
_chem_comp.id 
_chem_comp.type 
_chem_comp.mon_nstd_flag 
_chem_comp.name 
_chem_comp.pdbx_synonyms 
_chem_comp.formula 
_chem_comp.formula_weight 
A  'RNA linking' y "ADENOSINE-5'-MONOPHOSPHATE" ? 'C10 H14 N5 O7 P' 347.221 
C  'RNA linking' y "CYTIDINE-5'-MONOPHOSPHATE"  ? 'C9 H14 N3 O8 P'  323.197 
G  'RNA linking' y "GUANOSINE-5'-MONOPHOSPHATE" ? 'C10 H14 N5 O8 P' 363.221 
MG non-polymer   . 'MAGNESIUM ION'              ? 'Mg 2'            24.305  
U  'RNA linking' y "URIDINE-5'-MONOPHOSPHATE"   ? 'C9 H13 N2 O9 P'  324.181 
# 
loop_
_pdbx_poly_seq_scheme.asym_id 
_pdbx_poly_seq_scheme.entity_id 
_pdbx_poly_seq_scheme.seq_id 
_pdbx_poly_seq_scheme.mon_id 
_pdbx_poly_seq_scheme.ndb_seq_num 
_pdbx_poly_seq_scheme.pdb_seq_num 
_pdbx_poly_seq_scheme.auth_seq_num 
_pdbx_poly_seq_scheme.pdb_mon_id 
_pdbx_poly_seq_scheme.auth_mon_id 
_pdbx_poly_seq_scheme.pdb_strand_id 
_pdbx_poly_seq_scheme.pdb_ins_code 
_pdbx_poly_seq_scheme.hetero 
A 1 1  G 1  1  1  G GUA A . n 
A 1 2  U 2  2  2  U URI A . n 
A 1 3  C 3  3  3  C CYT A . n 
A 1 4  U 4  4  4  U URI A . n 
A 1 5  A 5  5  5  A ADE A . n 
A 1 6  C 6  6  6  C CYT A . n 
A 1 7  C 7  7  7  C CYT A . n 
A 1 8  U 8  8  8  U URI A . n 
A 1 9  A 9  9  9  A ADE A . n 
A 1 10 U 10 10 10 U URI A . n 
A 1 11 C 11 11 11 C CYT A . n 
A 1 12 G 12 12 12 G GUA A . n 
A 1 13 G 13 13 13 G GUA A . n 
A 1 14 G 14 14 14 G GUA A . n 
A 1 15 C 15 15 15 C CYT A . n 
A 1 16 U 16 16 16 U URI A . n 
A 1 17 A 17 17 17 A ADE A . n 
A 1 18 A 18 18 18 A ADE A . n 
A 1 19 G 19 19 19 G GUA A . n 
A 1 20 G 20 20 20 G GUA A . n 
A 1 21 A 21 21 21 A ADE A . n 
A 1 22 G 22 22 22 G GUA A . n 
A 1 23 C 23 23 23 C CYT A . n 
A 1 24 C 24 24 24 C CYT A . n 
A 1 25 G 25 25 25 G GUA A . n 
A 1 26 U 26 26 26 U URI A . n 
A 1 27 A 27 27 27 A ADE A . n 
A 1 28 U 28 28 28 U URI A . n 
A 1 29 G 29 29 29 G GUA A . n 
A 1 30 C 30 30 30 C CYT A . n 
A 1 31 G 31 31 31 G GUA A . n 
A 1 32 A 32 32 32 A ADE A . n 
A 1 33 U 33 33 33 U URI A . n 
A 1 34 G 34 34 34 G GUA A . n 
A 1 35 A 35 35 35 A ADE A . n 
A 1 36 A 36 36 36 A ADE A . n 
A 1 37 A 37 37 37 A ADE A . n 
A 1 38 G 38 38 38 G GUA A . n 
A 1 39 U 39 39 39 U URI A . n 
A 1 40 C 40 40 40 C CYT A . n 
A 1 41 G 41 41 41 G GUA A . n 
A 1 42 C 42 42 42 C CYT A . n 
A 1 43 A 43 43 43 A ADE A . n 
A 1 44 C 44 44 44 C CYT A . n 
A 1 45 G 45 45 45 G GUA A . n 
A 1 46 U 46 46 46 U URI A . n 
A 1 47 A 47 47 47 A ADE A . n 
A 1 48 C 48 48 48 C CYT A . n 
A 1 49 G 49 49 49 G GUA A . n 
A 1 50 G 50 50 50 G GUA A . n 
A 1 51 U 51 51 51 U URI A . n 
A 1 52 U 52 52 52 U URI A . n 
A 1 53 C 53 53 53 C CYT A . n 
A 1 54 U 54 54 54 U URI A . n 
A 1 55 A 55 55 55 A ADE A . n 
A 1 56 U 56 56 56 U URI A . n 
A 1 57 G 57 57 57 G GUA A . n 
A 1 58 C 58 58 58 C CYT A . n 
A 1 59 C 59 59 59 C CYT A . n 
A 1 60 C 60 60 60 C CYT A . n 
A 1 61 G 61 61 61 G GUA A . n 
A 1 62 G 62 62 62 G GUA A . n 
A 1 63 G 63 63 63 G GUA A . n 
A 1 64 G 64 64 64 G GUA A . n 
A 1 65 G 65 65 65 G GUA A . n 
A 1 66 A 66 66 66 A ADE A . n 
A 1 67 A 67 67 67 A ADE A . n 
A 1 68 A 68 68 68 A ADE A . n 
A 1 69 A 69 69 69 A ADE A . n 
A 1 70 C 70 70 70 C CYT A . n 
# 
loop_
_pdbx_nonpoly_scheme.asym_id 
_pdbx_nonpoly_scheme.entity_id 
_pdbx_nonpoly_scheme.mon_id 
_pdbx_nonpoly_scheme.ndb_seq_num 
_pdbx_nonpoly_scheme.pdb_seq_num 
_pdbx_nonpoly_scheme.auth_seq_num 
_pdbx_nonpoly_scheme.pdb_mon_id 
_pdbx_nonpoly_scheme.auth_mon_id 
_pdbx_nonpoly_scheme.pdb_strand_id 
_pdbx_nonpoly_scheme.pdb_ins_code 
B 2 MG 1 71 71 MG MG2 A . 
C 2 MG 1 72 72 MG MG2 A . 
# 
loop_
_software.name 
_software.classification 
_software.version 
_software.citation_id 
_software.pdbx_ordinal 
CNS       refinement       . ? 1 
DENZO     'data reduction' . ? 2 
SCALEPACK 'data scaling'   . ? 3 
CNS       phasing          . ? 4 
# 
_cell.entry_id           1KXK 
_cell.length_a           90.987 
_cell.length_b           90.987 
_cell.length_c           235.891 
_cell.angle_alpha        90.00 
_cell.angle_beta         90.00 
_cell.angle_gamma        120.00 
_cell.Z_PDB              12 
_cell.pdbx_unique_axis   ? 
# 
_symmetry.entry_id                         1KXK 
_symmetry.space_group_name_H-M             'P 61 2 2' 
_symmetry.pdbx_full_space_group_name_H-M   ? 
_symmetry.cell_setting                     ? 
_symmetry.Int_Tables_number                178 
# 
_exptl.entry_id          1KXK 
_exptl.method            'X-RAY DIFFRACTION' 
_exptl.crystals_number   2 
# 
_exptl_crystal.id                    1 
_exptl_crystal.density_meas          ? 
_exptl_crystal.density_Matthews      6.23 
_exptl_crystal.density_percent_sol   80.26 
_exptl_crystal.description           ? 
# 
_exptl_crystal_grow.crystal_id      1 
_exptl_crystal_grow.method          'VAPOR DIFFUSION, SITTING DROP' 
_exptl_crystal_grow.temp            298 
_exptl_crystal_grow.temp_details    ? 
_exptl_crystal_grow.pH              7.0 
_exptl_crystal_grow.pdbx_details    
'HEPES-KOH, magnesium chloride, ammonium sulfate, spermine, pH 7.0, VAPOR DIFFUSION, SITTING DROP, temperature 298K' 
_exptl_crystal_grow.pdbx_pH_range   . 
# 
loop_
_exptl_crystal_grow_comp.crystal_id 
_exptl_crystal_grow_comp.id 
_exptl_crystal_grow_comp.sol_id 
_exptl_crystal_grow_comp.name 
_exptl_crystal_grow_comp.volume 
_exptl_crystal_grow_comp.conc 
_exptl_crystal_grow_comp.details 
1 1 1 HEPES-KOH          ? ? ? 
1 2 1 MgCl               ? ? ? 
1 3 1 'ammonium sulfate' ? ? ? 
1 4 1 spermine           ? ? ? 
# 
loop_
_diffrn.id 
_diffrn.ambient_temp 
_diffrn.ambient_temp_details 
_diffrn.crystal_id 
1 100 ? 1 
2 100 ? 1 
# 
loop_
_diffrn_detector.diffrn_id 
_diffrn_detector.detector 
_diffrn_detector.type 
_diffrn_detector.pdbx_collection_date 
_diffrn_detector.details 
1 CCD 'ADSC QUANTUM 4' 2001-04-22 ? 
2 CCD 'ADSC QUANTUM 4' 2001-04-22 ? 
# 
loop_
_diffrn_radiation.diffrn_id 
_diffrn_radiation.wavelength_id 
_diffrn_radiation.pdbx_monochromatic_or_laue_m_l 
_diffrn_radiation.monochromator 
_diffrn_radiation.pdbx_diffrn_protocol 
_diffrn_radiation.pdbx_scattering_type 
1 1 M 'Si(111) or (220)' 'SINGLE WAVELENGTH' x-ray 
2 1 M 'Si(111) or (220)' MAD                 x-ray 
# 
loop_
_diffrn_radiation_wavelength.id 
_diffrn_radiation_wavelength.wavelength 
_diffrn_radiation_wavelength.wt 
1 1.1    1.0 
2 0.92   1.0 
3 0.9194 1.0 
4 0.9273 1.0 
5 0.9020 1.0 
# 
loop_
_diffrn_source.diffrn_id 
_diffrn_source.source 
_diffrn_source.type 
_diffrn_source.pdbx_synchrotron_site 
_diffrn_source.pdbx_synchrotron_beamline 
_diffrn_source.pdbx_wavelength 
_diffrn_source.pdbx_wavelength_list 
1 SYNCHROTRON 'NSLS BEAMLINE X25' NSLS X25 ? 1.1                            
2 SYNCHROTRON 'NSLS BEAMLINE X25' NSLS X25 ? '0.92, 0.9194, 0.9273, 0.9020' 
# 
_reflns.entry_id                     1KXK 
_reflns.observed_criterion_sigma_I   2.0 
_reflns.observed_criterion_sigma_F   2.0 
_reflns.d_resolution_low             30 
_reflns.d_resolution_high            3.0 
_reflns.number_obs                   10014 
_reflns.number_all                   12289 
_reflns.percent_possible_obs         81.5 
_reflns.pdbx_Rmerge_I_obs            ? 
_reflns.pdbx_Rsym_value              0.0540000 
_reflns.pdbx_netI_over_sigmaI        23.4 
_reflns.B_iso_Wilson_estimate        ? 
_reflns.pdbx_redundancy              15.5 
_reflns.R_free_details               ? 
_reflns.pdbx_diffrn_id               1,2 
_reflns.pdbx_ordinal                 1 
# 
_reflns_shell.d_res_high             3.00 
_reflns_shell.d_res_low              3.11 
_reflns_shell.percent_possible_all   51.7 
_reflns_shell.Rmerge_I_obs           ? 
_reflns_shell.pdbx_Rsym_value        0.4300000 
_reflns_shell.meanI_over_sigI_obs    3.0 
_reflns_shell.pdbx_redundancy        ? 
_reflns_shell.percent_possible_obs   ? 
_reflns_shell.number_unique_all      ? 
_reflns_shell.pdbx_diffrn_id         ? 
_reflns_shell.pdbx_ordinal           1 
# 
_refine.entry_id                                 1KXK 
_refine.ls_number_reflns_obs                     10014 
_refine.ls_number_reflns_all                     12289 
_refine.pdbx_ls_sigma_I                          ? 
_refine.pdbx_ls_sigma_F                          0.0 
_refine.pdbx_data_cutoff_high_absF               ? 
_refine.pdbx_data_cutoff_low_absF                ? 
_refine.ls_d_res_low                             30 
_refine.ls_d_res_high                            3.0 
_refine.ls_percent_reflns_obs                    81.5 
_refine.ls_R_factor_obs                          0.2497000 
_refine.ls_R_factor_all                          0.2497000 
_refine.ls_R_factor_R_work                       0.2476000 
_refine.ls_R_factor_R_free                       0.2680000 
_refine.ls_R_factor_R_free_error                 ? 
_refine.ls_R_factor_R_free_error_details         ? 
_refine.ls_percent_reflns_R_free                 ? 
_refine.ls_number_reflns_R_free                  1031 
_refine.ls_number_parameters                     ? 
_refine.ls_number_restraints                     ? 
_refine.occupancy_min                            ? 
_refine.occupancy_max                            ? 
_refine.B_iso_mean                               ? 
_refine.aniso_B[1][1]                            ? 
_refine.aniso_B[2][2]                            ? 
_refine.aniso_B[3][3]                            ? 
_refine.aniso_B[1][2]                            ? 
_refine.aniso_B[1][3]                            ? 
_refine.aniso_B[2][3]                            ? 
_refine.solvent_model_details                    ? 
_refine.solvent_model_param_ksol                 ? 
_refine.solvent_model_param_bsol                 ? 
_refine.pdbx_ls_cross_valid_method               'FREE R' 
_refine.details                                  ? 
_refine.pdbx_starting_model                      ? 
_refine.pdbx_method_to_determine_struct          MAD 
_refine.pdbx_isotropic_thermal_model             ? 
_refine.pdbx_stereochemistry_target_values       'Engh & Huber' 
_refine.pdbx_stereochem_target_val_spec_case     ? 
_refine.pdbx_R_Free_selection_details            random 
_refine.pdbx_overall_ESU_R_Free                  ? 
_refine.overall_SU_B                             ? 
_refine.ls_redundancy_reflns_obs                 ? 
_refine.correlation_coeff_Fo_to_Fc               ? 
_refine.overall_SU_R_Cruickshank_DPI             ? 
_refine.overall_SU_R_free                        ? 
_refine.overall_SU_ML                            ? 
_refine.pdbx_overall_ESU_R                       ? 
_refine.pdbx_data_cutoff_high_rms_absF           ? 
_refine.correlation_coeff_Fo_to_Fc_free          ? 
_refine.pdbx_solvent_vdw_probe_radii             ? 
_refine.pdbx_solvent_ion_probe_radii             ? 
_refine.pdbx_solvent_shrinkage_radii             ? 
_refine.pdbx_refine_id                           'X-RAY DIFFRACTION' 
_refine.pdbx_diffrn_id                           1 
_refine.pdbx_TLS_residual_ADP_flag               ? 
_refine.pdbx_overall_phase_error                 ? 
_refine.pdbx_overall_SU_R_free_Cruickshank_DPI   ? 
_refine.pdbx_overall_SU_R_Blow_DPI               ? 
_refine.pdbx_overall_SU_R_free_Blow_DPI          ? 
# 
_refine_hist.pdbx_refine_id                   'X-RAY DIFFRACTION' 
_refine_hist.cycle_id                         LAST 
_refine_hist.pdbx_number_atoms_protein        0 
_refine_hist.pdbx_number_atoms_nucleic_acid   1497 
_refine_hist.pdbx_number_atoms_ligand         2 
_refine_hist.number_atoms_solvent             0 
_refine_hist.number_atoms_total               1499 
_refine_hist.d_res_high                       3.0 
_refine_hist.d_res_low                        30 
# 
_refine_ls_shell.pdbx_total_number_of_bins_used   ? 
_refine_ls_shell.d_res_high                       3.00 
_refine_ls_shell.d_res_low                        3.11 
_refine_ls_shell.number_reflns_R_work             ? 
_refine_ls_shell.R_factor_R_work                  0.4186000 
_refine_ls_shell.percent_reflns_obs               51.3 
_refine_ls_shell.R_factor_R_free                  0.4421000 
_refine_ls_shell.R_factor_R_free_error            ? 
_refine_ls_shell.percent_reflns_R_free            ? 
_refine_ls_shell.number_reflns_R_free             46 
_refine_ls_shell.redundancy_reflns_obs            ? 
_refine_ls_shell.pdbx_refine_id                   'X-RAY DIFFRACTION' 
_refine_ls_shell.number_reflns_all                ? 
_refine_ls_shell.R_factor_all                     ? 
# 
_struct.entry_id                  1KXK 
_struct.title                     
'Crystal Structure of a RNA Molecule Containing Domain 5 and 6 of the Yeast ai5g Group II Self-splicing Intron' 
_struct.pdbx_model_details        ? 
_struct.pdbx_CASP_flag            ? 
_struct.pdbx_model_type_details   ? 
# 
_struct_keywords.entry_id        1KXK 
_struct_keywords.pdbx_keywords   RNA 
_struct_keywords.text            'double helix, tetraloop, tetraloop receptor, two-nucleotide bulge, RNA' 
# 
loop_
_struct_asym.id 
_struct_asym.pdbx_blank_PDB_chainid_flag 
_struct_asym.pdbx_modified 
_struct_asym.entity_id 
_struct_asym.details 
A N N 1 ? 
B N N 2 ? 
C N N 2 ? 
# 
_struct_ref.id                         1 
_struct_ref.entity_id                  1 
_struct_ref.db_name                    PDB 
_struct_ref.db_code                    1KXK 
_struct_ref.pdbx_db_accession          1KXK 
_struct_ref.pdbx_db_isoform            ? 
_struct_ref.pdbx_seq_one_letter_code   ? 
_struct_ref.pdbx_align_begin           ? 
# 
_struct_ref_seq.align_id                      1 
_struct_ref_seq.ref_id                        1 
_struct_ref_seq.pdbx_PDB_id_code              1KXK 
_struct_ref_seq.pdbx_strand_id                A 
_struct_ref_seq.seq_align_beg                 1 
_struct_ref_seq.pdbx_seq_align_beg_ins_code   ? 
_struct_ref_seq.seq_align_end                 70 
_struct_ref_seq.pdbx_seq_align_end_ins_code   ? 
_struct_ref_seq.pdbx_db_accession             1KXK 
_struct_ref_seq.db_align_beg                  1 
_struct_ref_seq.pdbx_db_align_beg_ins_code    ? 
_struct_ref_seq.db_align_end                  70 
_struct_ref_seq.pdbx_db_align_end_ins_code    ? 
_struct_ref_seq.pdbx_auth_seq_align_beg       1 
_struct_ref_seq.pdbx_auth_seq_align_end       70 
# 
_pdbx_struct_assembly.id                   1 
_pdbx_struct_assembly.details              author_defined_assembly 
_pdbx_struct_assembly.method_details       ? 
_pdbx_struct_assembly.oligomeric_details   monomeric 
_pdbx_struct_assembly.oligomeric_count     1 
# 
_pdbx_struct_assembly_gen.assembly_id       1 
_pdbx_struct_assembly_gen.oper_expression   1 
_pdbx_struct_assembly_gen.asym_id_list      A,B,C 
# 
_pdbx_struct_oper_list.id                   1 
_pdbx_struct_oper_list.type                 'identity operation' 
_pdbx_struct_oper_list.name                 1_555 
_pdbx_struct_oper_list.symmetry_operation   x,y,z 
_pdbx_struct_oper_list.matrix[1][1]         1.0000000000 
_pdbx_struct_oper_list.matrix[1][2]         0.0000000000 
_pdbx_struct_oper_list.matrix[1][3]         0.0000000000 
_pdbx_struct_oper_list.vector[1]            0.0000000000 
_pdbx_struct_oper_list.matrix[2][1]         0.0000000000 
_pdbx_struct_oper_list.matrix[2][2]         1.0000000000 
_pdbx_struct_oper_list.matrix[2][3]         0.0000000000 
_pdbx_struct_oper_list.vector[2]            0.0000000000 
_pdbx_struct_oper_list.matrix[3][1]         0.0000000000 
_pdbx_struct_oper_list.matrix[3][2]         0.0000000000 
_pdbx_struct_oper_list.matrix[3][3]         1.0000000000 
_pdbx_struct_oper_list.vector[3]            0.0000000000 
# 
_struct_biol.id                    1 
_struct_biol.details               ? 
_struct_biol.pdbx_parent_biol_id   ? 
# 
loop_
_struct_conn.id 
_struct_conn.conn_type_id 
_struct_conn.pdbx_leaving_atom_flag 
_struct_conn.pdbx_PDB_id 
_struct_conn.ptnr1_label_asym_id 
_struct_conn.ptnr1_label_comp_id 
_struct_conn.ptnr1_label_seq_id 
_struct_conn.ptnr1_label_atom_id 
_struct_conn.pdbx_ptnr1_label_alt_id 
_struct_conn.pdbx_ptnr1_PDB_ins_code 
_struct_conn.pdbx_ptnr1_standard_comp_id 
_struct_conn.ptnr1_symmetry 
_struct_conn.ptnr2_label_asym_id 
_struct_conn.ptnr2_label_comp_id 
_struct_conn.ptnr2_label_seq_id 
_struct_conn.ptnr2_label_atom_id 
_struct_conn.pdbx_ptnr2_label_alt_id 
_struct_conn.pdbx_ptnr2_PDB_ins_code 
_struct_conn.ptnr1_auth_asym_id 
_struct_conn.ptnr1_auth_comp_id 
_struct_conn.ptnr1_auth_seq_id 
_struct_conn.ptnr2_auth_asym_id 
_struct_conn.ptnr2_auth_comp_id 
_struct_conn.ptnr2_auth_seq_id 
_struct_conn.ptnr2_symmetry 
_struct_conn.pdbx_ptnr3_label_atom_id 
_struct_conn.pdbx_ptnr3_label_seq_id 
_struct_conn.pdbx_ptnr3_label_comp_id 
_struct_conn.pdbx_ptnr3_label_asym_id 
_struct_conn.pdbx_ptnr3_label_alt_id 
_struct_conn.pdbx_ptnr3_PDB_ins_code 
_struct_conn.details 
_struct_conn.pdbx_dist_value 
_struct_conn.pdbx_value_order 
_struct_conn.pdbx_role 
metalc1  metalc ? ? A C 53 "O3'" ? ? ? 1_555 B MG .  MG ? ? A C 53 A MG 71 1_555 ? ? ? ? ? ? ?                    2.788 ? ? 
metalc2  metalc ? ? A U 54 OP1   ? ? ? 1_555 B MG .  MG ? ? A U 54 A MG 71 1_555 ? ? ? ? ? ? ?                    2.033 ? ? 
hydrog1  hydrog ? ? A U 4  N3    ? ? ? 1_555 A A  66 N7 ? ? A U 4  A A  66 1_555 ? ? ? ? ? ? 'REVERSED HOOGSTEEN' ?     ? ? 
hydrog2  hydrog ? ? A U 4  O2    ? ? ? 1_555 A A  66 N6 ? ? A U 4  A A  66 1_555 ? ? ? ? ? ? 'REVERSED HOOGSTEEN' ?     ? ? 
hydrog3  hydrog ? ? A A 5  N6    ? ? ? 1_555 A G  65 N3 ? ? A A 5  A G  65 1_555 ? ? ? ? ? ? TYPE_11_PAIR         ?     ? ? 
hydrog4  hydrog ? ? A A 5  N7    ? ? ? 1_555 A G  65 N2 ? ? A A 5  A G  65 1_555 ? ? ? ? ? ? TYPE_11_PAIR         ?     ? ? 
hydrog5  hydrog ? ? A C 6  N3    ? ? ? 1_555 A G  64 N1 ? ? A C 6  A G  64 1_555 ? ? ? ? ? ? WATSON-CRICK         ?     ? ? 
hydrog6  hydrog ? ? A C 6  N4    ? ? ? 1_555 A G  64 O6 ? ? A C 6  A G  64 1_555 ? ? ? ? ? ? WATSON-CRICK         ?     ? ? 
hydrog7  hydrog ? ? A C 6  O2    ? ? ? 1_555 A G  64 N2 ? ? A C 6  A G  64 1_555 ? ? ? ? ? ? WATSON-CRICK         ?     ? ? 
hydrog8  hydrog ? ? A C 7  N3    ? ? ? 1_555 A G  63 N1 ? ? A C 7  A G  63 1_555 ? ? ? ? ? ? WATSON-CRICK         ?     ? ? 
hydrog9  hydrog ? ? A C 7  N4    ? ? ? 1_555 A G  63 O6 ? ? A C 7  A G  63 1_555 ? ? ? ? ? ? WATSON-CRICK         ?     ? ? 
hydrog10 hydrog ? ? A C 7  O2    ? ? ? 1_555 A G  63 N2 ? ? A C 7  A G  63 1_555 ? ? ? ? ? ? WATSON-CRICK         ?     ? ? 
hydrog11 hydrog ? ? A U 8  N3    ? ? ? 1_555 A G  62 O6 ? ? A U 8  A G  62 1_555 ? ? ? ? ? ? TYPE_28_PAIR         ?     ? ? 
hydrog12 hydrog ? ? A U 8  O2    ? ? ? 1_555 A G  62 N1 ? ? A U 8  A G  62 1_555 ? ? ? ? ? ? TYPE_28_PAIR         ?     ? ? 
hydrog13 hydrog ? ? A C 11 N3    ? ? ? 1_555 A G  61 N1 ? ? A C 11 A G  61 1_555 ? ? ? ? ? ? WATSON-CRICK         ?     ? ? 
hydrog14 hydrog ? ? A C 11 N4    ? ? ? 1_555 A G  61 O6 ? ? A C 11 A G  61 1_555 ? ? ? ? ? ? WATSON-CRICK         ?     ? ? 
hydrog15 hydrog ? ? A C 11 O2    ? ? ? 1_555 A G  61 N2 ? ? A C 11 A G  61 1_555 ? ? ? ? ? ? WATSON-CRICK         ?     ? ? 
hydrog16 hydrog ? ? A G 12 N1    ? ? ? 1_555 A C  60 N3 ? ? A G 12 A C  60 1_555 ? ? ? ? ? ? WATSON-CRICK         ?     ? ? 
hydrog17 hydrog ? ? A G 12 N2    ? ? ? 1_555 A C  60 O2 ? ? A G 12 A C  60 1_555 ? ? ? ? ? ? WATSON-CRICK         ?     ? ? 
hydrog18 hydrog ? ? A G 12 O6    ? ? ? 1_555 A C  60 N4 ? ? A G 12 A C  60 1_555 ? ? ? ? ? ? WATSON-CRICK         ?     ? ? 
hydrog19 hydrog ? ? A G 13 N1    ? ? ? 1_555 A C  59 N3 ? ? A G 13 A C  59 1_555 ? ? ? ? ? ? WATSON-CRICK         ?     ? ? 
hydrog20 hydrog ? ? A G 13 N2    ? ? ? 1_555 A C  59 O2 ? ? A G 13 A C  59 1_555 ? ? ? ? ? ? WATSON-CRICK         ?     ? ? 
hydrog21 hydrog ? ? A G 13 O6    ? ? ? 1_555 A C  59 N4 ? ? A G 13 A C  59 1_555 ? ? ? ? ? ? WATSON-CRICK         ?     ? ? 
hydrog22 hydrog ? ? A G 14 N1    ? ? ? 1_555 A C  58 N3 ? ? A G 14 A C  58 1_555 ? ? ? ? ? ? WATSON-CRICK         ?     ? ? 
hydrog23 hydrog ? ? A G 14 N2    ? ? ? 1_555 A C  58 O2 ? ? A G 14 A C  58 1_555 ? ? ? ? ? ? WATSON-CRICK         ?     ? ? 
hydrog24 hydrog ? ? A G 14 O6    ? ? ? 1_555 A C  58 N4 ? ? A G 14 A C  58 1_555 ? ? ? ? ? ? WATSON-CRICK         ?     ? ? 
hydrog25 hydrog ? ? A C 15 N3    ? ? ? 1_555 A G  57 N1 ? ? A C 15 A G  57 1_555 ? ? ? ? ? ? WATSON-CRICK         ?     ? ? 
hydrog26 hydrog ? ? A C 15 N4    ? ? ? 1_555 A G  57 O6 ? ? A C 15 A G  57 1_555 ? ? ? ? ? ? WATSON-CRICK         ?     ? ? 
hydrog27 hydrog ? ? A C 15 O2    ? ? ? 1_555 A G  57 N2 ? ? A C 15 A G  57 1_555 ? ? ? ? ? ? WATSON-CRICK         ?     ? ? 
hydrog28 hydrog ? ? A U 16 N3    ? ? ? 1_555 A A  55 N7 ? ? A U 16 A A  55 1_555 ? ? ? ? ? ? 'REVERSED HOOGSTEEN' ?     ? ? 
hydrog29 hydrog ? ? A U 16 O2    ? ? ? 1_555 A A  55 N6 ? ? A U 16 A A  55 1_555 ? ? ? ? ? ? 'REVERSED HOOGSTEEN' ?     ? ? 
hydrog30 hydrog ? ? A A 17 N3    ? ? ? 1_555 A A  18 N6 ? ? A A 17 A A  18 1_555 ? ? ? ? ? ? 'A-A MISPAIR'        ?     ? ? 
hydrog31 hydrog ? ? A G 19 N1    ? ? ? 1_555 A U  54 O2 ? ? A G 19 A U  54 1_555 ? ? ? ? ? ? TYPE_28_PAIR         ?     ? ? 
hydrog32 hydrog ? ? A G 19 O6    ? ? ? 1_555 A U  54 N3 ? ? A G 19 A U  54 1_555 ? ? ? ? ? ? TYPE_28_PAIR         ?     ? ? 
hydrog33 hydrog ? ? A G 20 N1    ? ? ? 1_555 A C  53 N3 ? ? A G 20 A C  53 1_555 ? ? ? ? ? ? WATSON-CRICK         ?     ? ? 
hydrog34 hydrog ? ? A G 20 N2    ? ? ? 1_555 A C  53 O2 ? ? A G 20 A C  53 1_555 ? ? ? ? ? ? WATSON-CRICK         ?     ? ? 
hydrog35 hydrog ? ? A G 20 O6    ? ? ? 1_555 A C  53 N4 ? ? A G 20 A C  53 1_555 ? ? ? ? ? ? WATSON-CRICK         ?     ? ? 
hydrog36 hydrog ? ? A A 21 N1    ? ? ? 1_555 A U  52 N3 ? ? A A 21 A U  52 1_555 ? ? ? ? ? ? WATSON-CRICK         ?     ? ? 
hydrog37 hydrog ? ? A A 21 N6    ? ? ? 1_555 A U  52 O4 ? ? A A 21 A U  52 1_555 ? ? ? ? ? ? WATSON-CRICK         ?     ? ? 
hydrog38 hydrog ? ? A G 22 N1    ? ? ? 1_555 A U  51 O2 ? ? A G 22 A U  51 1_555 ? ? ? ? ? ? TYPE_28_PAIR         ?     ? ? 
hydrog39 hydrog ? ? A G 22 O6    ? ? ? 1_555 A U  51 N3 ? ? A G 22 A U  51 1_555 ? ? ? ? ? ? TYPE_28_PAIR         ?     ? ? 
hydrog40 hydrog ? ? A C 23 O2    ? ? ? 1_555 A G  50 N1 ? ? A C 23 A G  50 1_555 ? ? ? ? ? ? 'C-G PAIR'           ?     ? ? 
hydrog41 hydrog ? ? A C 24 O2    ? ? ? 1_555 A G  49 N1 ? ? A C 24 A G  49 1_555 ? ? ? ? ? ? 'C-G PAIR'           ?     ? ? 
hydrog42 hydrog ? ? A G 25 N1    ? ? ? 1_555 A C  48 N3 ? ? A G 25 A C  48 1_555 ? ? ? ? ? ? WATSON-CRICK         ?     ? ? 
hydrog43 hydrog ? ? A G 25 N2    ? ? ? 1_555 A C  48 O2 ? ? A G 25 A C  48 1_555 ? ? ? ? ? ? WATSON-CRICK         ?     ? ? 
hydrog44 hydrog ? ? A G 25 O6    ? ? ? 1_555 A C  48 N4 ? ? A G 25 A C  48 1_555 ? ? ? ? ? ? WATSON-CRICK         ?     ? ? 
hydrog45 hydrog ? ? A U 26 N3    ? ? ? 1_555 A A  47 N1 ? ? A U 26 A A  47 1_555 ? ? ? ? ? ? WATSON-CRICK         ?     ? ? 
hydrog46 hydrog ? ? A U 26 O4    ? ? ? 1_555 A A  47 N6 ? ? A U 26 A A  47 1_555 ? ? ? ? ? ? WATSON-CRICK         ?     ? ? 
hydrog47 hydrog ? ? A A 27 N1    ? ? ? 1_555 A U  46 N3 ? ? A A 27 A U  46 1_555 ? ? ? ? ? ? WATSON-CRICK         ?     ? ? 
hydrog48 hydrog ? ? A A 27 N6    ? ? ? 1_555 A U  46 O4 ? ? A A 27 A U  46 1_555 ? ? ? ? ? ? WATSON-CRICK         ?     ? ? 
hydrog49 hydrog ? ? A U 28 N3    ? ? ? 1_555 A G  45 O6 ? ? A U 28 A G  45 1_555 ? ? ? ? ? ? TYPE_28_PAIR         ?     ? ? 
hydrog50 hydrog ? ? A U 28 O2    ? ? ? 1_555 A G  45 N1 ? ? A U 28 A G  45 1_555 ? ? ? ? ? ? TYPE_28_PAIR         ?     ? ? 
hydrog51 hydrog ? ? A G 29 N1    ? ? ? 1_555 A C  42 N3 ? ? A G 29 A C  42 1_555 ? ? ? ? ? ? WATSON-CRICK         ?     ? ? 
hydrog52 hydrog ? ? A G 29 N2    ? ? ? 1_555 A C  42 O2 ? ? A G 29 A C  42 1_555 ? ? ? ? ? ? WATSON-CRICK         ?     ? ? 
hydrog53 hydrog ? ? A G 29 O6    ? ? ? 1_555 A C  42 N4 ? ? A G 29 A C  42 1_555 ? ? ? ? ? ? WATSON-CRICK         ?     ? ? 
hydrog54 hydrog ? ? A C 30 N3    ? ? ? 1_555 A G  41 N1 ? ? A C 30 A G  41 1_555 ? ? ? ? ? ? WATSON-CRICK         ?     ? ? 
hydrog55 hydrog ? ? A C 30 N4    ? ? ? 1_555 A G  41 O6 ? ? A C 30 A G  41 1_555 ? ? ? ? ? ? WATSON-CRICK         ?     ? ? 
hydrog56 hydrog ? ? A C 30 O2    ? ? ? 1_555 A G  41 N2 ? ? A C 30 A G  41 1_555 ? ? ? ? ? ? WATSON-CRICK         ?     ? ? 
hydrog57 hydrog ? ? A G 31 N1    ? ? ? 1_555 A C  40 N3 ? ? A G 31 A C  40 1_555 ? ? ? ? ? ? WATSON-CRICK         ?     ? ? 
hydrog58 hydrog ? ? A G 31 N2    ? ? ? 1_555 A C  40 O2 ? ? A G 31 A C  40 1_555 ? ? ? ? ? ? WATSON-CRICK         ?     ? ? 
hydrog59 hydrog ? ? A G 31 O6    ? ? ? 1_555 A C  40 N4 ? ? A G 31 A C  40 1_555 ? ? ? ? ? ? WATSON-CRICK         ?     ? ? 
hydrog60 hydrog ? ? A A 32 N1    ? ? ? 1_555 A U  39 N3 ? ? A A 32 A U  39 1_555 ? ? ? ? ? ? WATSON-CRICK         ?     ? ? 
hydrog61 hydrog ? ? A A 32 N6    ? ? ? 1_555 A U  39 O4 ? ? A A 32 A U  39 1_555 ? ? ? ? ? ? WATSON-CRICK         ?     ? ? 
hydrog62 hydrog ? ? A U 33 N3    ? ? ? 1_555 A G  38 O6 ? ? A U 33 A G  38 1_555 ? ? ? ? ? ? TYPE_28_PAIR         ?     ? ? 
hydrog63 hydrog ? ? A U 33 O2    ? ? ? 1_555 A G  38 N1 ? ? A U 33 A G  38 1_555 ? ? ? ? ? ? TYPE_28_PAIR         ?     ? ? 
hydrog64 hydrog ? ? A G 34 N2    ? ? ? 1_555 A A  37 N7 ? ? A G 34 A A  37 1_555 ? ? ? ? ? ? 'G-A MISPAIR'        ?     ? ? 
# 
loop_
_struct_conn_type.id 
_struct_conn_type.criteria 
_struct_conn_type.reference 
metalc ? ? 
hydrog ? ? 
# 
_pdbx_struct_conn_angle.id                    1 
_pdbx_struct_conn_angle.ptnr1_label_atom_id   "O3'" 
_pdbx_struct_conn_angle.ptnr1_label_alt_id    ? 
_pdbx_struct_conn_angle.ptnr1_label_asym_id   A 
_pdbx_struct_conn_angle.ptnr1_label_comp_id   C 
_pdbx_struct_conn_angle.ptnr1_label_seq_id    53 
_pdbx_struct_conn_angle.ptnr1_auth_atom_id    ? 
_pdbx_struct_conn_angle.ptnr1_auth_asym_id    A 
_pdbx_struct_conn_angle.ptnr1_auth_comp_id    C 
_pdbx_struct_conn_angle.ptnr1_auth_seq_id     53 
_pdbx_struct_conn_angle.ptnr1_PDB_ins_code    ? 
_pdbx_struct_conn_angle.ptnr1_symmetry        1_555 
_pdbx_struct_conn_angle.ptnr2_label_atom_id   MG 
_pdbx_struct_conn_angle.ptnr2_label_alt_id    ? 
_pdbx_struct_conn_angle.ptnr2_label_asym_id   B 
_pdbx_struct_conn_angle.ptnr2_label_comp_id   MG 
_pdbx_struct_conn_angle.ptnr2_label_seq_id    . 
_pdbx_struct_conn_angle.ptnr2_auth_atom_id    ? 
_pdbx_struct_conn_angle.ptnr2_auth_asym_id    A 
_pdbx_struct_conn_angle.ptnr2_auth_comp_id    MG 
_pdbx_struct_conn_angle.ptnr2_auth_seq_id     71 
_pdbx_struct_conn_angle.ptnr2_PDB_ins_code    ? 
_pdbx_struct_conn_angle.ptnr2_symmetry        1_555 
_pdbx_struct_conn_angle.ptnr3_label_atom_id   OP1 
_pdbx_struct_conn_angle.ptnr3_label_alt_id    ? 
_pdbx_struct_conn_angle.ptnr3_label_asym_id   A 
_pdbx_struct_conn_angle.ptnr3_label_comp_id   U 
_pdbx_struct_conn_angle.ptnr3_label_seq_id    54 
_pdbx_struct_conn_angle.ptnr3_auth_atom_id    ? 
_pdbx_struct_conn_angle.ptnr3_auth_asym_id    A 
_pdbx_struct_conn_angle.ptnr3_auth_comp_id    U 
_pdbx_struct_conn_angle.ptnr3_auth_seq_id     54 
_pdbx_struct_conn_angle.ptnr3_PDB_ins_code    ? 
_pdbx_struct_conn_angle.ptnr3_symmetry        1_555 
_pdbx_struct_conn_angle.value                 60.0 
_pdbx_struct_conn_angle.value_esd             ? 
# 
loop_
_struct_site.id 
_struct_site.pdbx_evidence_code 
_struct_site.pdbx_auth_asym_id 
_struct_site.pdbx_auth_comp_id 
_struct_site.pdbx_auth_seq_id 
_struct_site.pdbx_auth_ins_code 
_struct_site.pdbx_num_residues 
_struct_site.details 
AC1 Software A MG 71 ? 2 'BINDING SITE FOR RESIDUE MG A 71' 
AC2 Software A MG 72 ? 1 'BINDING SITE FOR RESIDUE MG A 72' 
# 
loop_
_struct_site_gen.id 
_struct_site_gen.site_id 
_struct_site_gen.pdbx_num_res 
_struct_site_gen.label_comp_id 
_struct_site_gen.label_asym_id 
_struct_site_gen.label_seq_id 
_struct_site_gen.pdbx_auth_ins_code 
_struct_site_gen.auth_comp_id 
_struct_site_gen.auth_asym_id 
_struct_site_gen.auth_seq_id 
_struct_site_gen.label_atom_id 
_struct_site_gen.label_alt_id 
_struct_site_gen.symmetry 
_struct_site_gen.details 
1 AC1 2 C A 53 ? C A 53 . ? 1_555 ? 
2 AC1 2 U A 54 ? U A 54 . ? 1_555 ? 
3 AC2 1 G A 38 ? G A 38 . ? 1_555 ? 
# 
loop_
_pdbx_validate_planes.id 
_pdbx_validate_planes.PDB_model_num 
_pdbx_validate_planes.auth_comp_id 
_pdbx_validate_planes.auth_asym_id 
_pdbx_validate_planes.auth_seq_id 
_pdbx_validate_planes.PDB_ins_code 
_pdbx_validate_planes.label_alt_id 
_pdbx_validate_planes.rmsd 
_pdbx_validate_planes.type 
1 1 A A 9  ? ? 0.055 'SIDE CHAIN' 
2 1 G A 34 ? ? 0.062 'SIDE CHAIN' 
# 
loop_
_chem_comp_atom.comp_id 
_chem_comp_atom.atom_id 
_chem_comp_atom.type_symbol 
_chem_comp_atom.pdbx_aromatic_flag 
_chem_comp_atom.pdbx_stereo_config 
_chem_comp_atom.pdbx_ordinal 
A  OP3    O  N N 1   
A  P      P  N N 2   
A  OP1    O  N N 3   
A  OP2    O  N N 4   
A  "O5'"  O  N N 5   
A  "C5'"  C  N N 6   
A  "C4'"  C  N R 7   
A  "O4'"  O  N N 8   
A  "C3'"  C  N S 9   
A  "O3'"  O  N N 10  
A  "C2'"  C  N R 11  
A  "O2'"  O  N N 12  
A  "C1'"  C  N R 13  
A  N9     N  Y N 14  
A  C8     C  Y N 15  
A  N7     N  Y N 16  
A  C5     C  Y N 17  
A  C6     C  Y N 18  
A  N6     N  N N 19  
A  N1     N  Y N 20  
A  C2     C  Y N 21  
A  N3     N  Y N 22  
A  C4     C  Y N 23  
A  HOP3   H  N N 24  
A  HOP2   H  N N 25  
A  "H5'"  H  N N 26  
A  "H5''" H  N N 27  
A  "H4'"  H  N N 28  
A  "H3'"  H  N N 29  
A  "HO3'" H  N N 30  
A  "H2'"  H  N N 31  
A  "HO2'" H  N N 32  
A  "H1'"  H  N N 33  
A  H8     H  N N 34  
A  H61    H  N N 35  
A  H62    H  N N 36  
A  H2     H  N N 37  
C  OP3    O  N N 38  
C  P      P  N N 39  
C  OP1    O  N N 40  
C  OP2    O  N N 41  
C  "O5'"  O  N N 42  
C  "C5'"  C  N N 43  
C  "C4'"  C  N R 44  
C  "O4'"  O  N N 45  
C  "C3'"  C  N S 46  
C  "O3'"  O  N N 47  
C  "C2'"  C  N R 48  
C  "O2'"  O  N N 49  
C  "C1'"  C  N R 50  
C  N1     N  N N 51  
C  C2     C  N N 52  
C  O2     O  N N 53  
C  N3     N  N N 54  
C  C4     C  N N 55  
C  N4     N  N N 56  
C  C5     C  N N 57  
C  C6     C  N N 58  
C  HOP3   H  N N 59  
C  HOP2   H  N N 60  
C  "H5'"  H  N N 61  
C  "H5''" H  N N 62  
C  "H4'"  H  N N 63  
C  "H3'"  H  N N 64  
C  "HO3'" H  N N 65  
C  "H2'"  H  N N 66  
C  "HO2'" H  N N 67  
C  "H1'"  H  N N 68  
C  H41    H  N N 69  
C  H42    H  N N 70  
C  H5     H  N N 71  
C  H6     H  N N 72  
G  OP3    O  N N 73  
G  P      P  N N 74  
G  OP1    O  N N 75  
G  OP2    O  N N 76  
G  "O5'"  O  N N 77  
G  "C5'"  C  N N 78  
G  "C4'"  C  N R 79  
G  "O4'"  O  N N 80  
G  "C3'"  C  N S 81  
G  "O3'"  O  N N 82  
G  "C2'"  C  N R 83  
G  "O2'"  O  N N 84  
G  "C1'"  C  N R 85  
G  N9     N  Y N 86  
G  C8     C  Y N 87  
G  N7     N  Y N 88  
G  C5     C  Y N 89  
G  C6     C  N N 90  
G  O6     O  N N 91  
G  N1     N  N N 92  
G  C2     C  N N 93  
G  N2     N  N N 94  
G  N3     N  N N 95  
G  C4     C  Y N 96  
G  HOP3   H  N N 97  
G  HOP2   H  N N 98  
G  "H5'"  H  N N 99  
G  "H5''" H  N N 100 
G  "H4'"  H  N N 101 
G  "H3'"  H  N N 102 
G  "HO3'" H  N N 103 
G  "H2'"  H  N N 104 
G  "HO2'" H  N N 105 
G  "H1'"  H  N N 106 
G  H8     H  N N 107 
G  H1     H  N N 108 
G  H21    H  N N 109 
G  H22    H  N N 110 
MG MG     MG N N 111 
U  OP3    O  N N 112 
U  P      P  N N 113 
U  OP1    O  N N 114 
U  OP2    O  N N 115 
U  "O5'"  O  N N 116 
U  "C5'"  C  N N 117 
U  "C4'"  C  N R 118 
U  "O4'"  O  N N 119 
U  "C3'"  C  N S 120 
U  "O3'"  O  N N 121 
U  "C2'"  C  N R 122 
U  "O2'"  O  N N 123 
U  "C1'"  C  N R 124 
U  N1     N  N N 125 
U  C2     C  N N 126 
U  O2     O  N N 127 
U  N3     N  N N 128 
U  C4     C  N N 129 
U  O4     O  N N 130 
U  C5     C  N N 131 
U  C6     C  N N 132 
U  HOP3   H  N N 133 
U  HOP2   H  N N 134 
U  "H5'"  H  N N 135 
U  "H5''" H  N N 136 
U  "H4'"  H  N N 137 
U  "H3'"  H  N N 138 
U  "HO3'" H  N N 139 
U  "H2'"  H  N N 140 
U  "HO2'" H  N N 141 
U  "H1'"  H  N N 142 
U  H3     H  N N 143 
U  H5     H  N N 144 
U  H6     H  N N 145 
# 
loop_
_chem_comp_bond.comp_id 
_chem_comp_bond.atom_id_1 
_chem_comp_bond.atom_id_2 
_chem_comp_bond.value_order 
_chem_comp_bond.pdbx_aromatic_flag 
_chem_comp_bond.pdbx_stereo_config 
_chem_comp_bond.pdbx_ordinal 
A OP3   P      sing N N 1   
A OP3   HOP3   sing N N 2   
A P     OP1    doub N N 3   
A P     OP2    sing N N 4   
A P     "O5'"  sing N N 5   
A OP2   HOP2   sing N N 6   
A "O5'" "C5'"  sing N N 7   
A "C5'" "C4'"  sing N N 8   
A "C5'" "H5'"  sing N N 9   
A "C5'" "H5''" sing N N 10  
A "C4'" "O4'"  sing N N 11  
A "C4'" "C3'"  sing N N 12  
A "C4'" "H4'"  sing N N 13  
A "O4'" "C1'"  sing N N 14  
A "C3'" "O3'"  sing N N 15  
A "C3'" "C2'"  sing N N 16  
A "C3'" "H3'"  sing N N 17  
A "O3'" "HO3'" sing N N 18  
A "C2'" "O2'"  sing N N 19  
A "C2'" "C1'"  sing N N 20  
A "C2'" "H2'"  sing N N 21  
A "O2'" "HO2'" sing N N 22  
A "C1'" N9     sing N N 23  
A "C1'" "H1'"  sing N N 24  
A N9    C8     sing Y N 25  
A N9    C4     sing Y N 26  
A C8    N7     doub Y N 27  
A C8    H8     sing N N 28  
A N7    C5     sing Y N 29  
A C5    C6     sing Y N 30  
A C5    C4     doub Y N 31  
A C6    N6     sing N N 32  
A C6    N1     doub Y N 33  
A N6    H61    sing N N 34  
A N6    H62    sing N N 35  
A N1    C2     sing Y N 36  
A C2    N3     doub Y N 37  
A C2    H2     sing N N 38  
A N3    C4     sing Y N 39  
C OP3   P      sing N N 40  
C OP3   HOP3   sing N N 41  
C P     OP1    doub N N 42  
C P     OP2    sing N N 43  
C P     "O5'"  sing N N 44  
C OP2   HOP2   sing N N 45  
C "O5'" "C5'"  sing N N 46  
C "C5'" "C4'"  sing N N 47  
C "C5'" "H5'"  sing N N 48  
C "C5'" "H5''" sing N N 49  
C "C4'" "O4'"  sing N N 50  
C "C4'" "C3'"  sing N N 51  
C "C4'" "H4'"  sing N N 52  
C "O4'" "C1'"  sing N N 53  
C "C3'" "O3'"  sing N N 54  
C "C3'" "C2'"  sing N N 55  
C "C3'" "H3'"  sing N N 56  
C "O3'" "HO3'" sing N N 57  
C "C2'" "O2'"  sing N N 58  
C "C2'" "C1'"  sing N N 59  
C "C2'" "H2'"  sing N N 60  
C "O2'" "HO2'" sing N N 61  
C "C1'" N1     sing N N 62  
C "C1'" "H1'"  sing N N 63  
C N1    C2     sing N N 64  
C N1    C6     sing N N 65  
C C2    O2     doub N N 66  
C C2    N3     sing N N 67  
C N3    C4     doub N N 68  
C C4    N4     sing N N 69  
C C4    C5     sing N N 70  
C N4    H41    sing N N 71  
C N4    H42    sing N N 72  
C C5    C6     doub N N 73  
C C5    H5     sing N N 74  
C C6    H6     sing N N 75  
G OP3   P      sing N N 76  
G OP3   HOP3   sing N N 77  
G P     OP1    doub N N 78  
G P     OP2    sing N N 79  
G P     "O5'"  sing N N 80  
G OP2   HOP2   sing N N 81  
G "O5'" "C5'"  sing N N 82  
G "C5'" "C4'"  sing N N 83  
G "C5'" "H5'"  sing N N 84  
G "C5'" "H5''" sing N N 85  
G "C4'" "O4'"  sing N N 86  
G "C4'" "C3'"  sing N N 87  
G "C4'" "H4'"  sing N N 88  
G "O4'" "C1'"  sing N N 89  
G "C3'" "O3'"  sing N N 90  
G "C3'" "C2'"  sing N N 91  
G "C3'" "H3'"  sing N N 92  
G "O3'" "HO3'" sing N N 93  
G "C2'" "O2'"  sing N N 94  
G "C2'" "C1'"  sing N N 95  
G "C2'" "H2'"  sing N N 96  
G "O2'" "HO2'" sing N N 97  
G "C1'" N9     sing N N 98  
G "C1'" "H1'"  sing N N 99  
G N9    C8     sing Y N 100 
G N9    C4     sing Y N 101 
G C8    N7     doub Y N 102 
G C8    H8     sing N N 103 
G N7    C5     sing Y N 104 
G C5    C6     sing N N 105 
G C5    C4     doub Y N 106 
G C6    O6     doub N N 107 
G C6    N1     sing N N 108 
G N1    C2     sing N N 109 
G N1    H1     sing N N 110 
G C2    N2     sing N N 111 
G C2    N3     doub N N 112 
G N2    H21    sing N N 113 
G N2    H22    sing N N 114 
G N3    C4     sing N N 115 
U OP3   P      sing N N 116 
U OP3   HOP3   sing N N 117 
U P     OP1    doub N N 118 
U P     OP2    sing N N 119 
U P     "O5'"  sing N N 120 
U OP2   HOP2   sing N N 121 
U "O5'" "C5'"  sing N N 122 
U "C5'" "C4'"  sing N N 123 
U "C5'" "H5'"  sing N N 124 
U "C5'" "H5''" sing N N 125 
U "C4'" "O4'"  sing N N 126 
U "C4'" "C3'"  sing N N 127 
U "C4'" "H4'"  sing N N 128 
U "O4'" "C1'"  sing N N 129 
U "C3'" "O3'"  sing N N 130 
U "C3'" "C2'"  sing N N 131 
U "C3'" "H3'"  sing N N 132 
U "O3'" "HO3'" sing N N 133 
U "C2'" "O2'"  sing N N 134 
U "C2'" "C1'"  sing N N 135 
U "C2'" "H2'"  sing N N 136 
U "O2'" "HO2'" sing N N 137 
U "C1'" N1     sing N N 138 
U "C1'" "H1'"  sing N N 139 
U N1    C2     sing N N 140 
U N1    C6     sing N N 141 
U C2    O2     doub N N 142 
U C2    N3     sing N N 143 
U N3    C4     sing N N 144 
U N3    H3     sing N N 145 
U C4    O4     doub N N 146 
U C4    C5     sing N N 147 
U C5    C6     doub N N 148 
U C5    H5     sing N N 149 
U C6    H6     sing N N 150 
# 
loop_
_ndb_struct_conf_na.entry_id 
_ndb_struct_conf_na.feature 
1KXK 'double helix'         
1KXK 'a-form double helix'  
1KXK tetraloop              
1KXK 'bulge loop'           
1KXK 'mismatched base pair' 
# 
loop_
_ndb_struct_na_base_pair.model_number 
_ndb_struct_na_base_pair.i_label_asym_id 
_ndb_struct_na_base_pair.i_label_comp_id 
_ndb_struct_na_base_pair.i_label_seq_id 
_ndb_struct_na_base_pair.i_symmetry 
_ndb_struct_na_base_pair.j_label_asym_id 
_ndb_struct_na_base_pair.j_label_comp_id 
_ndb_struct_na_base_pair.j_label_seq_id 
_ndb_struct_na_base_pair.j_symmetry 
_ndb_struct_na_base_pair.shear 
_ndb_struct_na_base_pair.stretch 
_ndb_struct_na_base_pair.stagger 
_ndb_struct_na_base_pair.buckle 
_ndb_struct_na_base_pair.propeller 
_ndb_struct_na_base_pair.opening 
_ndb_struct_na_base_pair.pair_number 
_ndb_struct_na_base_pair.pair_name 
_ndb_struct_na_base_pair.i_auth_asym_id 
_ndb_struct_na_base_pair.i_auth_seq_id 
_ndb_struct_na_base_pair.i_PDB_ins_code 
_ndb_struct_na_base_pair.j_auth_asym_id 
_ndb_struct_na_base_pair.j_auth_seq_id 
_ndb_struct_na_base_pair.j_PDB_ins_code 
_ndb_struct_na_base_pair.hbond_type_28 
_ndb_struct_na_base_pair.hbond_type_12 
1 A U 4  1_555 A A 66 1_555 4.230  -2.149 -0.280 5.879   -1.911  -101.729 1  A_U4:A66_A  A 4  ? A 66 ? 24 4 
1 A A 5  1_555 A G 65 1_555 -6.932 -3.824 -0.179 0.619   -1.878  1.330    2  A_A5:G65_A  A 5  ? A 65 ? 11 9 
1 A C 6  1_555 A G 64 1_555 0.146  -0.215 -0.205 8.932   -4.482  1.362    3  A_C6:G64_A  A 6  ? A 64 ? 19 1 
1 A C 7  1_555 A G 63 1_555 0.119  -0.343 -0.198 8.109   -6.891  0.077    4  A_C7:G63_A  A 7  ? A 63 ? 19 1 
1 A U 8  1_555 A G 62 1_555 2.542  -0.831 -0.091 1.966   -5.539  2.933    5  A_U8:G62_A  A 8  ? A 62 ? 28 1 
1 A C 11 1_555 A G 61 1_555 1.002  -0.226 -0.838 14.355  -11.721 5.205    6  A_C11:G61_A A 11 ? A 61 ? 19 1 
1 A G 12 1_555 A C 60 1_555 0.780  -0.198 0.372  -4.930  -8.061  1.047    7  A_G12:C60_A A 12 ? A 60 ? 19 1 
1 A G 13 1_555 A C 59 1_555 -0.696 -0.566 0.551  4.228   -9.554  -9.729   8  A_G13:C59_A A 13 ? A 59 ? 19 1 
1 A G 14 1_555 A C 58 1_555 -0.105 -0.273 0.017  -5.940  -12.988 -1.762   9  A_G14:C58_A A 14 ? A 58 ? 19 1 
1 A C 15 1_555 A G 57 1_555 0.254  -0.322 0.163  -4.503  -4.722  0.103    10 A_C15:G57_A A 15 ? A 57 ? 19 1 
1 A U 16 1_555 A A 55 1_555 4.259  -2.248 0.574  -10.343 1.395   -81.193  11 A_U16:A55_A A 16 ? A 55 ? 24 4 
1 A A 18 1_555 A A 17 1_555 -7.651 0.505  0.076  4.103   -14.209 -15.928  12 A_A18:A17_A A 18 ? A 17 ? ?  9 
1 A G 19 1_555 A U 54 1_555 -2.787 -0.745 0.792  6.393   -16.925 9.368    13 A_G19:U54_A A 19 ? A 54 ? 28 1 
1 A G 20 1_555 A C 53 1_555 -0.712 -0.657 -0.088 0.368   -21.431 -14.116  14 A_G20:C53_A A 20 ? A 53 ? 19 1 
1 A A 21 1_555 A U 52 1_555 1.306  -0.398 0.435  4.808   -17.126 -2.027   15 A_A21:U52_A A 21 ? A 52 ? 20 1 
1 A G 22 1_555 A U 51 1_555 -1.671 -0.058 0.664  4.458   -12.474 -6.650   16 A_G22:U51_A A 22 ? A 51 ? 28 ? 
1 A C 23 1_555 A G 50 1_555 1.581  0.186  0.292  11.385  -17.521 11.967   17 A_C23:G50_A A 23 ? A 50 ? ?  1 
1 A C 24 1_555 A G 49 1_555 1.727  -0.509 0.694  6.002   -25.479 -1.472   18 A_C24:G49_A A 24 ? A 49 ? ?  1 
1 A G 25 1_555 A C 48 1_555 -0.515 -0.500 0.648  -0.698  -7.887  -11.780  19 A_G25:C48_A A 25 ? A 48 ? 19 1 
1 A U 26 1_555 A A 47 1_555 -0.300 0.129  0.379  -4.315  1.912   4.587    20 A_U26:A47_A A 26 ? A 47 ? 20 1 
1 A A 27 1_555 A U 46 1_555 0.720  -0.027 0.960  9.671   -5.264  2.876    21 A_A27:U46_A A 27 ? A 46 ? 20 1 
1 A U 28 1_555 A G 45 1_555 2.227  -0.742 0.683  2.128   -12.869 1.370    22 A_U28:G45_A A 28 ? A 45 ? 28 1 
1 A G 29 1_555 A C 42 1_555 0.383  -0.217 0.073  -3.547  0.807   -3.002   23 A_G29:C42_A A 29 ? A 42 ? 19 1 
1 A C 30 1_555 A G 41 1_555 0.457  -0.200 -0.095 0.793   -8.564  2.551    24 A_C30:G41_A A 30 ? A 41 ? 19 1 
1 A G 31 1_555 A C 40 1_555 -0.010 0.150  -0.550 -13.409 -11.282 10.934   25 A_G31:C40_A A 31 ? A 40 ? 19 1 
1 A A 32 1_555 A U 39 1_555 0.459  -0.059 -0.262 -2.860  -9.424  4.093    26 A_A32:U39_A A 32 ? A 39 ? 20 1 
1 A U 33 1_555 A G 38 1_555 2.284  -0.733 0.022  -3.416  1.693   2.011    27 A_U33:G38_A A 33 ? A 38 ? 28 1 
1 A G 34 1_555 A A 37 1_555 6.820  -5.031 0.023  17.304  3.464   -17.838  28 A_G34:A37_A A 34 ? A 37 ? ?  ? 
# 
loop_
_ndb_struct_na_base_pair_step.model_number 
_ndb_struct_na_base_pair_step.i_label_asym_id_1 
_ndb_struct_na_base_pair_step.i_label_comp_id_1 
_ndb_struct_na_base_pair_step.i_label_seq_id_1 
_ndb_struct_na_base_pair_step.i_symmetry_1 
_ndb_struct_na_base_pair_step.j_label_asym_id_1 
_ndb_struct_na_base_pair_step.j_label_comp_id_1 
_ndb_struct_na_base_pair_step.j_label_seq_id_1 
_ndb_struct_na_base_pair_step.j_symmetry_1 
_ndb_struct_na_base_pair_step.i_label_asym_id_2 
_ndb_struct_na_base_pair_step.i_label_comp_id_2 
_ndb_struct_na_base_pair_step.i_label_seq_id_2 
_ndb_struct_na_base_pair_step.i_symmetry_2 
_ndb_struct_na_base_pair_step.j_label_asym_id_2 
_ndb_struct_na_base_pair_step.j_label_comp_id_2 
_ndb_struct_na_base_pair_step.j_label_seq_id_2 
_ndb_struct_na_base_pair_step.j_symmetry_2 
_ndb_struct_na_base_pair_step.shift 
_ndb_struct_na_base_pair_step.slide 
_ndb_struct_na_base_pair_step.rise 
_ndb_struct_na_base_pair_step.tilt 
_ndb_struct_na_base_pair_step.roll 
_ndb_struct_na_base_pair_step.twist 
_ndb_struct_na_base_pair_step.x_displacement 
_ndb_struct_na_base_pair_step.y_displacement 
_ndb_struct_na_base_pair_step.helical_rise 
_ndb_struct_na_base_pair_step.inclination 
_ndb_struct_na_base_pair_step.tip 
_ndb_struct_na_base_pair_step.helical_twist 
_ndb_struct_na_base_pair_step.step_number 
_ndb_struct_na_base_pair_step.step_name 
_ndb_struct_na_base_pair_step.i_auth_asym_id_1 
_ndb_struct_na_base_pair_step.i_auth_seq_id_1 
_ndb_struct_na_base_pair_step.i_PDB_ins_code_1 
_ndb_struct_na_base_pair_step.j_auth_asym_id_1 
_ndb_struct_na_base_pair_step.j_auth_seq_id_1 
_ndb_struct_na_base_pair_step.j_PDB_ins_code_1 
_ndb_struct_na_base_pair_step.i_auth_asym_id_2 
_ndb_struct_na_base_pair_step.i_auth_seq_id_2 
_ndb_struct_na_base_pair_step.i_PDB_ins_code_2 
_ndb_struct_na_base_pair_step.j_auth_asym_id_2 
_ndb_struct_na_base_pair_step.j_auth_seq_id_2 
_ndb_struct_na_base_pair_step.j_PDB_ins_code_2 
1 A U 4  1_555 A A 66 1_555 A A 5  1_555 A G 65 1_555 4.948  0.006  3.425 -2.445 3.200  -10.865 -5.433  20.381 4.252 -16.190 
-12.369 -11.585 1  AA_U4A5:G65A66_AA   A 4  ? A 66 ? A 5  ? A 65 ? 
1 A A 5  1_555 A G 65 1_555 A C 6  1_555 A G 64 1_555 0.443  -0.446 3.195 0.807  2.398  61.138  -0.549  -0.397 3.182 2.356   
-0.793  61.186  2  AA_A5C6:G64G65_AA   A 5  ? A 65 ? A 6  ? A 64 ? 
1 A C 6  1_555 A G 64 1_555 A C 7  1_555 A G 63 1_555 0.116  -2.445 3.396 0.528  3.760  27.408  -6.015  -0.117 3.042 7.888   
-1.107  27.665  3  AA_C6C7:G63G64_AA   A 6  ? A 64 ? A 7  ? A 63 ? 
1 A C 7  1_555 A G 63 1_555 A U 8  1_555 A G 62 1_555 0.147  -1.176 3.490 1.287  4.286  40.910  -2.161  -0.062 3.358 6.111   
-1.835  41.143  4  AA_C7U8:G62G63_AA   A 7  ? A 63 ? A 8  ? A 62 ? 
1 A U 8  1_555 A G 62 1_555 A C 11 1_555 A G 61 1_555 -2.106 -1.071 3.063 12.884 8.530  44.367  -1.931  3.530  2.174 10.911  
-16.480 46.853  5  AA_U8C11:G61G62_AA  A 8  ? A 62 ? A 11 ? A 61 ? 
1 A C 11 1_555 A G 61 1_555 A G 12 1_555 A C 60 1_555 -0.937 -1.482 3.654 -9.154 11.945 32.280  -4.318  0.087  3.079 20.173  
15.459  35.530  6  AA_C11G12:C60G61_AA A 11 ? A 61 ? A 12 ? A 60 ? 
1 A G 12 1_555 A C 60 1_555 A G 13 1_555 A C 59 1_555 0.519  -2.421 2.722 1.736  2.263  19.541  -7.923  -0.852 2.464 6.622   
-5.080  19.746  7  AA_G12G13:C59C60_AA A 12 ? A 60 ? A 13 ? A 59 ? 
1 A G 13 1_555 A C 59 1_555 A G 14 1_555 A C 58 1_555 1.095  -2.262 3.309 6.870  11.069 36.657  -4.680  -0.855 2.695 16.956  
-10.523 38.828  8  AA_G13G14:C58C59_AA A 13 ? A 59 ? A 14 ? A 58 ? 
1 A G 14 1_555 A C 58 1_555 A C 15 1_555 A G 57 1_555 -1.137 -2.670 2.944 -4.160 5.618  31.015  -5.754  1.427  2.561 10.342  7.659 
31.774  9  AA_G14C15:G57C58_AA A 14 ? A 58 ? A 15 ? A 57 ? 
1 A C 15 1_555 A G 57 1_555 A U 16 1_555 A A 55 1_555 -2.762 -2.150 3.488 -2.046 5.114  71.469  -2.020  2.287  3.416 4.371   1.749 
71.653  10 AA_C15U16:A55G57_AA A 15 ? A 57 ? A 16 ? A 55 ? 
1 A U 16 1_555 A A 55 1_555 A A 18 1_555 A A 17 1_555 -0.882 -1.213 2.657 20.261 -7.873 -10.687 5.135   3.663  1.523 23.225  
59.770  -24.193 11 AA_U16A18:A17A55_AA A 16 ? A 55 ? A 18 ? A 17 ? 
1 A A 18 1_555 A A 17 1_555 A G 19 1_555 A U 54 1_555 0.922  1.968  3.514 -2.474 0.233  52.830  2.193   -1.206 3.478 0.262   2.779 
52.885  12 AA_A18G19:U54A17_AA A 18 ? A 17 ? A 19 ? A 54 ? 
1 A G 19 1_555 A U 54 1_555 A G 20 1_555 A C 53 1_555 -0.146 -1.965 3.389 1.775  11.873 43.688  -3.574  0.342  2.783 15.607  
-2.333  45.229  13 AA_G19G20:C53U54_AA A 19 ? A 54 ? A 20 ? A 53 ? 
1 A G 20 1_555 A C 53 1_555 A A 21 1_555 A U 52 1_555 0.620  -1.934 3.103 2.409  2.978  43.604  -2.860  -0.618 3.000 3.999   
-3.235  43.764  14 AA_G20A21:U52C53_AA A 20 ? A 53 ? A 21 ? A 52 ? 
1 A A 21 1_555 A U 52 1_555 A G 22 1_555 A U 51 1_555 0.347  -2.332 2.918 1.639  8.791  13.233  -12.820 -0.424 1.179 33.586  
-6.261  15.960  15 AA_A21G22:U51U52_AA A 21 ? A 52 ? A 22 ? A 51 ? 
1 A G 22 1_555 A U 51 1_555 A C 23 1_555 A G 50 1_555 1.016  -0.980 3.154 4.322  1.573  40.521  -1.576  -0.994 3.202 2.263   
-6.216  40.771  16 AA_G22C23:G50U51_AA A 22 ? A 51 ? A 23 ? A 50 ? 
1 A C 23 1_555 A G 50 1_555 A C 24 1_555 A G 49 1_555 -0.426 -1.768 3.269 1.323  7.434  38.192  -3.510  0.792  2.872 11.227  
-1.998  38.904  17 AA_C23C24:G49G50_AA A 23 ? A 50 ? A 24 ? A 49 ? 
1 A C 24 1_555 A G 49 1_555 A G 25 1_555 A C 48 1_555 -0.495 -2.309 3.258 -4.305 2.528  13.968  -11.003 -1.587 2.821 9.989   
17.010  14.830  18 AA_C24G25:C48G49_AA A 24 ? A 49 ? A 25 ? A 48 ? 
1 A G 25 1_555 A C 48 1_555 A U 26 1_555 A A 47 1_555 0.123  -2.084 3.290 2.419  8.336  31.621  -5.028  0.169  2.670 14.948  
-4.337  32.761  19 AA_G25U26:A47C48_AA A 25 ? A 48 ? A 26 ? A 47 ? 
1 A U 26 1_555 A A 47 1_555 A A 27 1_555 A U 46 1_555 0.032  -1.819 2.439 -4.565 11.693 36.632  -3.703  -0.422 1.781 17.968  7.014 
38.653  20 AA_U26A27:U46A47_AA A 26 ? A 47 ? A 27 ? A 46 ? 
1 A A 27 1_555 A U 46 1_555 A U 28 1_555 A G 45 1_555 0.182  -1.965 3.299 0.283  -1.161 40.380  -2.713  -0.231 3.353 -1.681  
-0.410  40.397  21 AA_A27U28:G45U46_AA A 27 ? A 46 ? A 28 ? A 45 ? 
1 A U 28 1_555 A G 45 1_555 A G 29 1_555 A C 42 1_555 -3.041 -2.995 2.802 -0.611 8.339  13.626  -14.560 10.663 0.951 31.556  2.311 
15.977  22 AA_U28G29:C42G45_AA A 28 ? A 45 ? A 29 ? A 42 ? 
1 A G 29 1_555 A C 42 1_555 A C 30 1_555 A G 41 1_555 0.086  -1.671 3.231 -4.695 8.945  29.171  -4.735  -0.998 2.574 17.124  8.988 
30.835  23 AA_G29C30:G41C42_AA A 29 ? A 42 ? A 30 ? A 41 ? 
1 A C 30 1_555 A G 41 1_555 A G 31 1_555 A C 40 1_555 -0.261 -1.787 3.686 2.815  9.718  28.087  -5.569  1.115  2.882 19.251  
-5.577  29.820  24 AA_C30G31:C40G41_AA A 30 ? A 41 ? A 31 ? A 40 ? 
1 A G 31 1_555 A C 40 1_555 A A 32 1_555 A U 39 1_555 -0.264 -1.489 3.182 -1.979 3.507  33.122  -3.149  0.147  3.023 6.123   3.456 
33.359  25 AA_G31A32:U39C40_AA A 31 ? A 40 ? A 32 ? A 39 ? 
1 A A 32 1_555 A U 39 1_555 A U 33 1_555 A G 38 1_555 0.294  -1.280 3.346 -1.000 5.990  36.406  -2.826  -0.599 3.095 9.505   1.587 
36.892  26 AA_A32U33:G38U39_AA A 32 ? A 39 ? A 33 ? A 38 ? 
1 A U 33 1_555 A G 38 1_555 A G 34 1_555 A A 37 1_555 -2.037 -1.457 2.822 4.670  6.476  39.315  -2.712  3.395  2.316 9.506   
-6.856  40.086  27 AA_U33G34:A37G38_AA A 33 ? A 38 ? A 34 ? A 37 ? 
# 
_atom_sites.entry_id                    1KXK 
_atom_sites.fract_transf_matrix[1][1]   -0.01250918 
_atom_sites.fract_transf_matrix[1][2]   -0.00109654 
_atom_sites.fract_transf_matrix[1][3]   0.00183821 
_atom_sites.fract_transf_matrix[2][1]   -0.00516971 
_atom_sites.fract_transf_matrix[2][2]   0.00386059 
_atom_sites.fract_transf_matrix[2][3]   0.01092847 
_atom_sites.fract_transf_matrix[3][1]   -0.00057984 
_atom_sites.fract_transf_matrix[3][2]   0.00386570 
_atom_sites.fract_transf_matrix[3][3]   -0.00163989 
_atom_sites.fract_transf_vector[1]      0.036851 
_atom_sites.fract_transf_vector[2]      0.606484 
_atom_sites.fract_transf_vector[3]      0.600843 
# 
loop_
_atom_type.symbol 
C  
MG 
N  
O  
P  
# 
loop_
_atom_site.group_PDB 
_atom_site.id 
_atom_site.type_symbol 
_atom_site.label_atom_id 
_atom_site.label_alt_id 
_atom_site.label_comp_id 
_atom_site.label_asym_id 
_atom_site.label_entity_id 
_atom_site.label_seq_id 
_atom_site.pdbx_PDB_ins_code 
_atom_site.Cartn_x 
_atom_site.Cartn_y 
_atom_site.Cartn_z 
_atom_site.occupancy 
_atom_site.B_iso_or_equiv 
_atom_site.pdbx_formal_charge 
_atom_site.auth_seq_id 
_atom_site.auth_comp_id 
_atom_site.auth_asym_id 
_atom_site.auth_atom_id 
_atom_site.pdbx_PDB_model_num 
ATOM   1    O  "O5'" . G  A 1 1  ? -23.559 31.184  -24.141 1.00 92.07  ? 1  G  A "O5'" 1 
ATOM   2    C  "C5'" . G  A 1 1  ? -22.718 32.201  -23.601 1.00 91.54  ? 1  G  A "C5'" 1 
ATOM   3    C  "C4'" . G  A 1 1  ? -23.581 33.116  -22.783 1.00 91.00  ? 1  G  A "C4'" 1 
ATOM   4    O  "O4'" . G  A 1 1  ? -24.962 32.894  -23.186 1.00 90.78  ? 1  G  A "O4'" 1 
ATOM   5    C  "C3'" . G  A 1 1  ? -23.650 32.810  -21.300 1.00 91.81  ? 1  G  A "C3'" 1 
ATOM   6    O  "O3'" . G  A 1 1  ? -22.529 33.288  -20.577 1.00 91.92  ? 1  G  A "O3'" 1 
ATOM   7    C  "C2'" . G  A 1 1  ? -24.928 33.533  -20.905 1.00 91.10  ? 1  G  A "C2'" 1 
ATOM   8    O  "O2'" . G  A 1 1  ? -24.733 34.933  -20.828 1.00 90.87  ? 1  G  A "O2'" 1 
ATOM   9    C  "C1'" . G  A 1 1  ? -25.832 33.191  -22.093 1.00 90.40  ? 1  G  A "C1'" 1 
ATOM   10   N  N9    . G  A 1 1  ? -26.721 32.051  -21.840 1.00 87.97  ? 1  G  A N9    1 
ATOM   11   C  C8    . G  A 1 1  ? -27.702 31.974  -20.871 1.00 87.00  ? 1  G  A C8    1 
ATOM   12   N  N7    . G  A 1 1  ? -28.355 30.842  -20.886 1.00 84.36  ? 1  G  A N7    1 
ATOM   13   C  C5    . G  A 1 1  ? -27.773 30.127  -21.917 1.00 84.89  ? 1  G  A C5    1 
ATOM   14   C  C6    . G  A 1 1  ? -28.058 28.835  -22.395 1.00 85.77  ? 1  G  A C6    1 
ATOM   15   O  O6    . G  A 1 1  ? -28.911 28.044  -21.994 1.00 85.30  ? 1  G  A O6    1 
ATOM   16   N  N1    . G  A 1 1  ? -27.227 28.486  -23.455 1.00 87.13  ? 1  G  A N1    1 
ATOM   17   C  C2    . G  A 1 1  ? -26.248 29.291  -23.991 1.00 87.24  ? 1  G  A C2    1 
ATOM   18   N  N2    . G  A 1 1  ? -25.559 28.776  -25.024 1.00 88.99  ? 1  G  A N2    1 
ATOM   19   N  N3    . G  A 1 1  ? -25.970 30.508  -23.551 1.00 84.87  ? 1  G  A N3    1 
ATOM   20   C  C4    . G  A 1 1  ? -26.764 30.858  -22.520 1.00 85.53  ? 1  G  A C4    1 
ATOM   21   P  P     . U  A 1 2  ? -21.854 32.343  -19.463 1.00 93.58  ? 2  U  A P     1 
ATOM   22   O  OP1   . U  A 1 2  ? -20.898 33.203  -18.722 1.00 93.35  ? 2  U  A OP1   1 
ATOM   23   O  OP2   . U  A 1 2  ? -21.375 31.098  -20.134 1.00 92.34  ? 2  U  A OP2   1 
ATOM   24   O  "O5'" . U  A 1 2  ? -23.038 31.951  -18.471 1.00 89.77  ? 2  U  A "O5'" 1 
ATOM   25   C  "C5'" . U  A 1 2  ? -23.727 32.949  -17.739 1.00 86.89  ? 2  U  A "C5'" 1 
ATOM   26   C  "C4'" . U  A 1 2  ? -25.011 32.391  -17.196 1.00 86.24  ? 2  U  A "C4'" 1 
ATOM   27   O  "O4'" . U  A 1 2  ? -25.764 31.799  -18.281 1.00 86.16  ? 2  U  A "O4'" 1 
ATOM   28   C  "C3'" . U  A 1 2  ? -24.853 31.215  -16.265 1.00 86.93  ? 2  U  A "C3'" 1 
ATOM   29   O  "O3'" . U  A 1 2  ? -24.504 31.645  -14.973 1.00 88.51  ? 2  U  A "O3'" 1 
ATOM   30   C  "C2'" . U  A 1 2  ? -26.234 30.583  -16.304 1.00 85.64  ? 2  U  A "C2'" 1 
ATOM   31   O  "O2'" . U  A 1 2  ? -27.190 31.250  -15.507 1.00 85.34  ? 2  U  A "O2'" 1 
ATOM   32   C  "C1'" . U  A 1 2  ? -26.588 30.761  -17.773 1.00 84.74  ? 2  U  A "C1'" 1 
ATOM   33   N  N1    . U  A 1 2  ? -26.354 29.549  -18.562 1.00 83.54  ? 2  U  A N1    1 
ATOM   34   C  C2    . U  A 1 2  ? -27.145 28.450  -18.289 1.00 84.26  ? 2  U  A C2    1 
ATOM   35   O  O2    . U  A 1 2  ? -27.980 28.440  -17.400 1.00 84.28  ? 2  U  A O2    1 
ATOM   36   N  N3    . U  A 1 2  ? -26.920 27.360  -19.089 1.00 85.01  ? 2  U  A N3    1 
ATOM   37   C  C4    . U  A 1 2  ? -25.996 27.262  -20.111 1.00 86.19  ? 2  U  A C4    1 
ATOM   38   O  O4    . U  A 1 2  ? -25.969 26.245  -20.813 1.00 87.62  ? 2  U  A O4    1 
ATOM   39   C  C5    . U  A 1 2  ? -25.195 28.437  -20.305 1.00 85.44  ? 2  U  A C5    1 
ATOM   40   C  C6    . U  A 1 2  ? -25.400 29.512  -19.539 1.00 83.74  ? 2  U  A C6    1 
ATOM   41   P  P     . C  A 1 3  ? -23.278 30.943  -14.234 1.00 88.91  ? 3  C  A P     1 
ATOM   42   O  OP1   . C  A 1 3  ? -22.839 31.929  -13.214 1.00 88.34  ? 3  C  A OP1   1 
ATOM   43   O  OP2   . C  A 1 3  ? -22.329 30.505  -15.294 1.00 89.06  ? 3  C  A OP2   1 
ATOM   44   O  "O5'" . C  A 1 3  ? -23.932 29.649  -13.561 1.00 87.26  ? 3  C  A "O5'" 1 
ATOM   45   C  "C5'" . C  A 1 3  ? -24.872 29.780  -12.496 1.00 86.94  ? 3  C  A "C5'" 1 
ATOM   46   C  "C4'" . C  A 1 3  ? -25.810 28.594  -12.457 1.00 87.01  ? 3  C  A "C4'" 1 
ATOM   47   O  "O4'" . C  A 1 3  ? -26.421 28.439  -13.761 1.00 86.56  ? 3  C  A "O4'" 1 
ATOM   48   C  "C3'" . C  A 1 3  ? -25.199 27.230  -12.198 1.00 87.36  ? 3  C  A "C3'" 1 
ATOM   49   O  "O3'" . C  A 1 3  ? -25.052 26.992  -10.812 1.00 89.30  ? 3  C  A "O3'" 1 
ATOM   50   C  "C2'" . C  A 1 3  ? -26.257 26.303  -12.767 1.00 86.06  ? 3  C  A "C2'" 1 
ATOM   51   O  "O2'" . C  A 1 3  ? -27.378 26.196  -11.914 1.00 85.61  ? 3  C  A "O2'" 1 
ATOM   52   C  "C1'" . C  A 1 3  ? -26.649 27.065  -14.025 1.00 84.47  ? 3  C  A "C1'" 1 
ATOM   53   N  N1    . C  A 1 3  ? -25.830 26.699  -15.178 1.00 82.47  ? 3  C  A N1    1 
ATOM   54   C  C2    . C  A 1 3  ? -26.057 25.477  -15.811 1.00 81.86  ? 3  C  A C2    1 
ATOM   55   O  O2    . C  A 1 3  ? -26.918 24.712  -15.356 1.00 81.46  ? 3  C  A O2    1 
ATOM   56   N  N3    . C  A 1 3  ? -25.332 25.160  -16.899 1.00 82.37  ? 3  C  A N3    1 
ATOM   57   C  C4    . C  A 1 3  ? -24.404 26.009  -17.352 1.00 82.68  ? 3  C  A C4    1 
ATOM   58   N  N4    . C  A 1 3  ? -23.718 25.662  -18.444 1.00 83.91  ? 3  C  A N4    1 
ATOM   59   C  C5    . C  A 1 3  ? -24.139 27.251  -16.710 1.00 81.68  ? 3  C  A C5    1 
ATOM   60   C  C6    . C  A 1 3  ? -24.867 27.551  -15.637 1.00 81.48  ? 3  C  A C6    1 
ATOM   61   P  P     . U  A 1 4  ? -23.609 26.641  -10.235 1.00 89.49  ? 4  U  A P     1 
ATOM   62   O  OP1   . U  A 1 4  ? -23.384 27.596  -9.118  1.00 90.53  ? 4  U  A OP1   1 
ATOM   63   O  OP2   . U  A 1 4  ? -22.673 26.617  -11.388 1.00 89.44  ? 4  U  A OP2   1 
ATOM   64   O  "O5'" . U  A 1 4  ? -23.762 25.164  -9.675  1.00 87.47  ? 4  U  A "O5'" 1 
ATOM   65   C  "C5'" . U  A 1 4  ? -25.035 24.653  -9.377  1.00 87.02  ? 4  U  A "C5'" 1 
ATOM   66   C  "C4'" . U  A 1 4  ? -25.333 23.495  -10.275 1.00 88.52  ? 4  U  A "C4'" 1 
ATOM   67   O  "O4'" . U  A 1 4  ? -24.979 23.843  -11.621 1.00 88.73  ? 4  U  A "O4'" 1 
ATOM   68   C  "C3'" . U  A 1 4  ? -24.545 22.217  -10.054 1.00 90.16  ? 4  U  A "C3'" 1 
ATOM   69   O  "O3'" . U  A 1 4  ? -25.272 21.486  -9.074  1.00 91.83  ? 4  U  A "O3'" 1 
ATOM   70   C  "C2'" . U  A 1 4  ? -24.655 21.495  -11.403 1.00 90.57  ? 4  U  A "C2'" 1 
ATOM   71   O  "O2'" . U  A 1 4  ? -25.784 20.638  -11.438 1.00 93.05  ? 4  U  A "O2'" 1 
ATOM   72   C  "C1'" . U  A 1 4  ? -24.938 22.651  -12.367 1.00 89.33  ? 4  U  A "C1'" 1 
ATOM   73   N  N1    . U  A 1 4  ? -24.133 22.845  -13.579 1.00 87.36  ? 4  U  A N1    1 
ATOM   74   C  C2    . U  A 1 4  ? -24.282 21.930  -14.617 1.00 86.41  ? 4  U  A C2    1 
ATOM   75   O  O2    . U  A 1 4  ? -24.960 20.924  -14.531 1.00 85.79  ? 4  U  A O2    1 
ATOM   76   N  N3    . U  A 1 4  ? -23.603 22.242  -15.760 1.00 85.45  ? 4  U  A N3    1 
ATOM   77   C  C4    . U  A 1 4  ? -22.796 23.335  -15.967 1.00 85.92  ? 4  U  A C4    1 
ATOM   78   O  O4    . U  A 1 4  ? -22.303 23.522  -17.081 1.00 85.87  ? 4  U  A O4    1 
ATOM   79   C  C5    . U  A 1 4  ? -22.656 24.196  -14.835 1.00 86.44  ? 4  U  A C5    1 
ATOM   80   C  C6    . U  A 1 4  ? -23.308 23.924  -13.706 1.00 86.66  ? 4  U  A C6    1 
ATOM   81   P  P     . A  A 1 5  ? -24.657 20.143  -8.453  1.00 93.12  ? 5  A  A P     1 
ATOM   82   O  OP1   . A  A 1 5  ? -25.489 19.772  -7.271  1.00 92.58  ? 5  A  A OP1   1 
ATOM   83   O  OP2   . A  A 1 5  ? -23.202 20.407  -8.291  1.00 93.63  ? 5  A  A OP2   1 
ATOM   84   O  "O5'" . A  A 1 5  ? -24.867 19.026  -9.570  1.00 87.70  ? 5  A  A "O5'" 1 
ATOM   85   C  "C5'" . A  A 1 5  ? -23.948 17.955  -9.686  1.00 82.05  ? 5  A  A "C5'" 1 
ATOM   86   C  "C4'" . A  A 1 5  ? -24.491 16.887  -10.594 1.00 79.27  ? 5  A  A "C4'" 1 
ATOM   87   O  "O4'" . A  A 1 5  ? -25.008 17.492  -11.797 1.00 79.86  ? 5  A  A "O4'" 1 
ATOM   88   C  "C3'" . A  A 1 5  ? -23.420 15.930  -11.069 1.00 78.12  ? 5  A  A "C3'" 1 
ATOM   89   O  "O3'" . A  A 1 5  ? -23.290 14.875  -10.147 1.00 77.57  ? 5  A  A "O3'" 1 
ATOM   90   C  "C2'" . A  A 1 5  ? -23.913 15.512  -12.441 1.00 77.35  ? 5  A  A "C2'" 1 
ATOM   91   O  "O2'" . A  A 1 5  ? -24.946 14.550  -12.412 1.00 77.69  ? 5  A  A "O2'" 1 
ATOM   92   C  "C1'" . A  A 1 5  ? -24.476 16.836  -12.932 1.00 77.28  ? 5  A  A "C1'" 1 
ATOM   93   N  N9    . A  A 1 5  ? -23.473 17.734  -13.485 1.00 75.70  ? 5  A  A N9    1 
ATOM   94   C  C8    . A  A 1 5  ? -23.013 18.892  -12.902 1.00 74.98  ? 5  A  A C8    1 
ATOM   95   N  N7    . A  A 1 5  ? -22.171 19.557  -13.646 1.00 74.63  ? 5  A  A N7    1 
ATOM   96   C  C5    . A  A 1 5  ? -22.051 18.776  -14.786 1.00 74.08  ? 5  A  A C5    1 
ATOM   97   C  C6    . A  A 1 5  ? -21.313 18.942  -15.953 1.00 74.08  ? 5  A  A C6    1 
ATOM   98   N  N6    . A  A 1 5  ? -20.517 19.994  -16.168 1.00 74.14  ? 5  A  A N6    1 
ATOM   99   N  N1    . A  A 1 5  ? -21.414 17.983  -16.905 1.00 74.13  ? 5  A  A N1    1 
ATOM   100  C  C2    . A  A 1 5  ? -22.204 16.926  -16.671 1.00 73.98  ? 5  A  A C2    1 
ATOM   101  N  N3    . A  A 1 5  ? -22.951 16.657  -15.604 1.00 74.27  ? 5  A  A N3    1 
ATOM   102  C  C4    . A  A 1 5  ? -22.831 17.639  -14.690 1.00 74.68  ? 5  A  A C4    1 
ATOM   103  P  P     . C  A 1 6  ? -21.890 14.660  -9.410  1.00 76.49  ? 6  C  A P     1 
ATOM   104  O  OP1   . C  A 1 6  ? -22.037 13.387  -8.666  1.00 77.29  ? 6  C  A OP1   1 
ATOM   105  O  OP2   . C  A 1 6  ? -21.483 15.905  -8.684  1.00 73.57  ? 6  C  A OP2   1 
ATOM   106  O  "O5'" . C  A 1 6  ? -20.905 14.410  -10.634 1.00 76.15  ? 6  C  A "O5'" 1 
ATOM   107  C  "C5'" . C  A 1 6  ? -21.145 13.340  -11.548 1.00 74.92  ? 6  C  A "C5'" 1 
ATOM   108  C  "C4'" . C  A 1 6  ? -20.397 13.579  -12.834 1.00 73.77  ? 6  C  A "C4'" 1 
ATOM   109  O  "O4'" . C  A 1 6  ? -20.820 14.863  -13.356 1.00 74.59  ? 6  C  A "O4'" 1 
ATOM   110  C  "C3'" . C  A 1 6  ? -18.891 13.757  -12.720 1.00 74.24  ? 6  C  A "C3'" 1 
ATOM   111  O  "O3'" . C  A 1 6  ? -18.184 12.524  -12.675 1.00 73.50  ? 6  C  A "O3'" 1 
ATOM   112  C  "C2'" . C  A 1 6  ? -18.592 14.497  -14.004 1.00 73.38  ? 6  C  A "C2'" 1 
ATOM   113  O  "O2'" . C  A 1 6  ? -18.784 13.617  -15.096 1.00 75.34  ? 6  C  A "O2'" 1 
ATOM   114  C  "C1'" . C  A 1 6  ? -19.732 15.502  -14.004 1.00 73.01  ? 6  C  A "C1'" 1 
ATOM   115  N  N1    . C  A 1 6  ? -19.433 16.738  -13.275 1.00 71.37  ? 6  C  A N1    1 
ATOM   116  C  C2    . C  A 1 6  ? -18.664 17.721  -13.903 1.00 71.92  ? 6  C  A C2    1 
ATOM   117  O  O2    . C  A 1 6  ? -18.221 17.496  -15.041 1.00 72.73  ? 6  C  A O2    1 
ATOM   118  N  N3    . C  A 1 6  ? -18.417 18.886  -13.255 1.00 70.29  ? 6  C  A N3    1 
ATOM   119  C  C4    . C  A 1 6  ? -18.891 19.070  -12.018 1.00 69.93  ? 6  C  A C4    1 
ATOM   120  N  N4    . C  A 1 6  ? -18.609 20.224  -11.400 1.00 69.39  ? 6  C  A N4    1 
ATOM   121  C  C5    . C  A 1 6  ? -19.668 18.077  -11.353 1.00 69.90  ? 6  C  A C5    1 
ATOM   122  C  C6    . C  A 1 6  ? -19.909 16.937  -12.012 1.00 70.80  ? 6  C  A C6    1 
ATOM   123  P  P     . C  A 1 7  ? -16.759 12.467  -11.935 1.00 71.82  ? 7  C  A P     1 
ATOM   124  O  OP1   . C  A 1 7  ? -16.325 11.049  -12.022 1.00 69.16  ? 7  C  A OP1   1 
ATOM   125  O  OP2   . C  A 1 7  ? -16.862 13.146  -10.606 1.00 67.96  ? 7  C  A OP2   1 
ATOM   126  O  "O5'" . C  A 1 7  ? -15.828 13.375  -12.851 1.00 68.23  ? 7  C  A "O5'" 1 
ATOM   127  C  "C5'" . C  A 1 7  ? -15.604 13.030  -14.202 1.00 65.48  ? 7  C  A "C5'" 1 
ATOM   128  C  "C4'" . C  A 1 7  ? -14.742 14.065  -14.866 1.00 65.45  ? 7  C  A "C4'" 1 
ATOM   129  O  "O4'" . C  A 1 7  ? -15.349 15.361  -14.695 1.00 65.73  ? 7  C  A "O4'" 1 
ATOM   130  C  "C3'" . C  A 1 7  ? -13.386 14.316  -14.251 1.00 66.56  ? 7  C  A "C3'" 1 
ATOM   131  O  "O3'" . C  A 1 7  ? -12.459 13.320  -14.599 1.00 68.90  ? 7  C  A "O3'" 1 
ATOM   132  C  "C2'" . C  A 1 7  ? -13.013 15.650  -14.865 1.00 65.05  ? 7  C  A "C2'" 1 
ATOM   133  O  "O2'" . C  A 1 7  ? -12.639 15.522  -16.215 1.00 65.44  ? 7  C  A "O2'" 1 
ATOM   134  C  "C1'" . C  A 1 7  ? -14.354 16.359  -14.812 1.00 63.52  ? 7  C  A "C1'" 1 
ATOM   135  N  N1    . C  A 1 7  ? -14.469 17.249  -13.670 1.00 62.57  ? 7  C  A N1    1 
ATOM   136  C  C2    . C  A 1 7  ? -13.855 18.496  -13.742 1.00 62.95  ? 7  C  A C2    1 
ATOM   137  O  O2    . C  A 1 7  ? -13.148 18.752  -14.725 1.00 61.65  ? 7  C  A O2    1 
ATOM   138  N  N3    . C  A 1 7  ? -14.039 19.380  -12.744 1.00 63.20  ? 7  C  A N3    1 
ATOM   139  C  C4    . C  A 1 7  ? -14.789 19.037  -11.689 1.00 63.88  ? 7  C  A C4    1 
ATOM   140  N  N4    . C  A 1 7  ? -14.994 19.958  -10.743 1.00 66.58  ? 7  C  A N4    1 
ATOM   141  C  C5    . C  A 1 7  ? -15.375 17.741  -11.566 1.00 61.28  ? 7  C  A C5    1 
ATOM   142  C  C6    . C  A 1 7  ? -15.191 16.888  -12.570 1.00 60.79  ? 7  C  A C6    1 
ATOM   143  P  P     . U  A 1 8  ? -11.317 12.944  -13.554 1.00 68.90  ? 8  U  A P     1 
ATOM   144  O  OP1   . U  A 1 8  ? -10.718 11.701  -14.107 1.00 67.28  ? 8  U  A OP1   1 
ATOM   145  O  OP2   . U  A 1 8  ? -11.900 12.940  -12.190 1.00 67.87  ? 8  U  A OP2   1 
ATOM   146  O  "O5'" . U  A 1 8  ? -10.344 14.201  -13.616 1.00 64.75  ? 8  U  A "O5'" 1 
ATOM   147  C  "C5'" . U  A 1 8  ? -9.597  14.475  -14.779 1.00 65.92  ? 8  U  A "C5'" 1 
ATOM   148  C  "C4'" . U  A 1 8  ? -8.973  15.829  -14.661 1.00 68.81  ? 8  U  A "C4'" 1 
ATOM   149  O  "O4'" . U  A 1 8  ? -10.035 16.771  -14.418 1.00 70.02  ? 8  U  A "O4'" 1 
ATOM   150  C  "C3'" . U  A 1 8  ? -8.043  16.042  -13.482 1.00 70.25  ? 8  U  A "C3'" 1 
ATOM   151  O  "O3'" . U  A 1 8  ? -6.732  15.667  -13.842 1.00 72.27  ? 8  U  A "O3'" 1 
ATOM   152  C  "C2'" . U  A 1 8  ? -8.084  17.549  -13.328 1.00 70.81  ? 8  U  A "C2'" 1 
ATOM   153  O  "O2'" . U  A 1 8  ? -7.296  18.197  -14.301 1.00 72.44  ? 8  U  A "O2'" 1 
ATOM   154  C  "C1'" . U  A 1 8  ? -9.550  17.835  -13.625 1.00 70.08  ? 8  U  A "C1'" 1 
ATOM   155  N  N1    . U  A 1 8  ? -10.368 17.893  -12.414 1.00 69.41  ? 8  U  A N1    1 
ATOM   156  C  C2    . U  A 1 8  ? -10.333 19.060  -11.678 1.00 69.27  ? 8  U  A C2    1 
ATOM   157  O  O2    . U  A 1 8  ? -9.643  20.022  -11.990 1.00 66.95  ? 8  U  A O2    1 
ATOM   158  N  N3    . U  A 1 8  ? -11.137 19.056  -10.565 1.00 69.63  ? 8  U  A N3    1 
ATOM   159  C  C4    . U  A 1 8  ? -11.954 18.022  -10.135 1.00 70.23  ? 8  U  A C4    1 
ATOM   160  O  O4    . U  A 1 8  ? -12.645 18.178  -9.129  1.00 72.08  ? 8  U  A O4    1 
ATOM   161  C  C5    . U  A 1 8  ? -11.922 16.848  -10.954 1.00 70.40  ? 8  U  A C5    1 
ATOM   162  C  C6    . U  A 1 8  ? -11.147 16.823  -12.038 1.00 70.13  ? 8  U  A C6    1 
ATOM   163  P  P     . A  A 1 9  ? -5.820  14.852  -12.810 1.00 74.67  ? 9  A  A P     1 
ATOM   164  O  OP1   . A  A 1 9  ? -6.403  13.485  -12.708 1.00 72.46  ? 9  A  A OP1   1 
ATOM   165  O  OP2   . A  A 1 9  ? -5.668  15.696  -11.588 1.00 73.02  ? 9  A  A OP2   1 
ATOM   166  O  "O5'" . A  A 1 9  ? -4.432  14.757  -13.594 1.00 76.20  ? 9  A  A "O5'" 1 
ATOM   167  C  "C5'" . A  A 1 9  ? -3.370  13.896  -13.182 1.00 77.88  ? 9  A  A "C5'" 1 
ATOM   168  C  "C4'" . A  A 1 9  ? -2.213  14.023  -14.152 1.00 80.02  ? 9  A  A "C4'" 1 
ATOM   169  O  "O4'" . A  A 1 9  ? -2.440  13.221  -15.338 1.00 80.54  ? 9  A  A "O4'" 1 
ATOM   170  C  "C3'" . A  A 1 9  ? -2.033  15.445  -14.649 1.00 79.82  ? 9  A  A "C3'" 1 
ATOM   171  O  "O3'" . A  A 1 9  ? -1.128  16.133  -13.829 1.00 79.26  ? 9  A  A "O3'" 1 
ATOM   172  C  "C2'" . A  A 1 9  ? -1.453  15.279  -16.040 1.00 80.70  ? 9  A  A "C2'" 1 
ATOM   173  O  "O2'" . A  A 1 9  ? -0.050  15.161  -16.018 1.00 82.01  ? 9  A  A "O2'" 1 
ATOM   174  C  "C1'" . A  A 1 9  ? -2.093  13.965  -16.487 1.00 80.77  ? 9  A  A "C1'" 1 
ATOM   175  N  N9    . A  A 1 9  ? -3.299  14.115  -17.290 1.00 80.57  ? 9  A  A N9    1 
ATOM   176  C  C8    . A  A 1 9  ? -4.542  13.656  -16.975 1.00 80.66  ? 9  A  A C8    1 
ATOM   177  N  N7    . A  A 1 9  ? -5.424  13.827  -17.925 1.00 82.24  ? 9  A  A N7    1 
ATOM   178  C  C5    . A  A 1 9  ? -4.713  14.465  -18.926 1.00 82.50  ? 9  A  A C5    1 
ATOM   179  C  C6    . A  A 1 9  ? -5.075  14.890  -20.205 1.00 83.26  ? 9  A  A C6    1 
ATOM   180  N  N6    . A  A 1 9  ? -6.281  14.684  -20.730 1.00 85.50  ? 9  A  A N6    1 
ATOM   181  N  N1    . A  A 1 9  ? -4.141  15.525  -20.945 1.00 82.45  ? 9  A  A N1    1 
ATOM   182  C  C2    . A  A 1 9  ? -2.923  15.684  -20.428 1.00 81.29  ? 9  A  A C2    1 
ATOM   183  N  N3    . A  A 1 9  ? -2.454  15.300  -19.248 1.00 81.80  ? 9  A  A N3    1 
ATOM   184  C  C4    . A  A 1 9  ? -3.412  14.686  -18.534 1.00 81.87  ? 9  A  A C4    1 
ATOM   185  P  P     . U  A 1 10 ? -1.323  17.685  -13.622 1.00 83.07  ? 10 U  A P     1 
ATOM   186  O  OP1   . U  A 1 10 ? -0.185  18.245  -12.864 1.00 84.99  ? 10 U  A OP1   1 
ATOM   187  O  OP2   . U  A 1 10 ? -2.702  17.819  -13.090 1.00 84.73  ? 10 U  A OP2   1 
ATOM   188  O  "O5'" . U  A 1 10 ? -1.290  18.264  -15.105 1.00 85.50  ? 10 U  A "O5'" 1 
ATOM   189  C  "C5'" . U  A 1 10 ? -0.064  18.612  -15.736 1.00 87.63  ? 10 U  A "C5'" 1 
ATOM   190  C  "C4'" . U  A 1 10 ? -0.325  19.214  -17.104 1.00 90.04  ? 10 U  A "C4'" 1 
ATOM   191  O  "O4'" . U  A 1 10 ? -1.082  18.283  -17.917 1.00 91.47  ? 10 U  A "O4'" 1 
ATOM   192  C  "C3'" . U  A 1 10 ? -1.180  20.461  -17.137 1.00 89.95  ? 10 U  A "C3'" 1 
ATOM   193  O  "O3'" . U  A 1 10 ? -0.387  21.602  -16.913 1.00 91.33  ? 10 U  A "O3'" 1 
ATOM   194  C  "C2'" . U  A 1 10 ? -1.679  20.489  -18.569 1.00 90.81  ? 10 U  A "C2'" 1 
ATOM   195  O  "O2'" . U  A 1 10 ? -0.703  21.039  -19.418 1.00 92.52  ? 10 U  A "O2'" 1 
ATOM   196  C  "C1'" . U  A 1 10 ? -1.836  19.001  -18.877 1.00 91.66  ? 10 U  A "C1'" 1 
ATOM   197  N  N1    . U  A 1 10 ? -3.224  18.533  -18.833 1.00 93.01  ? 10 U  A N1    1 
ATOM   198  C  C2    . U  A 1 10 ? -4.031  18.814  -19.916 1.00 94.42  ? 10 U  A C2    1 
ATOM   199  O  O2    . U  A 1 10 ? -3.642  19.438  -20.886 1.00 94.95  ? 10 U  A O2    1 
ATOM   200  N  N3    . U  A 1 10 ? -5.312  18.340  -19.821 1.00 95.43  ? 10 U  A N3    1 
ATOM   201  C  C4    . U  A 1 10 ? -5.857  17.630  -18.775 1.00 95.56  ? 10 U  A C4    1 
ATOM   202  O  O4    . U  A 1 10 ? -7.013  17.207  -18.862 1.00 95.14  ? 10 U  A O4    1 
ATOM   203  C  C5    . U  A 1 10 ? -4.957  17.388  -17.690 1.00 95.78  ? 10 U  A C5    1 
ATOM   204  C  C6    . U  A 1 10 ? -3.702  17.837  -17.758 1.00 94.19  ? 10 U  A C6    1 
ATOM   205  P  P     . C  A 1 11 ? -0.957  22.759  -15.986 1.00 93.85  ? 11 C  A P     1 
ATOM   206  O  OP1   . C  A 1 11 ? -2.034  23.477  -16.719 1.00 93.30  ? 11 C  A OP1   1 
ATOM   207  O  OP2   . C  A 1 11 ? 0.194   23.518  -15.444 1.00 93.90  ? 11 C  A OP2   1 
ATOM   208  O  "O5'" . C  A 1 11 ? -1.634  21.924  -14.814 1.00 96.39  ? 11 C  A "O5'" 1 
ATOM   209  C  "C5'" . C  A 1 11 ? -0.884  21.460  -13.694 1.00 98.88  ? 11 C  A "C5'" 1 
ATOM   210  C  "C4'" . C  A 1 11 ? -1.411  22.123  -12.450 1.00 100.74 ? 11 C  A "C4'" 1 
ATOM   211  O  "O4'" . C  A 1 11 ? -2.765  21.710  -12.203 1.00 101.13 ? 11 C  A "O4'" 1 
ATOM   212  C  "C3'" . C  A 1 11 ? -0.747  21.878  -11.110 1.00 102.16 ? 11 C  A "C3'" 1 
ATOM   213  O  "O3'" . C  A 1 11 ? 0.382   22.743  -11.056 1.00 102.64 ? 11 C  A "O3'" 1 
ATOM   214  C  "C2'" . C  A 1 11 ? -1.820  22.380  -10.131 1.00 103.12 ? 11 C  A "C2'" 1 
ATOM   215  O  "O2'" . C  A 1 11 ? -1.744  23.782  -9.917  1.00 106.77 ? 11 C  A "O2'" 1 
ATOM   216  C  "C1'" . C  A 1 11 ? -3.112  22.162  -10.919 1.00 100.96 ? 11 C  A "C1'" 1 
ATOM   217  N  N1    . C  A 1 11 ? -4.178  21.333  -10.352 1.00 97.38  ? 11 C  A N1    1 
ATOM   218  C  C2    . C  A 1 11 ? -5.133  21.962  -9.558  1.00 94.66  ? 11 C  A C2    1 
ATOM   219  O  O2    . C  A 1 11 ? -4.970  23.150  -9.267  1.00 93.34  ? 11 C  A O2    1 
ATOM   220  N  N3    . C  A 1 11 ? -6.199  21.267  -9.125  1.00 93.68  ? 11 C  A N3    1 
ATOM   221  C  C4    . C  A 1 11 ? -6.321  19.981  -9.439  1.00 94.90  ? 11 C  A C4    1 
ATOM   222  N  N4    . C  A 1 11 ? -7.423  19.342  -9.035  1.00 95.40  ? 11 C  A N4    1 
ATOM   223  C  C5    . C  A 1 11 ? -5.325  19.290  -10.194 1.00 96.37  ? 11 C  A C5    1 
ATOM   224  C  C6    . C  A 1 11 ? -4.274  20.000  -10.623 1.00 97.44  ? 11 C  A C6    1 
ATOM   225  P  P     . G  A 1 12 ? 1.564   22.460  -10.020 1.00 102.58 ? 12 G  A P     1 
ATOM   226  O  OP1   . G  A 1 12 ? 2.764   23.103  -10.606 1.00 103.62 ? 12 G  A OP1   1 
ATOM   227  O  OP2   . G  A 1 12 ? 1.562   20.994  -9.747  1.00 103.40 ? 12 G  A OP2   1 
ATOM   228  O  "O5'" . G  A 1 12 ? 1.143   23.267  -8.706  1.00 101.72 ? 12 G  A "O5'" 1 
ATOM   229  C  "C5'" . G  A 1 12 ? 0.977   22.599  -7.449  1.00 99.72  ? 12 G  A "C5'" 1 
ATOM   230  C  "C4'" . G  A 1 12 ? 0.404   23.546  -6.408  1.00 98.64  ? 12 G  A "C4'" 1 
ATOM   231  O  "O4'" . G  A 1 12 ? -0.903  24.040  -6.825  1.00 96.36  ? 12 G  A "O4'" 1 
ATOM   232  C  "C3'" . G  A 1 12 ? 0.140   22.910  -5.055  1.00 98.56  ? 12 G  A "C3'" 1 
ATOM   233  O  "O3'" . G  A 1 12 ? 1.309   22.921  -4.263  1.00 100.82 ? 12 G  A "O3'" 1 
ATOM   234  C  "C2'" . G  A 1 12 ? -0.940  23.815  -4.485  1.00 97.21  ? 12 G  A "C2'" 1 
ATOM   235  O  "O2'" . G  A 1 12 ? -0.437  25.044  -4.005  1.00 97.24  ? 12 G  A "O2'" 1 
ATOM   236  C  "C1'" . G  A 1 12 ? -1.801  24.033  -5.725  1.00 94.67  ? 12 G  A "C1'" 1 
ATOM   237  N  N9    . G  A 1 12 ? -2.684  22.888  -5.896  1.00 92.37  ? 12 G  A N9    1 
ATOM   238  C  C8    . G  A 1 12 ? -2.587  21.910  -6.855  1.00 92.68  ? 12 G  A C8    1 
ATOM   239  N  N7    . G  A 1 12 ? -3.472  20.964  -6.715  1.00 91.94  ? 12 G  A N7    1 
ATOM   240  C  C5    . G  A 1 12 ? -4.206  21.350  -5.604  1.00 90.84  ? 12 G  A C5    1 
ATOM   241  C  C6    . G  A 1 12 ? -5.280  20.713  -4.960  1.00 90.72  ? 12 G  A C6    1 
ATOM   242  O  O6    . G  A 1 12 ? -5.803  19.623  -5.228  1.00 91.10  ? 12 G  A O6    1 
ATOM   243  N  N1    . G  A 1 12 ? -5.739  21.457  -3.888  1.00 89.89  ? 12 G  A N1    1 
ATOM   244  C  C2    . G  A 1 12 ? -5.214  22.648  -3.478  1.00 89.62  ? 12 G  A C2    1 
ATOM   245  N  N2    . G  A 1 12 ? -5.799  23.209  -2.425  1.00 91.28  ? 12 G  A N2    1 
ATOM   246  N  N3    . G  A 1 12 ? -4.196  23.245  -4.055  1.00 89.29  ? 12 G  A N3    1 
ATOM   247  C  C4    . G  A 1 12 ? -3.744  22.547  -5.105  1.00 90.40  ? 12 G  A C4    1 
ATOM   248  P  P     . G  A 1 13 ? 1.927   21.536  -3.756  1.00 103.38 ? 13 G  A P     1 
ATOM   249  O  OP1   . G  A 1 13 ? 3.322   21.494  -4.258  1.00 104.68 ? 13 G  A OP1   1 
ATOM   250  O  OP2   . G  A 1 13 ? 1.003   20.417  -4.070  1.00 103.01 ? 13 G  A OP2   1 
ATOM   251  O  "O5'" . G  A 1 13 ? 1.963   21.717  -2.181  1.00 103.17 ? 13 G  A "O5'" 1 
ATOM   252  C  "C5'" . G  A 1 13 ? 1.081   20.988  -1.354  1.00 102.75 ? 13 G  A "C5'" 1 
ATOM   253  C  "C4'" . G  A 1 13 ? 0.002   21.895  -0.834  1.00 103.13 ? 13 G  A "C4'" 1 
ATOM   254  O  "O4'" . G  A 1 13 ? -0.995  22.138  -1.871  1.00 102.76 ? 13 G  A "O4'" 1 
ATOM   255  C  "C3'" . G  A 1 13 ? -0.805  21.285  0.289   1.00 103.74 ? 13 G  A "C3'" 1 
ATOM   256  O  "O3'" . G  A 1 13 ? -0.090  21.444  1.495   1.00 105.96 ? 13 G  A "O3'" 1 
ATOM   257  C  "C2'" . G  A 1 13 ? -2.075  22.111  0.215   1.00 103.07 ? 13 G  A "C2'" 1 
ATOM   258  O  "O2'" . G  A 1 13 ? -1.848  23.443  0.635   1.00 104.00 ? 13 G  A "O2'" 1 
ATOM   259  C  "C1'" . G  A 1 13 ? -2.300  22.122  -1.296  1.00 101.34 ? 13 G  A "C1'" 1 
ATOM   260  N  N9    . G  A 1 13 ? -3.007  20.928  -1.769  1.00 98.19  ? 13 G  A N9    1 
ATOM   261  C  C8    . G  A 1 13 ? -2.630  20.095  -2.796  1.00 97.47  ? 13 G  A C8    1 
ATOM   262  N  N7    . G  A 1 13 ? -3.456  19.102  -2.985  1.00 95.27  ? 13 G  A N7    1 
ATOM   263  C  C5    . G  A 1 13 ? -4.442  19.290  -2.031  1.00 94.12  ? 13 G  A C5    1 
ATOM   264  C  C6    . G  A 1 13 ? -5.590  18.535  -1.762  1.00 92.33  ? 13 G  A C6    1 
ATOM   265  O  O6    . G  A 1 13 ? -5.980  17.528  -2.324  1.00 91.63  ? 13 G  A O6    1 
ATOM   266  N  N1    . G  A 1 13 ? -6.321  19.063  -0.713  1.00 91.94  ? 13 G  A N1    1 
ATOM   267  C  C2    . G  A 1 13 ? -5.982  20.184  -0.009  1.00 93.59  ? 13 G  A C2    1 
ATOM   268  N  N2    . G  A 1 13 ? -6.812  20.534  0.984   1.00 94.18  ? 13 G  A N2    1 
ATOM   269  N  N3    . G  A 1 13 ? -4.906  20.912  -0.254  1.00 94.71  ? 13 G  A N3    1 
ATOM   270  C  C4    . G  A 1 13 ? -4.185  20.409  -1.271  1.00 95.65  ? 13 G  A C4    1 
ATOM   271  P  P     . G  A 1 14 ? 0.789   20.223  2.058   1.00 108.56 ? 14 G  A P     1 
ATOM   272  O  OP1   . G  A 1 14 ? 2.107   20.799  2.427   1.00 109.53 ? 14 G  A OP1   1 
ATOM   273  O  OP2   . G  A 1 14 ? 0.732   19.076  1.109   1.00 108.10 ? 14 G  A OP2   1 
ATOM   274  O  "O5'" . G  A 1 14 ? 0.019   19.813  3.390   1.00 108.09 ? 14 G  A "O5'" 1 
ATOM   275  C  "C5'" . G  A 1 14 ? -0.497  18.501  3.558   1.00 107.62 ? 14 G  A "C5'" 1 
ATOM   276  C  "C4'" . G  A 1 14 ? -1.964  18.559  3.911   1.00 106.87 ? 14 G  A "C4'" 1 
ATOM   277  O  "O4'" . G  A 1 14 ? -2.741  19.040  2.773   1.00 106.84 ? 14 G  A "O4'" 1 
ATOM   278  C  "C3'" . G  A 1 14 ? -2.566  17.203  4.215   1.00 106.18 ? 14 G  A "C3'" 1 
ATOM   279  O  "O3'" . G  A 1 14 ? -2.321  16.862  5.564   1.00 104.16 ? 14 G  A "O3'" 1 
ATOM   280  C  "C2'" . G  A 1 14 ? -4.045  17.430  3.941   1.00 106.81 ? 14 G  A "C2'" 1 
ATOM   281  O  "O2'" . G  A 1 14 ? -4.717  18.048  5.021   1.00 108.71 ? 14 G  A "O2'" 1 
ATOM   282  C  "C1'" . G  A 1 14 ? -3.989  18.352  2.717   1.00 106.27 ? 14 G  A "C1'" 1 
ATOM   283  N  N9    . G  A 1 14 ? -4.042  17.571  1.482   1.00 104.79 ? 14 G  A N9    1 
ATOM   284  C  C8    . G  A 1 14 ? -3.111  17.540  0.471   1.00 104.27 ? 14 G  A C8    1 
ATOM   285  N  N7    . G  A 1 14 ? -3.392  16.665  -0.457  1.00 103.34 ? 14 G  A N7    1 
ATOM   286  C  C5    . G  A 1 14 ? -4.587  16.097  -0.043  1.00 103.17 ? 14 G  A C5    1 
ATOM   287  C  C6    . G  A 1 14 ? -5.363  15.074  -0.629  1.00 103.05 ? 14 G  A C6    1 
ATOM   288  O  O6    . G  A 1 14 ? -5.123  14.417  -1.649  1.00 102.94 ? 14 G  A O6    1 
ATOM   289  N  N1    . G  A 1 14 ? -6.520  14.824  0.104   1.00 102.35 ? 14 G  A N1    1 
ATOM   290  C  C2    . G  A 1 14 ? -6.875  15.470  1.260   1.00 102.13 ? 14 G  A C2    1 
ATOM   291  N  N2    . G  A 1 14 ? -8.034  15.098  1.813   1.00 101.36 ? 14 G  A N2    1 
ATOM   292  N  N3    . G  A 1 14 ? -6.146  16.411  1.832   1.00 102.79 ? 14 G  A N3    1 
ATOM   293  C  C4    . G  A 1 14 ? -5.021  16.671  1.132   1.00 103.63 ? 14 G  A C4    1 
ATOM   294  P  P     . C  A 1 15 ? -2.057  15.335  5.951   1.00 104.03 ? 15 C  A P     1 
ATOM   295  O  OP1   . C  A 1 15 ? -1.597  15.372  7.353   1.00 104.94 ? 15 C  A OP1   1 
ATOM   296  O  OP2   . C  A 1 15 ? -1.219  14.692  4.905   1.00 103.45 ? 15 C  A OP2   1 
ATOM   297  O  "O5'" . C  A 1 15 ? -3.497  14.669  5.952   1.00 102.07 ? 15 C  A "O5'" 1 
ATOM   298  C  "C5'" . C  A 1 15 ? -4.460  15.081  6.904   1.00 100.14 ? 15 C  A "C5'" 1 
ATOM   299  C  "C4'" . C  A 1 15 ? -5.697  14.248  6.772   1.00 98.26  ? 15 C  A "C4'" 1 
ATOM   300  O  "O4'" . C  A 1 15 ? -6.345  14.523  5.502   1.00 98.46  ? 15 C  A "O4'" 1 
ATOM   301  C  "C3'" . C  A 1 15 ? -5.440  12.764  6.691   1.00 97.80  ? 15 C  A "C3'" 1 
ATOM   302  O  "O3'" . C  A 1 15 ? -5.199  12.194  7.951   1.00 97.55  ? 15 C  A "O3'" 1 
ATOM   303  C  "C2'" . C  A 1 15 ? -6.739  12.269  6.089   1.00 97.59  ? 15 C  A "C2'" 1 
ATOM   304  O  "O2'" . C  A 1 15 ? -7.799  12.300  7.028   1.00 96.99  ? 15 C  A "O2'" 1 
ATOM   305  C  "C1'" . C  A 1 15 ? -6.970  13.336  5.024   1.00 97.20  ? 15 C  A "C1'" 1 
ATOM   306  N  N1    . C  A 1 15 ? -6.365  12.978  3.731   1.00 96.03  ? 15 C  A N1    1 
ATOM   307  C  C2    . C  A 1 15 ? -6.953  11.962  2.969   1.00 94.91  ? 15 C  A C2    1 
ATOM   308  O  O2    . C  A 1 15 ? -7.922  11.353  3.427   1.00 94.05  ? 15 C  A O2    1 
ATOM   309  N  N3    . C  A 1 15 ? -6.445  11.668  1.758   1.00 94.63  ? 15 C  A N3    1 
ATOM   310  C  C4    . C  A 1 15 ? -5.385  12.332  1.304   1.00 95.46  ? 15 C  A C4    1 
ATOM   311  N  N4    . C  A 1 15 ? -4.934  12.028  0.087   1.00 97.05  ? 15 C  A N4    1 
ATOM   312  C  C5    . C  A 1 15 ? -4.741  13.345  2.074   1.00 95.15  ? 15 C  A C5    1 
ATOM   313  C  C6    . C  A 1 15 ? -5.259  13.633  3.270   1.00 95.45  ? 15 C  A C6    1 
ATOM   314  P  P     . U  A 1 16 ? -4.194  10.959  8.054   1.00 97.33  ? 16 U  A P     1 
ATOM   315  O  OP1   . U  A 1 16 ? -3.957  10.742  9.499   1.00 97.44  ? 16 U  A OP1   1 
ATOM   316  O  OP2   . U  A 1 16 ? -3.056  11.268  7.145   1.00 97.46  ? 16 U  A OP2   1 
ATOM   317  O  "O5'" . U  A 1 16 ? -5.019  9.718   7.496   1.00 94.79  ? 16 U  A "O5'" 1 
ATOM   318  C  "C5'" . U  A 1 16 ? -6.116  9.220   8.242   1.00 94.35  ? 16 U  A "C5'" 1 
ATOM   319  C  "C4'" . U  A 1 16 ? -7.033  8.418   7.362   1.00 93.57  ? 16 U  A "C4'" 1 
ATOM   320  O  "O4'" . U  A 1 16 ? -7.213  9.126   6.118   1.00 93.38  ? 16 U  A "O4'" 1 
ATOM   321  C  "C3'" . U  A 1 16 ? -6.510  7.071   6.912   1.00 94.16  ? 16 U  A "C3'" 1 
ATOM   322  O  "O3'" . U  A 1 16 ? -6.757  6.106   7.907   1.00 96.89  ? 16 U  A "O3'" 1 
ATOM   323  C  "C2'" . U  A 1 16 ? -7.371  6.808   5.695   1.00 92.96  ? 16 U  A "C2'" 1 
ATOM   324  O  "O2'" . U  A 1 16 ? -8.691  6.453   6.065   1.00 90.89  ? 16 U  A "O2'" 1 
ATOM   325  C  "C1'" . U  A 1 16 ? -7.370  8.194   5.061   1.00 93.66  ? 16 U  A "C1'" 1 
ATOM   326  N  N1    . U  A 1 16 ? -6.289  8.423   4.090   1.00 93.84  ? 16 U  A N1    1 
ATOM   327  C  C2    . U  A 1 16 ? -6.229  7.603   2.972   1.00 92.45  ? 16 U  A C2    1 
ATOM   328  O  O2    . U  A 1 16 ? -6.981  6.665   2.804   1.00 90.49  ? 16 U  A O2    1 
ATOM   329  N  N3    . U  A 1 16 ? -5.252  7.925   2.066   1.00 92.81  ? 16 U  A N3    1 
ATOM   330  C  C4    . U  A 1 16 ? -4.335  8.957   2.167   1.00 95.22  ? 16 U  A C4    1 
ATOM   331  O  O4    . U  A 1 16 ? -3.595  9.204   1.211   1.00 96.60  ? 16 U  A O4    1 
ATOM   332  C  C5    . U  A 1 16 ? -4.431  9.729   3.375   1.00 95.07  ? 16 U  A C5    1 
ATOM   333  C  C6    . U  A 1 16 ? -5.380  9.443   4.272   1.00 94.26  ? 16 U  A C6    1 
ATOM   334  P  P     . A  A 1 17 ? -5.554  5.204   8.440   1.00 96.53  ? 17 A  A P     1 
ATOM   335  O  OP1   . A  A 1 17 ? -6.095  4.566   9.664   1.00 96.28  ? 17 A  A OP1   1 
ATOM   336  O  OP2   . A  A 1 17 ? -4.336  6.059   8.519   1.00 95.33  ? 17 A  A OP2   1 
ATOM   337  O  "O5'" . A  A 1 17 ? -5.381  4.098   7.304   1.00 97.81  ? 17 A  A "O5'" 1 
ATOM   338  C  "C5'" . A  A 1 17 ? -6.371  3.077   7.121   1.00 100.61 ? 17 A  A "C5'" 1 
ATOM   339  C  "C4'" . A  A 1 17 ? -6.051  2.228   5.897   1.00 102.47 ? 17 A  A "C4'" 1 
ATOM   340  O  "O4'" . A  A 1 17 ? -6.026  3.094   4.736   1.00 102.28 ? 17 A  A "O4'" 1 
ATOM   341  C  "C3'" . A  A 1 17 ? -4.701  1.512   5.907   1.00 102.68 ? 17 A  A "C3'" 1 
ATOM   342  O  "O3'" . A  A 1 17 ? -4.745  0.129   6.290   1.00 102.00 ? 17 A  A "O3'" 1 
ATOM   343  C  "C2'" . A  A 1 17 ? -4.346  1.424   4.428   1.00 103.30 ? 17 A  A "C2'" 1 
ATOM   344  O  "O2'" . A  A 1 17 ? -4.855  0.230   3.879   1.00 106.99 ? 17 A  A "O2'" 1 
ATOM   345  C  "C1'" . A  A 1 17 ? -5.064  2.631   3.819   1.00 101.56 ? 17 A  A "C1'" 1 
ATOM   346  N  N9    . A  A 1 17 ? -4.174  3.738   3.490   1.00 99.34  ? 17 A  A N9    1 
ATOM   347  C  C8    . A  A 1 17 ? -3.570  4.634   4.343   1.00 98.70  ? 17 A  A C8    1 
ATOM   348  N  N7    . A  A 1 17 ? -2.827  5.526   3.732   1.00 98.25  ? 17 A  A N7    1 
ATOM   349  C  C5    . A  A 1 17 ? -2.945  5.193   2.387   1.00 96.76  ? 17 A  A C5    1 
ATOM   350  C  C6    . A  A 1 17 ? -2.395  5.755   1.221   1.00 95.40  ? 17 A  A C6    1 
ATOM   351  N  N6    . A  A 1 17 ? -1.582  6.820   1.222   1.00 93.56  ? 17 A  A N6    1 
ATOM   352  N  N1    . A  A 1 17 ? -2.713  5.176   0.039   1.00 94.72  ? 17 A  A N1    1 
ATOM   353  C  C2    . A  A 1 17 ? -3.532  4.103   0.041   1.00 94.97  ? 17 A  A C2    1 
ATOM   354  N  N3    . A  A 1 17 ? -4.109  3.488   1.068   1.00 94.89  ? 17 A  A N3    1 
ATOM   355  C  C4    . A  A 1 17 ? -3.772  4.089   2.225   1.00 97.35  ? 17 A  A C4    1 
ATOM   356  P  P     . A  A 1 18 ? -6.005  -0.489  7.082   1.00 102.15 ? 18 A  A P     1 
ATOM   357  O  OP1   . A  A 1 18 ? -6.936  0.561   7.539   1.00 104.46 ? 18 A  A OP1   1 
ATOM   358  O  OP2   . A  A 1 18 ? -5.417  -1.413  8.078   1.00 104.15 ? 18 A  A OP2   1 
ATOM   359  O  "O5'" . A  A 1 18 ? -6.793  -1.404  6.038   1.00 98.69  ? 18 A  A "O5'" 1 
ATOM   360  C  "C5'" . A  A 1 18 ? -7.659  -2.426  6.533   1.00 98.00  ? 18 A  A "C5'" 1 
ATOM   361  C  "C4'" . A  A 1 18 ? -8.712  -2.788  5.518   1.00 98.60  ? 18 A  A "C4'" 1 
ATOM   362  O  "O4'" . A  A 1 18 ? -9.201  -1.568  4.925   1.00 98.54  ? 18 A  A "O4'" 1 
ATOM   363  C  "C3'" . A  A 1 18 ? -8.261  -3.601  4.321   1.00 100.46 ? 18 A  A "C3'" 1 
ATOM   364  O  "O3'" . A  A 1 18 ? -8.229  -4.983  4.640   1.00 106.22 ? 18 A  A "O3'" 1 
ATOM   365  C  "C2'" . A  A 1 18 ? -9.328  -3.267  3.287   1.00 97.15  ? 18 A  A "C2'" 1 
ATOM   366  O  "O2'" . A  A 1 18 ? -10.564 -3.924  3.487   1.00 92.73  ? 18 A  A "O2'" 1 
ATOM   367  C  "C1'" . A  A 1 18 ? -9.499  -1.778  3.555   1.00 95.53  ? 18 A  A "C1'" 1 
ATOM   368  N  N9    . A  A 1 18 ? -8.560  -0.968  2.802   1.00 92.09  ? 18 A  A N9    1 
ATOM   369  C  C8    . A  A 1 18 ? -7.571  -0.180  3.327   1.00 90.97  ? 18 A  A C8    1 
ATOM   370  N  N7    . A  A 1 18 ? -6.874  0.467   2.426   1.00 90.53  ? 18 A  A N7    1 
ATOM   371  C  C5    . A  A 1 18 ? -7.435  0.065   1.224   1.00 90.28  ? 18 A  A C5    1 
ATOM   372  C  C6    . A  A 1 18 ? -7.135  0.391   -0.104  1.00 89.68  ? 18 A  A C6    1 
ATOM   373  N  N6    . A  A 1 18 ? -6.146  1.230   -0.452  1.00 88.08  ? 18 A  A N6    1 
ATOM   374  N  N1    . A  A 1 18 ? -7.892  -0.180  -1.075  1.00 90.56  ? 18 A  A N1    1 
ATOM   375  C  C2    . A  A 1 18 ? -8.885  -1.024  -0.709  1.00 90.93  ? 18 A  A C2    1 
ATOM   376  N  N3    . A  A 1 18 ? -9.259  -1.408  0.513   1.00 90.33  ? 18 A  A N3    1 
ATOM   377  C  C4    . A  A 1 18 ? -8.482  -0.821  1.443   1.00 91.06  ? 18 A  A C4    1 
ATOM   378  P  P     . G  A 1 19 ? -6.923  -5.842  4.274   1.00 108.85 ? 19 G  A P     1 
ATOM   379  O  OP1   . G  A 1 19 ? -7.186  -7.212  4.783   1.00 108.18 ? 19 G  A OP1   1 
ATOM   380  O  OP2   . G  A 1 19 ? -5.701  -5.097  4.719   1.00 106.08 ? 19 G  A OP2   1 
ATOM   381  O  "O5'" . G  A 1 19 ? -6.927  -5.872  2.681   1.00 110.99 ? 19 G  A "O5'" 1 
ATOM   382  C  "C5'" . G  A 1 19 ? -8.038  -6.383  1.940   1.00 115.74 ? 19 G  A "C5'" 1 
ATOM   383  C  "C4'" . G  A 1 19 ? -7.830  -6.123  0.461   1.00 119.56 ? 19 G  A "C4'" 1 
ATOM   384  O  "O4'" . G  A 1 19 ? -7.942  -4.692  0.204   1.00 119.98 ? 19 G  A "O4'" 1 
ATOM   385  C  "C3'" . G  A 1 19 ? -6.437  -6.475  -0.055  1.00 122.54 ? 19 G  A "C3'" 1 
ATOM   386  O  "O3'" . G  A 1 19 ? -6.280  -7.836  -0.433  1.00 126.13 ? 19 G  A "O3'" 1 
ATOM   387  C  "C2'" . G  A 1 19 ? -6.282  -5.533  -1.236  1.00 121.18 ? 19 G  A "C2'" 1 
ATOM   388  O  "O2'" . G  A 1 19 ? -7.046  -5.949  -2.354  1.00 122.87 ? 19 G  A "O2'" 1 
ATOM   389  C  "C1'" . G  A 1 19 ? -6.881  -4.264  -0.644  1.00 118.29 ? 19 G  A "C1'" 1 
ATOM   390  N  N9    . G  A 1 19 ? -5.920  -3.545  0.184   1.00 114.20 ? 19 G  A N9    1 
ATOM   391  C  C8    . G  A 1 19 ? -5.778  -3.643  1.545   1.00 113.41 ? 19 G  A C8    1 
ATOM   392  N  N7    . G  A 1 19 ? -4.873  -2.841  2.026   1.00 112.85 ? 19 G  A N7    1 
ATOM   393  C  C5    . G  A 1 19 ? -4.379  -2.179  0.913   1.00 111.50 ? 19 G  A C5    1 
ATOM   394  C  C6    . G  A 1 19 ? -3.388  -1.175  0.814   1.00 110.61 ? 19 G  A C6    1 
ATOM   395  O  O6    . G  A 1 19 ? -2.736  -0.643  1.721   1.00 109.77 ? 19 G  A O6    1 
ATOM   396  N  N1    . G  A 1 19 ? -3.182  -0.792  -0.505  1.00 110.80 ? 19 G  A N1    1 
ATOM   397  C  C2    . G  A 1 19 ? -3.846  -1.308  -1.590  1.00 111.98 ? 19 G  A C2    1 
ATOM   398  N  N2    . G  A 1 19 ? -3.483  -0.823  -2.788  1.00 111.75 ? 19 G  A N2    1 
ATOM   399  N  N3    . G  A 1 19 ? -4.790  -2.235  -1.507  1.00 112.40 ? 19 G  A N3    1 
ATOM   400  C  C4    . G  A 1 19 ? -5.002  -2.620  -0.235  1.00 112.44 ? 19 G  A C4    1 
ATOM   401  P  P     . G  A 1 20 ? -4.807  -8.480  -0.427  1.00 129.07 ? 20 G  A P     1 
ATOM   402  O  OP1   . G  A 1 20 ? -4.857  -9.654  -1.333  1.00 129.99 ? 20 G  A OP1   1 
ATOM   403  O  OP2   . G  A 1 20 ? -4.354  -8.647  0.982   1.00 128.52 ? 20 G  A OP2   1 
ATOM   404  O  "O5'" . G  A 1 20 ? -3.890  -7.356  -1.087  1.00 129.62 ? 20 G  A "O5'" 1 
ATOM   405  C  "C5'" . G  A 1 20 ? -2.478  -7.482  -1.090  1.00 131.46 ? 20 G  A "C5'" 1 
ATOM   406  C  "C4'" . G  A 1 20 ? -1.885  -6.579  -2.139  1.00 133.39 ? 20 G  A "C4'" 1 
ATOM   407  O  "O4'" . G  A 1 20 ? -2.433  -5.246  -1.959  1.00 132.12 ? 20 G  A "O4'" 1 
ATOM   408  C  "C3'" . G  A 1 20 ? -0.375  -6.399  -2.040  1.00 135.70 ? 20 G  A "C3'" 1 
ATOM   409  O  "O3'" . G  A 1 20 ? 0.358   -7.416  -2.718  1.00 139.67 ? 20 G  A "O3'" 1 
ATOM   410  C  "C2'" . G  A 1 20 ? -0.167  -5.012  -2.636  1.00 133.75 ? 20 G  A "C2'" 1 
ATOM   411  O  "O2'" . G  A 1 20 ? -0.129  -4.982  -4.051  1.00 134.08 ? 20 G  A "O2'" 1 
ATOM   412  C  "C1'" . G  A 1 20 ? -1.396  -4.283  -2.091  1.00 131.08 ? 20 G  A "C1'" 1 
ATOM   413  N  N9    . G  A 1 20 ? -1.127  -3.754  -0.762  1.00 126.86 ? 20 G  A N9    1 
ATOM   414  C  C8    . G  A 1 20 ? -1.639  -4.217  0.427   1.00 125.57 ? 20 G  A C8    1 
ATOM   415  N  N7    . G  A 1 20 ? -1.206  -3.552  1.461   1.00 124.15 ? 20 G  A N7    1 
ATOM   416  C  C5    . G  A 1 20 ? -0.361  -2.592  0.920   1.00 123.63 ? 20 G  A C5    1 
ATOM   417  C  C6    . G  A 1 20 ? 0.393   -1.582  1.554   1.00 123.06 ? 20 G  A C6    1 
ATOM   418  O  O6    . G  A 1 20 ? 0.471   -1.328  2.753   1.00 122.57 ? 20 G  A O6    1 
ATOM   419  N  N1    . G  A 1 20 ? 1.111   -0.825  0.636   1.00 122.55 ? 20 G  A N1    1 
ATOM   420  C  C2    . G  A 1 20 ? 1.105   -1.020  -0.722  1.00 122.88 ? 20 G  A C2    1 
ATOM   421  N  N2    . G  A 1 20 ? 1.875   -0.183  -1.438  1.00 122.87 ? 20 G  A N2    1 
ATOM   422  N  N3    . G  A 1 20 ? 0.400   -1.963  -1.330  1.00 122.77 ? 20 G  A N3    1 
ATOM   423  C  C4    . G  A 1 20 ? -0.305  -2.705  -0.451  1.00 124.22 ? 20 G  A C4    1 
ATOM   424  P  P     . A  A 1 21 ? 1.733   -7.959  -2.079  1.00 141.85 ? 21 A  A P     1 
ATOM   425  O  OP1   . A  A 1 21 ? 2.410   -8.789  -3.112  1.00 142.59 ? 21 A  A OP1   1 
ATOM   426  O  OP2   . A  A 1 21 ? 1.429   -8.543  -0.746  1.00 140.97 ? 21 A  A OP2   1 
ATOM   427  O  "O5'" . A  A 1 21 ? 2.614   -6.645  -1.889  1.00 141.49 ? 21 A  A "O5'" 1 
ATOM   428  C  "C5'" . A  A 1 21 ? 3.297   -6.076  -2.999  1.00 142.49 ? 21 A  A "C5'" 1 
ATOM   429  C  "C4'" . A  A 1 21 ? 4.311   -5.062  -2.531  1.00 143.50 ? 21 A  A "C4'" 1 
ATOM   430  O  "O4'" . A  A 1 21 ? 3.613   -3.960  -1.892  1.00 143.03 ? 21 A  A "O4'" 1 
ATOM   431  C  "C3'" . A  A 1 21 ? 5.304   -5.519  -1.470  1.00 144.21 ? 21 A  A "C3'" 1 
ATOM   432  O  "O3'" . A  A 1 21 ? 6.416   -6.235  -2.005  1.00 145.54 ? 21 A  A "O3'" 1 
ATOM   433  C  "C2'" . A  A 1 21 ? 5.741   -4.185  -0.882  1.00 143.70 ? 21 A  A "C2'" 1 
ATOM   434  O  "O2'" . A  A 1 21 ? 6.657   -3.491  -1.710  1.00 143.50 ? 21 A  A "O2'" 1 
ATOM   435  C  "C1'" . A  A 1 21 ? 4.402   -3.450  -0.828  1.00 142.36 ? 21 A  A "C1'" 1 
ATOM   436  N  N9    . A  A 1 21 ? 3.710   -3.735  0.427   1.00 141.11 ? 21 A  A N9    1 
ATOM   437  C  C8    . A  A 1 21 ? 2.880   -4.789  0.726   1.00 140.33 ? 21 A  A C8    1 
ATOM   438  N  N7    . A  A 1 21 ? 2.437   -4.779  1.959   1.00 139.79 ? 21 A  A N7    1 
ATOM   439  C  C5    . A  A 1 21 ? 3.007   -3.638  2.507   1.00 140.10 ? 21 A  A C5    1 
ATOM   440  C  C6    . A  A 1 21 ? 2.929   -3.060  3.785   1.00 140.19 ? 21 A  A C6    1 
ATOM   441  N  N6    . A  A 1 21 ? 2.207   -3.568  4.787   1.00 140.20 ? 21 A  A N6    1 
ATOM   442  N  N1    . A  A 1 21 ? 3.628   -1.924  4.005   1.00 140.21 ? 21 A  A N1    1 
ATOM   443  C  C2    . A  A 1 21 ? 4.347   -1.408  2.999   1.00 140.08 ? 21 A  A C2    1 
ATOM   444  N  N3    . A  A 1 21 ? 4.492   -1.852  1.754   1.00 140.13 ? 21 A  A N3    1 
ATOM   445  C  C4    . A  A 1 21 ? 3.790   -2.984  1.572   1.00 140.48 ? 21 A  A C4    1 
ATOM   446  P  P     . G  A 1 22 ? 7.096   -7.411  -1.138  1.00 145.71 ? 22 G  A P     1 
ATOM   447  O  OP1   . G  A 1 22 ? 8.526   -7.503  -1.532  1.00 146.02 ? 22 G  A OP1   1 
ATOM   448  O  OP2   . G  A 1 22 ? 6.231   -8.619  -1.207  1.00 146.02 ? 22 G  A OP2   1 
ATOM   449  O  "O5'" . G  A 1 22 ? 7.041   -6.880  0.356   1.00 144.39 ? 22 G  A "O5'" 1 
ATOM   450  C  "C5'" . G  A 1 22 ? 8.185   -6.952  1.179   1.00 143.65 ? 22 G  A "C5'" 1 
ATOM   451  C  "C4'" . G  A 1 22 ? 8.953   -5.664  1.091   1.00 143.55 ? 22 G  A "C4'" 1 
ATOM   452  O  "O4'" . G  A 1 22 ? 8.021   -4.553  1.046   1.00 141.90 ? 22 G  A "O4'" 1 
ATOM   453  C  "C3'" . G  A 1 22 ? 9.842   -5.420  2.295   1.00 144.55 ? 22 G  A "C3'" 1 
ATOM   454  O  "O3'" . G  A 1 22 ? 11.140  -5.977  2.080   1.00 147.77 ? 22 G  A "O3'" 1 
ATOM   455  C  "C2'" . G  A 1 22 ? 9.784   -3.901  2.439   1.00 142.83 ? 22 G  A "C2'" 1 
ATOM   456  O  "O2'" . G  A 1 22 ? 10.625  -3.217  1.530   1.00 141.48 ? 22 G  A "O2'" 1 
ATOM   457  C  "C1'" . G  A 1 22 ? 8.314   -3.641  2.086   1.00 140.81 ? 22 G  A "C1'" 1 
ATOM   458  N  N9    . G  A 1 22 ? 7.355   -3.918  3.158   1.00 138.50 ? 22 G  A N9    1 
ATOM   459  C  C8    . G  A 1 22 ? 6.393   -4.906  3.145   1.00 137.52 ? 22 G  A C8    1 
ATOM   460  N  N7    . G  A 1 22 ? 5.671   -4.941  4.231   1.00 136.24 ? 22 G  A N7    1 
ATOM   461  C  C5    . G  A 1 22 ? 6.181   -3.916  5.017   1.00 135.74 ? 22 G  A C5    1 
ATOM   462  C  C6    . G  A 1 22 ? 5.803   -3.484  6.312   1.00 134.92 ? 22 G  A C6    1 
ATOM   463  O  O6    . G  A 1 22 ? 4.910   -3.929  7.042   1.00 134.54 ? 22 G  A O6    1 
ATOM   464  N  N1    . G  A 1 22 ? 6.590   -2.421  6.745   1.00 134.41 ? 22 G  A N1    1 
ATOM   465  C  C2    . G  A 1 22 ? 7.609   -1.845  6.026   1.00 134.57 ? 22 G  A C2    1 
ATOM   466  N  N2    . G  A 1 22 ? 8.261   -0.838  6.629   1.00 134.00 ? 22 G  A N2    1 
ATOM   467  N  N3    . G  A 1 22 ? 7.968   -2.230  4.810   1.00 135.28 ? 22 G  A N3    1 
ATOM   468  C  C4    . G  A 1 22 ? 7.219   -3.268  4.370   1.00 136.53 ? 22 G  A C4    1 
ATOM   469  P  P     . C  A 1 23 ? 11.605  -7.267  2.932   1.00 149.89 ? 23 C  A P     1 
ATOM   470  O  OP1   . C  A 1 23 ? 12.776  -7.875  2.247   1.00 149.73 ? 23 C  A OP1   1 
ATOM   471  O  OP2   . C  A 1 23 ? 10.412  -8.106  3.231   1.00 149.02 ? 23 C  A OP2   1 
ATOM   472  O  "O5'" . C  A 1 23 ? 12.124  -6.632  4.293   1.00 150.51 ? 23 C  A "O5'" 1 
ATOM   473  C  "C5'" . C  A 1 23 ? 12.837  -5.403  4.284   1.00 151.82 ? 23 C  A "C5'" 1 
ATOM   474  C  "C4'" . C  A 1 23 ? 12.446  -4.577  5.480   1.00 153.06 ? 23 C  A "C4'" 1 
ATOM   475  O  "O4'" . C  A 1 23 ? 11.054  -4.174  5.356   1.00 153.38 ? 23 C  A "O4'" 1 
ATOM   476  C  "C3'" . C  A 1 23 ? 12.455  -5.331  6.797   1.00 154.28 ? 23 C  A "C3'" 1 
ATOM   477  O  "O3'" . C  A 1 23 ? 13.761  -5.508  7.332   1.00 154.89 ? 23 C  A "O3'" 1 
ATOM   478  C  "C2'" . C  A 1 23 ? 11.551  -4.455  7.654   1.00 154.12 ? 23 C  A "C2'" 1 
ATOM   479  O  "O2'" . C  A 1 23 ? 12.168  -3.253  8.084   1.00 154.31 ? 23 C  A "O2'" 1 
ATOM   480  C  "C1'" . C  A 1 23 ? 10.450  -4.125  6.649   1.00 153.20 ? 23 C  A "C1'" 1 
ATOM   481  N  N1    . C  A 1 23 ? 9.332   -5.092  6.697   1.00 152.04 ? 23 C  A N1    1 
ATOM   482  C  C2    . C  A 1 23 ? 8.370   -4.958  7.709   1.00 151.38 ? 23 C  A C2    1 
ATOM   483  O  O2    . C  A 1 23 ? 8.496   -4.044  8.540   1.00 150.71 ? 23 C  A O2    1 
ATOM   484  N  N3    . C  A 1 23 ? 7.329   -5.827  7.755   1.00 151.44 ? 23 C  A N3    1 
ATOM   485  C  C4    . C  A 1 23 ? 7.229   -6.798  6.841   1.00 151.54 ? 23 C  A C4    1 
ATOM   486  N  N4    . C  A 1 23 ? 6.177   -7.624  6.913   1.00 151.18 ? 23 C  A N4    1 
ATOM   487  C  C5    . C  A 1 23 ? 8.199   -6.965  5.809   1.00 151.68 ? 23 C  A C5    1 
ATOM   488  C  C6    . C  A 1 23 ? 9.225   -6.098  5.776   1.00 151.84 ? 23 C  A C6    1 
ATOM   489  P  P     . C  A 1 24 ? 14.108  -6.864  8.127   1.00 154.92 ? 24 C  A P     1 
ATOM   490  O  OP1   . C  A 1 24 ? 15.590  -6.945  8.177   1.00 155.28 ? 24 C  A OP1   1 
ATOM   491  O  OP2   . C  A 1 24 ? 13.324  -7.990  7.541   1.00 154.63 ? 24 C  A OP2   1 
ATOM   492  O  "O5'" . C  A 1 24 ? 13.566  -6.590  9.601   1.00 153.07 ? 24 C  A "O5'" 1 
ATOM   493  C  "C5'" . C  A 1 24 ? 13.975  -5.431  10.320  1.00 150.69 ? 24 C  A "C5'" 1 
ATOM   494  C  "C4'" . C  A 1 24 ? 13.106  -5.239  11.536  1.00 149.08 ? 24 C  A "C4'" 1 
ATOM   495  O  "O4'" . C  A 1 24 ? 11.734  -5.011  11.118  1.00 149.06 ? 24 C  A "O4'" 1 
ATOM   496  C  "C3'" . C  A 1 24 ? 13.003  -6.446  12.449  1.00 148.33 ? 24 C  A "C3'" 1 
ATOM   497  O  "O3'" . C  A 1 24 ? 14.128  -6.523  13.315  1.00 146.14 ? 24 C  A "O3'" 1 
ATOM   498  C  "C2'" . C  A 1 24 ? 11.698  -6.170  13.186  1.00 148.66 ? 24 C  A "C2'" 1 
ATOM   499  O  "O2'" . C  A 1 24 ? 11.821  -5.219  14.227  1.00 148.52 ? 24 C  A "O2'" 1 
ATOM   500  C  "C1'" . C  A 1 24 ? 10.843  -5.588  12.060  1.00 148.62 ? 24 C  A "C1'" 1 
ATOM   501  N  N1    . C  A 1 24 ? 10.041  -6.611  11.372  1.00 148.41 ? 24 C  A N1    1 
ATOM   502  C  C2    . C  A 1 24 ? 8.781   -6.939  11.889  1.00 148.04 ? 24 C  A C2    1 
ATOM   503  O  O2    . C  A 1 24 ? 8.379   -6.353  12.912  1.00 147.32 ? 24 C  A O2    1 
ATOM   504  N  N3    . C  A 1 24 ? 8.037   -7.885  11.268  1.00 148.07 ? 24 C  A N3    1 
ATOM   505  C  C4    . C  A 1 24 ? 8.511   -8.497  10.178  1.00 148.11 ? 24 C  A C4    1 
ATOM   506  N  N4    . C  A 1 24 ? 7.746   -9.430  9.601   1.00 147.86 ? 24 C  A N4    1 
ATOM   507  C  C5    . C  A 1 24 ? 9.789   -8.180  9.629   1.00 148.20 ? 24 C  A C5    1 
ATOM   508  C  C6    . C  A 1 24 ? 10.513  -7.240  10.252  1.00 148.12 ? 24 C  A C6    1 
ATOM   509  P  P     . G  A 1 25 ? 14.787  -7.954  13.636  1.00 144.18 ? 25 G  A P     1 
ATOM   510  O  OP1   . G  A 1 25 ? 16.264  -7.789  13.515  1.00 143.85 ? 25 G  A OP1   1 
ATOM   511  O  OP2   . G  A 1 25 ? 14.095  -9.016  12.847  1.00 143.72 ? 25 G  A OP2   1 
ATOM   512  O  "O5'" . G  A 1 25 ? 14.427  -8.180  15.164  1.00 140.56 ? 25 G  A "O5'" 1 
ATOM   513  C  "C5'" . G  A 1 25 ? 13.511  -9.188  15.545  1.00 135.48 ? 25 G  A "C5'" 1 
ATOM   514  C  "C4'" . G  A 1 25 ? 12.358  -8.574  16.283  1.00 132.54 ? 25 G  A "C4'" 1 
ATOM   515  O  "O4'" . G  A 1 25 ? 11.401  -8.024  15.339  1.00 132.15 ? 25 G  A "O4'" 1 
ATOM   516  C  "C3'" . G  A 1 25 ? 11.545  -9.579  17.064  1.00 130.75 ? 25 G  A "C3'" 1 
ATOM   517  O  "O3'" . G  A 1 25 ? 12.210  -9.820  18.285  1.00 127.17 ? 25 G  A "O3'" 1 
ATOM   518  C  "C2'" . G  A 1 25 ? 10.211  -8.861  17.211  1.00 131.10 ? 25 G  A "C2'" 1 
ATOM   519  O  "O2'" . G  A 1 25 ? 10.212  -7.857  18.209  1.00 131.05 ? 25 G  A "O2'" 1 
ATOM   520  C  "C1'" . G  A 1 25 ? 10.077  -8.231  15.822  1.00 131.13 ? 25 G  A "C1'" 1 
ATOM   521  N  N9    . G  A 1 25 ? 9.392   -9.117  14.886  1.00 130.15 ? 25 G  A N9    1 
ATOM   522  C  C8    . G  A 1 25 ? 9.800   -9.463  13.619  1.00 129.64 ? 25 G  A C8    1 
ATOM   523  N  N7    . G  A 1 25 ? 8.991   -10.301 13.028  1.00 128.89 ? 25 G  A N7    1 
ATOM   524  C  C5    . G  A 1 25 ? 7.985   -10.520 13.959  1.00 128.77 ? 25 G  A C5    1 
ATOM   525  C  C6    . G  A 1 25 ? 6.842   -11.346 13.890  1.00 128.01 ? 25 G  A C6    1 
ATOM   526  O  O6    . G  A 1 25 ? 6.478   -12.077 12.966  1.00 127.45 ? 25 G  A O6    1 
ATOM   527  N  N1    . G  A 1 25 ? 6.088   -11.275 15.057  1.00 127.38 ? 25 G  A N1    1 
ATOM   528  C  C2    . G  A 1 25 ? 6.398   -10.506 16.152  1.00 127.51 ? 25 G  A C2    1 
ATOM   529  N  N2    . G  A 1 25 ? 5.542   -10.565 17.179  1.00 127.33 ? 25 G  A N2    1 
ATOM   530  N  N3    . G  A 1 25 ? 7.466   -9.734  16.232  1.00 128.12 ? 25 G  A N3    1 
ATOM   531  C  C4    . G  A 1 25 ? 8.212   -9.789  15.108  1.00 129.26 ? 25 G  A C4    1 
ATOM   532  P  P     . U  A 1 26 ? 13.081  -11.151 18.450  1.00 123.86 ? 26 U  A P     1 
ATOM   533  O  OP1   . U  A 1 26 ? 14.177  -10.807 19.377  1.00 124.95 ? 26 U  A OP1   1 
ATOM   534  O  OP2   . U  A 1 26 ? 13.400  -11.727 17.120  1.00 123.65 ? 26 U  A OP2   1 
ATOM   535  O  "O5'" . U  A 1 26 ? 12.079  -12.118 19.207  1.00 123.47 ? 26 U  A "O5'" 1 
ATOM   536  C  "C5'" . U  A 1 26 ? 11.460  -11.695 20.411  1.00 121.59 ? 26 U  A "C5'" 1 
ATOM   537  C  "C4'" . U  A 1 26 ? 10.149  -12.408 20.600  1.00 120.64 ? 26 U  A "C4'" 1 
ATOM   538  O  "O4'" . U  A 1 26 ? 9.168   -11.920 19.645  1.00 120.66 ? 26 U  A "O4'" 1 
ATOM   539  C  "C3'" . U  A 1 26 ? 10.173  -13.893 20.311  1.00 119.94 ? 26 U  A "C3'" 1 
ATOM   540  O  "O3'" . U  A 1 26 ? 10.769  -14.642 21.352  1.00 118.54 ? 26 U  A "O3'" 1 
ATOM   541  C  "C2'" . U  A 1 26 ? 8.690   -14.189 20.148  1.00 120.33 ? 26 U  A "C2'" 1 
ATOM   542  O  "O2'" . U  A 1 26 ? 8.010   -14.269 21.387  1.00 120.55 ? 26 U  A "O2'" 1 
ATOM   543  C  "C1'" . U  A 1 26 ? 8.237   -12.957 19.359  1.00 120.11 ? 26 U  A "C1'" 1 
ATOM   544  N  N1    . U  A 1 26 ? 8.238   -13.212 17.911  1.00 119.34 ? 26 U  A N1    1 
ATOM   545  C  C2    . U  A 1 26 ? 7.229   -14.011 17.414  1.00 119.65 ? 26 U  A C2    1 
ATOM   546  O  O2    . U  A 1 26 ? 6.345   -14.466 18.117  1.00 120.39 ? 26 U  A O2    1 
ATOM   547  N  N3    . U  A 1 26 ? 7.292   -14.262 16.067  1.00 119.20 ? 26 U  A N3    1 
ATOM   548  C  C4    . U  A 1 26 ? 8.235   -13.804 15.189  1.00 118.82 ? 26 U  A C4    1 
ATOM   549  O  O4    . U  A 1 26 ? 8.172   -14.143 14.010  1.00 119.01 ? 26 U  A O4    1 
ATOM   550  C  C5    . U  A 1 26 ? 9.234   -12.963 15.773  1.00 118.78 ? 26 U  A C5    1 
ATOM   551  C  C6    . U  A 1 26 ? 9.200   -12.701 17.082  1.00 118.68 ? 26 U  A C6    1 
ATOM   552  P  P     . A  A 1 27 ? 11.537  -16.005 20.993  1.00 117.56 ? 27 A  A P     1 
ATOM   553  O  OP1   . A  A 1 27 ? 12.281  -16.391 22.217  1.00 119.35 ? 27 A  A OP1   1 
ATOM   554  O  OP2   . A  A 1 27 ? 12.274  -15.824 19.715  1.00 116.77 ? 27 A  A OP2   1 
ATOM   555  O  "O5'" . A  A 1 27 ? 10.351  -17.051 20.762  1.00 115.37 ? 27 A  A "O5'" 1 
ATOM   556  C  "C5'" . A  A 1 27 ? 9.390   -17.306 21.787  1.00 110.45 ? 27 A  A "C5'" 1 
ATOM   557  C  "C4'" . A  A 1 27 ? 8.227   -18.108 21.245  1.00 107.04 ? 27 A  A "C4'" 1 
ATOM   558  O  "O4'" . A  A 1 27 ? 7.487   -17.311 20.283  1.00 105.41 ? 27 A  A "O4'" 1 
ATOM   559  C  "C3'" . A  A 1 27 ? 8.564   -19.379 20.482  1.00 105.03 ? 27 A  A "C3'" 1 
ATOM   560  O  "O3'" . A  A 1 27 ? 8.787   -20.477 21.357  1.00 103.16 ? 27 A  A "O3'" 1 
ATOM   561  C  "C2'" . A  A 1 27 ? 7.293   -19.595 19.678  1.00 105.13 ? 27 A  A "C2'" 1 
ATOM   562  O  "O2'" . A  A 1 27 ? 6.262   -20.147 20.472  1.00 104.86 ? 27 A  A "O2'" 1 
ATOM   563  C  "C1'" . A  A 1 27 ? 6.937   -18.161 19.286  1.00 105.02 ? 27 A  A "C1'" 1 
ATOM   564  N  N9    . A  A 1 27 ? 7.484   -17.765 17.986  1.00 104.70 ? 27 A  A N9    1 
ATOM   565  C  C8    . A  A 1 27 ? 8.533   -16.912 17.750  1.00 105.14 ? 27 A  A C8    1 
ATOM   566  N  N7    . A  A 1 27 ? 8.800   -16.738 16.479  1.00 104.66 ? 27 A  A N7    1 
ATOM   567  C  C5    . A  A 1 27 ? 7.867   -17.531 15.832  1.00 104.62 ? 27 A  A C5    1 
ATOM   568  C  C6    . A  A 1 27 ? 7.633   -17.783 14.477  1.00 104.78 ? 27 A  A C6    1 
ATOM   569  N  N6    . A  A 1 27 ? 8.350   -17.238 13.495  1.00 105.76 ? 27 A  A N6    1 
ATOM   570  N  N1    . A  A 1 27 ? 6.628   -18.625 14.160  1.00 104.06 ? 27 A  A N1    1 
ATOM   571  C  C2    . A  A 1 27 ? 5.918   -19.173 15.152  1.00 103.73 ? 27 A  A C2    1 
ATOM   572  N  N3    . A  A 1 27 ? 6.045   -19.017 16.467  1.00 103.92 ? 27 A  A N3    1 
ATOM   573  C  C4    . A  A 1 27 ? 7.050   -18.171 16.746  1.00 104.56 ? 27 A  A C4    1 
ATOM   574  P  P     . U  A 1 28 ? 9.538   -21.791 20.810  1.00 102.52 ? 28 U  A P     1 
ATOM   575  O  OP1   . U  A 1 28 ? 9.461   -22.837 21.865  1.00 102.09 ? 28 U  A OP1   1 
ATOM   576  O  OP2   . U  A 1 28 ? 10.858  -21.409 20.245  1.00 101.82 ? 28 U  A OP2   1 
ATOM   577  O  "O5'" . U  A 1 28 ? 8.635   -22.279 19.597  1.00 101.40 ? 28 U  A "O5'" 1 
ATOM   578  C  "C5'" . U  A 1 28 ? 7.380   -22.907 19.822  1.00 97.20  ? 28 U  A "C5'" 1 
ATOM   579  C  "C4'" . U  A 1 28 ? 6.770   -23.297 18.505  1.00 93.81  ? 28 U  A "C4'" 1 
ATOM   580  O  "O4'" . U  A 1 28 ? 6.581   -22.094 17.717  1.00 93.22  ? 28 U  A "O4'" 1 
ATOM   581  C  "C3'" . U  A 1 28 ? 7.650   -24.166 17.623  1.00 91.65  ? 28 U  A "C3'" 1 
ATOM   582  O  "O3'" . U  A 1 28 ? 7.522   -25.538 17.959  1.00 88.61  ? 28 U  A "O3'" 1 
ATOM   583  C  "C2'" . U  A 1 28 ? 7.083   -23.883 16.240  1.00 93.01  ? 28 U  A "C2'" 1 
ATOM   584  O  "O2'" . U  A 1 28 ? 5.899   -24.603 15.967  1.00 94.05  ? 28 U  A "O2'" 1 
ATOM   585  C  "C1'" . U  A 1 28 ? 6.759   -22.393 16.346  1.00 93.79  ? 28 U  A "C1'" 1 
ATOM   586  N  N1    . U  A 1 28 ? 7.840   -21.554 15.816  1.00 94.75  ? 28 U  A N1    1 
ATOM   587  C  C2    . U  A 1 28 ? 7.978   -21.498 14.448  1.00 96.00  ? 28 U  A C2    1 
ATOM   588  O  O2    . U  A 1 28 ? 7.219   -22.078 13.686  1.00 97.63  ? 28 U  A O2    1 
ATOM   589  N  N3    . U  A 1 28 ? 9.028   -20.738 14.001  1.00 95.67  ? 28 U  A N3    1 
ATOM   590  C  C4    . U  A 1 28 ? 9.922   -20.037 14.767  1.00 94.83  ? 28 U  A C4    1 
ATOM   591  O  O4    . U  A 1 28 ? 10.832  -19.418 14.220  1.00 95.72  ? 28 U  A O4    1 
ATOM   592  C  C5    . U  A 1 28 ? 9.697   -20.125 16.172  1.00 94.87  ? 28 U  A C5    1 
ATOM   593  C  C6    . U  A 1 28 ? 8.687   -20.864 16.638  1.00 94.73  ? 28 U  A C6    1 
ATOM   594  P  P     . G  A 1 29 ? 8.414   -26.626 17.190  1.00 87.43  ? 29 G  A P     1 
ATOM   595  O  OP1   . G  A 1 29 ? 8.378   -27.897 17.938  1.00 87.38  ? 29 G  A OP1   1 
ATOM   596  O  OP2   . G  A 1 29 ? 9.717   -25.991 16.872  1.00 88.02  ? 29 G  A OP2   1 
ATOM   597  O  "O5'" . G  A 1 29 ? 7.653   -26.866 15.818  1.00 86.55  ? 29 G  A "O5'" 1 
ATOM   598  C  "C5'" . G  A 1 29 ? 6.403   -27.535 15.787  1.00 83.05  ? 29 G  A "C5'" 1 
ATOM   599  C  "C4'" . G  A 1 29 ? 6.153   -28.056 14.403  1.00 80.58  ? 29 G  A "C4'" 1 
ATOM   600  O  "O4'" . G  A 1 29 ? 5.928   -26.952 13.496  1.00 78.87  ? 29 G  A "O4'" 1 
ATOM   601  C  "C3'" . G  A 1 29 ? 7.360   -28.747 13.822  1.00 79.92  ? 29 G  A "C3'" 1 
ATOM   602  O  "O3'" . G  A 1 29 ? 7.371   -30.095 14.204  1.00 80.63  ? 29 G  A "O3'" 1 
ATOM   603  C  "C2'" . G  A 1 29 ? 7.126   -28.631 12.334  1.00 78.66  ? 29 G  A "C2'" 1 
ATOM   604  O  "O2'" . G  A 1 29 ? 6.196   -29.595 11.910  1.00 80.22  ? 29 G  A "O2'" 1 
ATOM   605  C  "C1'" . G  A 1 29 ? 6.501   -27.243 12.240  1.00 78.28  ? 29 G  A "C1'" 1 
ATOM   606  N  N9    . G  A 1 29 ? 7.465   -26.198 11.939  1.00 77.90  ? 29 G  A N9    1 
ATOM   607  C  C8    . G  A 1 29 ? 8.012   -25.314 12.825  1.00 77.62  ? 29 G  A C8    1 
ATOM   608  N  N7    . G  A 1 29 ? 8.835   -24.475 12.263  1.00 79.04  ? 29 G  A N7    1 
ATOM   609  C  C5    . G  A 1 29 ? 8.831   -24.832 10.924  1.00 79.38  ? 29 G  A C5    1 
ATOM   610  C  C6    . G  A 1 29 ? 9.530   -24.280 9.821   1.00 80.17  ? 29 G  A C6    1 
ATOM   611  O  O6    . G  A 1 29 ? 10.324  -23.339 9.806   1.00 82.08  ? 29 G  A O6    1 
ATOM   612  N  N1    . G  A 1 29 ? 9.237   -24.944 8.643   1.00 80.05  ? 29 G  A N1    1 
ATOM   613  C  C2    . G  A 1 29 ? 8.393   -26.006 8.534   1.00 80.43  ? 29 G  A C2    1 
ATOM   614  N  N2    . G  A 1 29 ? 8.261   -26.518 7.307   1.00 80.86  ? 29 G  A N2    1 
ATOM   615  N  N3    . G  A 1 29 ? 7.730   -26.533 9.551   1.00 80.83  ? 29 G  A N3    1 
ATOM   616  C  C4    . G  A 1 29 ? 7.995   -25.896 10.708  1.00 79.16  ? 29 G  A C4    1 
ATOM   617  P  P     . C  A 1 30 ? 8.745   -30.893 14.139  1.00 82.51  ? 30 C  A P     1 
ATOM   618  O  OP1   . C  A 1 30 ? 8.501   -32.264 14.666  1.00 79.53  ? 30 C  A OP1   1 
ATOM   619  O  OP2   . C  A 1 30 ? 9.745   -29.991 14.782  1.00 81.20  ? 30 C  A OP2   1 
ATOM   620  O  "O5'" . C  A 1 30 ? 9.063   -30.986 12.587  1.00 79.76  ? 30 C  A "O5'" 1 
ATOM   621  C  "C5'" . C  A 1 30 ? 8.285   -31.817 11.758  1.00 79.85  ? 30 C  A "C5'" 1 
ATOM   622  C  "C4'" . C  A 1 30 ? 8.662   -31.611 10.326  1.00 80.38  ? 30 C  A "C4'" 1 
ATOM   623  O  "O4'" . C  A 1 30 ? 8.484   -30.216 10.004  1.00 81.22  ? 30 C  A "O4'" 1 
ATOM   624  C  "C3'" . C  A 1 30 ? 10.117  -31.836 9.994   1.00 81.24  ? 30 C  A "C3'" 1 
ATOM   625  O  "O3'" . C  A 1 30 ? 10.388  -33.218 9.860   1.00 84.43  ? 30 C  A "O3'" 1 
ATOM   626  C  "C2'" . C  A 1 30 ? 10.259  -31.068 8.689   1.00 80.01  ? 30 C  A "C2'" 1 
ATOM   627  O  "O2'" . C  A 1 30 ? 9.711   -31.733 7.576   1.00 78.50  ? 30 C  A "O2'" 1 
ATOM   628  C  "C1'" . C  A 1 30 ? 9.387   -29.852 8.976   1.00 80.87  ? 30 C  A "C1'" 1 
ATOM   629  N  N1    . C  A 1 30 ? 10.152  -28.700 9.436   1.00 82.08  ? 30 C  A N1    1 
ATOM   630  C  C2    . C  A 1 30 ? 10.951  -28.031 8.526   1.00 82.40  ? 30 C  A C2    1 
ATOM   631  O  O2    . C  A 1 30 ? 11.004  -28.453 7.360   1.00 80.85  ? 30 C  A O2    1 
ATOM   632  N  N3    . C  A 1 30 ? 11.651  -26.947 8.934   1.00 84.08  ? 30 C  A N3    1 
ATOM   633  C  C4    . C  A 1 30 ? 11.573  -26.545 10.209  1.00 84.64  ? 30 C  A C4    1 
ATOM   634  N  N4    . C  A 1 30 ? 12.276  -25.465 10.579  1.00 85.41  ? 30 C  A N4    1 
ATOM   635  C  C5    . C  A 1 30 ? 10.770  -27.225 11.163  1.00 83.78  ? 30 C  A C5    1 
ATOM   636  C  C6    . C  A 1 30 ? 10.079  -28.285 10.735  1.00 83.33  ? 30 C  A C6    1 
ATOM   637  P  P     . G  A 1 31 ? 11.854  -33.763 10.204  1.00 87.05  ? 31 G  A P     1 
ATOM   638  O  OP1   . G  A 1 31 ? 11.817  -35.251 10.170  1.00 86.53  ? 31 G  A OP1   1 
ATOM   639  O  OP2   . G  A 1 31 ? 12.296  -33.065 11.443  1.00 85.72  ? 31 G  A OP2   1 
ATOM   640  O  "O5'" . G  A 1 31 ? 12.715  -33.277 8.950   1.00 86.07  ? 31 G  A "O5'" 1 
ATOM   641  C  "C5'" . G  A 1 31 ? 12.494  -33.874 7.669   1.00 86.12  ? 31 G  A "C5'" 1 
ATOM   642  C  "C4'" . G  A 1 31 ? 13.389  -33.260 6.613   1.00 86.44  ? 31 G  A "C4'" 1 
ATOM   643  O  "O4'" . G  A 1 31 ? 13.026  -31.871 6.390   1.00 85.25  ? 31 G  A "O4'" 1 
ATOM   644  C  "C3'" . G  A 1 31 ? 14.878  -33.193 6.903   1.00 87.64  ? 31 G  A "C3'" 1 
ATOM   645  O  "O3'" . G  A 1 31 ? 15.559  -34.432 6.687   1.00 88.96  ? 31 G  A "O3'" 1 
ATOM   646  C  "C2'" . G  A 1 31 ? 15.315  -32.130 5.909   1.00 86.22  ? 31 G  A "C2'" 1 
ATOM   647  O  "O2'" . G  A 1 31 ? 15.321  -32.637 4.589   1.00 86.11  ? 31 G  A "O2'" 1 
ATOM   648  C  "C1'" . G  A 1 31 ? 14.182  -31.120 6.059   1.00 83.60  ? 31 G  A "C1'" 1 
ATOM   649  N  N9    . G  A 1 31 ? 14.425  -30.175 7.143   1.00 81.57  ? 31 G  A N9    1 
ATOM   650  C  C8    . G  A 1 31 ? 13.852  -30.190 8.392   1.00 81.32  ? 31 G  A C8    1 
ATOM   651  N  N7    . G  A 1 31 ? 14.237  -29.194 9.146   1.00 80.00  ? 31 G  A N7    1 
ATOM   652  C  C5    . G  A 1 31 ? 15.126  -28.485 8.350   1.00 80.30  ? 31 G  A C5    1 
ATOM   653  C  C6    . G  A 1 31 ? 15.862  -27.304 8.624   1.00 80.60  ? 31 G  A C6    1 
ATOM   654  O  O6    . G  A 1 31 ? 15.867  -26.622 9.657   1.00 81.78  ? 31 G  A O6    1 
ATOM   655  N  N1    . G  A 1 31 ? 16.648  -26.927 7.541   1.00 79.03  ? 31 G  A N1    1 
ATOM   656  C  C2    . G  A 1 31 ? 16.711  -27.596 6.349   1.00 79.31  ? 31 G  A C2    1 
ATOM   657  N  N2    . G  A 1 31 ? 17.517  -27.064 5.432   1.00 80.79  ? 31 G  A N2    1 
ATOM   658  N  N3    . G  A 1 31 ? 16.031  -28.699 6.076   1.00 79.27  ? 31 G  A N3    1 
ATOM   659  C  C4    . G  A 1 31 ? 15.261  -29.082 7.113   1.00 80.39  ? 31 G  A C4    1 
ATOM   660  P  P     . A  A 1 32 ? 16.949  -34.706 7.451   1.00 89.24  ? 32 A  A P     1 
ATOM   661  O  OP1   . A  A 1 32 ? 17.408  -36.062 7.064   1.00 88.26  ? 32 A  A OP1   1 
ATOM   662  O  OP2   . A  A 1 32 ? 16.808  -34.351 8.895   1.00 87.26  ? 32 A  A OP2   1 
ATOM   663  O  "O5'" . A  A 1 32 ? 17.921  -33.655 6.774   1.00 87.28  ? 32 A  A "O5'" 1 
ATOM   664  C  "C5'" . A  A 1 32 ? 18.107  -33.679 5.377   1.00 87.24  ? 32 A  A "C5'" 1 
ATOM   665  C  "C4'" . A  A 1 32 ? 19.172  -32.703 5.000   1.00 88.55  ? 32 A  A "C4'" 1 
ATOM   666  O  "O4'" . A  A 1 32 ? 18.686  -31.346 5.175   1.00 88.20  ? 32 A  A "O4'" 1 
ATOM   667  C  "C3'" . A  A 1 32 ? 20.386  -32.740 5.893   1.00 89.08  ? 32 A  A "C3'" 1 
ATOM   668  O  "O3'" . A  A 1 32 ? 21.245  -33.805 5.546   1.00 91.91  ? 32 A  A "O3'" 1 
ATOM   669  C  "C2'" . A  A 1 32 ? 21.000  -31.394 5.586   1.00 88.27  ? 32 A  A "C2'" 1 
ATOM   670  O  "O2'" . A  A 1 32 ? 21.562  -31.421 4.291   1.00 88.13  ? 32 A  A "O2'" 1 
ATOM   671  C  "C1'" . A  A 1 32 ? 19.751  -30.513 5.589   1.00 86.30  ? 32 A  A "C1'" 1 
ATOM   672  N  N9    . A  A 1 32 ? 19.419  -30.013 6.920   1.00 84.05  ? 32 A  A N9    1 
ATOM   673  C  C8    . A  A 1 32 ? 18.618  -30.608 7.865   1.00 82.91  ? 32 A  A C8    1 
ATOM   674  N  N7    . A  A 1 32 ? 18.485  -29.901 8.963   1.00 81.46  ? 32 A  A N7    1 
ATOM   675  C  C5    . A  A 1 32 ? 19.254  -28.770 8.725   1.00 80.79  ? 32 A  A C5    1 
ATOM   676  C  C6    . A  A 1 32 ? 19.522  -27.636 9.499   1.00 79.50  ? 32 A  A C6    1 
ATOM   677  N  N6    . A  A 1 32 ? 19.018  -27.439 10.711  1.00 80.75  ? 32 A  A N6    1 
ATOM   678  N  N1    . A  A 1 32 ? 20.334  -26.699 8.981   1.00 78.02  ? 32 A  A N1    1 
ATOM   679  C  C2    . A  A 1 32 ? 20.836  -26.897 7.761   1.00 80.16  ? 32 A  A C2    1 
ATOM   680  N  N3    . A  A 1 32 ? 20.655  -27.919 6.927   1.00 80.83  ? 32 A  A N3    1 
ATOM   681  C  C4    . A  A 1 32 ? 19.843  -28.832 7.477   1.00 82.06  ? 32 A  A C4    1 
ATOM   682  P  P     . U  A 1 33 ? 22.244  -34.385 6.654   1.00 95.66  ? 33 U  A P     1 
ATOM   683  O  OP1   . U  A 1 33 ? 23.064  -35.394 5.931   1.00 95.36  ? 33 U  A OP1   1 
ATOM   684  O  OP2   . U  A 1 33 ? 21.502  -34.787 7.889   1.00 93.14  ? 33 U  A OP2   1 
ATOM   685  O  "O5'" . U  A 1 33 ? 23.141  -33.110 7.013   1.00 94.53  ? 33 U  A "O5'" 1 
ATOM   686  C  "C5'" . U  A 1 33 ? 23.988  -32.514 6.030   1.00 93.13  ? 33 U  A "C5'" 1 
ATOM   687  C  "C4'" . U  A 1 33 ? 24.750  -31.346 6.618   1.00 92.65  ? 33 U  A "C4'" 1 
ATOM   688  O  "O4'" . U  A 1 33 ? 23.851  -30.231 6.848   1.00 91.92  ? 33 U  A "O4'" 1 
ATOM   689  C  "C3'" . U  A 1 33 ? 25.372  -31.572 7.979   1.00 92.91  ? 33 U  A "C3'" 1 
ATOM   690  O  "O3'" . U  A 1 33 ? 26.580  -32.306 7.922   1.00 93.54  ? 33 U  A "O3'" 1 
ATOM   691  C  "C2'" . U  A 1 33 ? 25.573  -30.149 8.469   1.00 92.21  ? 33 U  A "C2'" 1 
ATOM   692  O  "O2'" . U  A 1 33 ? 26.697  -29.518 7.903   1.00 92.51  ? 33 U  A "O2'" 1 
ATOM   693  C  "C1'" . U  A 1 33 ? 24.287  -29.493 7.975   1.00 91.45  ? 33 U  A "C1'" 1 
ATOM   694  N  N1    . U  A 1 33 ? 23.261  -29.606 9.012   1.00 91.44  ? 33 U  A N1    1 
ATOM   695  C  C2    . U  A 1 33 ? 23.244  -28.640 9.981   1.00 92.14  ? 33 U  A C2    1 
ATOM   696  O  O2    . U  A 1 33 ? 23.976  -27.675 9.952   1.00 93.00  ? 33 U  A O2    1 
ATOM   697  N  N3    . U  A 1 33 ? 22.334  -28.840 10.985  1.00 92.93  ? 33 U  A N3    1 
ATOM   698  C  C4    . U  A 1 33 ? 21.448  -29.888 11.099  1.00 94.43  ? 33 U  A C4    1 
ATOM   699  O  O4    . U  A 1 33 ? 20.748  -29.985 12.112  1.00 95.21  ? 33 U  A O4    1 
ATOM   700  C  C5    . U  A 1 33 ? 21.499  -30.828 10.018  1.00 94.19  ? 33 U  A C5    1 
ATOM   701  C  C6    . U  A 1 33 ? 22.383  -30.653 9.034   1.00 92.62  ? 33 U  A C6    1 
ATOM   702  P  P     . G  A 1 34 ? 26.957  -33.267 9.147   1.00 94.79  ? 34 G  A P     1 
ATOM   703  O  OP1   . G  A 1 34 ? 28.206  -33.975 8.788   1.00 95.27  ? 34 G  A OP1   1 
ATOM   704  O  OP2   . G  A 1 34 ? 25.756  -34.050 9.517   1.00 96.00  ? 34 G  A OP2   1 
ATOM   705  O  "O5'" . G  A 1 34 ? 27.245  -32.245 10.327  1.00 92.38  ? 34 G  A "O5'" 1 
ATOM   706  C  "C5'" . G  A 1 34 ? 28.260  -31.284 10.177  1.00 91.43  ? 34 G  A "C5'" 1 
ATOM   707  C  "C4'" . G  A 1 34 ? 28.343  -30.425 11.397  1.00 91.05  ? 34 G  A "C4'" 1 
ATOM   708  O  "O4'" . G  A 1 34 ? 27.209  -29.528 11.436  1.00 90.81  ? 34 G  A "O4'" 1 
ATOM   709  C  "C3'" . G  A 1 34 ? 28.239  -31.149 12.721  1.00 91.01  ? 34 G  A "C3'" 1 
ATOM   710  O  "O3'" . G  A 1 34 ? 29.421  -31.841 13.083  1.00 91.34  ? 34 G  A "O3'" 1 
ATOM   711  C  "C2'" . G  A 1 34 ? 27.902  -30.000 13.658  1.00 91.04  ? 34 G  A "C2'" 1 
ATOM   712  O  "O2'" . G  A 1 34 ? 29.026  -29.230 14.050  1.00 89.75  ? 34 G  A "O2'" 1 
ATOM   713  C  "C1'" . G  A 1 34 ? 26.920  -29.201 12.789  1.00 91.02  ? 34 G  A "C1'" 1 
ATOM   714  N  N9    . G  A 1 34 ? 25.561  -29.637 13.090  1.00 90.07  ? 34 G  A N9    1 
ATOM   715  C  C8    . G  A 1 34 ? 24.918  -30.741 12.592  1.00 90.49  ? 34 G  A C8    1 
ATOM   716  N  N7    . G  A 1 34 ? 23.764  -30.955 13.159  1.00 89.96  ? 34 G  A N7    1 
ATOM   717  C  C5    . G  A 1 34 ? 23.628  -29.914 14.060  1.00 88.35  ? 34 G  A C5    1 
ATOM   718  C  C6    . G  A 1 34 ? 22.607  -29.640 14.979  1.00 88.96  ? 34 G  A C6    1 
ATOM   719  O  O6    . G  A 1 34 ? 21.592  -30.290 15.216  1.00 90.91  ? 34 G  A O6    1 
ATOM   720  N  N1    . G  A 1 34 ? 22.855  -28.478 15.682  1.00 89.17  ? 34 G  A N1    1 
ATOM   721  C  C2    . G  A 1 34 ? 23.958  -27.689 15.530  1.00 88.03  ? 34 G  A C2    1 
ATOM   722  N  N2    . G  A 1 34 ? 24.007  -26.599 16.299  1.00 88.61  ? 34 G  A N2    1 
ATOM   723  N  N3    . G  A 1 34 ? 24.934  -27.946 14.688  1.00 86.80  ? 34 G  A N3    1 
ATOM   724  C  C4    . G  A 1 34 ? 24.706  -29.068 13.994  1.00 87.93  ? 34 G  A C4    1 
ATOM   725  P  P     . A  A 1 35 ? 29.290  -33.285 13.765  1.00 91.56  ? 35 A  A P     1 
ATOM   726  O  OP1   . A  A 1 35 ? 30.539  -34.030 13.497  1.00 92.34  ? 35 A  A OP1   1 
ATOM   727  O  OP2   . A  A 1 35 ? 28.001  -33.848 13.291  1.00 93.18  ? 35 A  A OP2   1 
ATOM   728  O  "O5'" . A  A 1 35 ? 29.175  -32.947 15.322  1.00 87.53  ? 35 A  A "O5'" 1 
ATOM   729  C  "C5'" . A  A 1 35 ? 28.398  -33.766 16.203  1.00 83.20  ? 35 A  A "C5'" 1 
ATOM   730  C  "C4'" . A  A 1 35 ? 28.471  -33.231 17.621  1.00 80.65  ? 35 A  A "C4'" 1 
ATOM   731  O  "O4'" . A  A 1 35 ? 29.861  -32.951 17.898  1.00 78.15  ? 35 A  A "O4'" 1 
ATOM   732  C  "C3'" . A  A 1 35 ? 27.740  -31.916 17.889  1.00 80.48  ? 35 A  A "C3'" 1 
ATOM   733  O  "O3'" . A  A 1 35 ? 26.392  -32.165 18.302  1.00 81.93  ? 35 A  A "O3'" 1 
ATOM   734  C  "C2'" . A  A 1 35 ? 28.587  -31.245 18.978  1.00 77.51  ? 35 A  A "C2'" 1 
ATOM   735  O  "O2'" . A  A 1 35 ? 28.303  -31.574 20.323  1.00 75.49  ? 35 A  A "O2'" 1 
ATOM   736  C  "C1'" . A  A 1 35 ? 29.983  -31.749 18.633  1.00 74.44  ? 35 A  A "C1'" 1 
ATOM   737  N  N9    . A  A 1 35 ? 30.805  -30.829 17.855  1.00 69.68  ? 35 A  A N9    1 
ATOM   738  C  C8    . A  A 1 35 ? 31.350  -31.020 16.607  1.00 68.34  ? 35 A  A C8    1 
ATOM   739  N  N7    . A  A 1 35 ? 32.111  -30.029 16.211  1.00 68.63  ? 35 A  A N7    1 
ATOM   740  C  C5    . A  A 1 35 ? 32.048  -29.122 17.264  1.00 66.64  ? 35 A  A C5    1 
ATOM   741  C  C6    . A  A 1 35 ? 32.642  -27.860 17.466  1.00 67.19  ? 35 A  A C6    1 
ATOM   742  N  N6    . A  A 1 35 ? 33.523  -27.311 16.621  1.00 67.92  ? 35 A  A N6    1 
ATOM   743  N  N1    . A  A 1 35 ? 32.315  -27.185 18.594  1.00 65.36  ? 35 A  A N1    1 
ATOM   744  C  C2    . A  A 1 35 ? 31.487  -27.773 19.470  1.00 64.61  ? 35 A  A C2    1 
ATOM   745  N  N3    . A  A 1 35 ? 30.903  -28.969 19.409  1.00 63.52  ? 35 A  A N3    1 
ATOM   746  C  C4    . A  A 1 35 ? 31.225  -29.592 18.266  1.00 65.99  ? 35 A  A C4    1 
ATOM   747  P  P     . A  A 1 36 ? 25.181  -31.359 17.613  1.00 82.06  ? 36 A  A P     1 
ATOM   748  O  OP1   . A  A 1 36 ? 23.928  -32.045 18.001  1.00 83.26  ? 36 A  A OP1   1 
ATOM   749  O  OP2   . A  A 1 36 ? 25.490  -31.189 16.164  1.00 82.07  ? 36 A  A OP2   1 
ATOM   750  O  "O5'" . A  A 1 36 ? 25.219  -29.955 18.358  1.00 75.06  ? 36 A  A "O5'" 1 
ATOM   751  C  "C5'" . A  A 1 36 ? 24.942  -29.876 19.737  1.00 70.27  ? 36 A  A "C5'" 1 
ATOM   752  C  "C4'" . A  A 1 36 ? 25.656  -28.698 20.316  1.00 71.54  ? 36 A  A "C4'" 1 
ATOM   753  O  "O4'" . A  A 1 36 ? 27.007  -28.781 19.828  1.00 70.30  ? 36 A  A "O4'" 1 
ATOM   754  C  "C3'" . A  A 1 36 ? 25.196  -27.328 19.834  1.00 72.68  ? 36 A  A "C3'" 1 
ATOM   755  O  "O3'" . A  A 1 36 ? 24.114  -26.832 20.622  1.00 76.25  ? 36 A  A "O3'" 1 
ATOM   756  C  "C2'" . A  A 1 36 ? 26.447  -26.467 20.003  1.00 70.01  ? 36 A  A "C2'" 1 
ATOM   757  O  "O2'" . A  A 1 36 ? 26.629  -25.963 21.307  1.00 67.78  ? 36 A  A "O2'" 1 
ATOM   758  C  "C1'" . A  A 1 36 ? 27.546  -27.479 19.696  1.00 68.45  ? 36 A  A "C1'" 1 
ATOM   759  N  N9    . A  A 1 36 ? 28.129  -27.371 18.367  1.00 65.36  ? 36 A  A N9    1 
ATOM   760  C  C8    . A  A 1 36 ? 28.010  -28.239 17.306  1.00 64.00  ? 36 A  A C8    1 
ATOM   761  N  N7    . A  A 1 36 ? 28.732  -27.898 16.264  1.00 62.44  ? 36 A  A N7    1 
ATOM   762  C  C5    . A  A 1 36 ? 29.348  -26.723 16.665  1.00 62.29  ? 36 A  A C5    1 
ATOM   763  C  C6    . A  A 1 36 ? 30.244  -25.883 16.027  1.00 63.48  ? 36 A  A C6    1 
ATOM   764  N  N6    . A  A 1 36 ? 30.719  -26.120 14.804  1.00 64.69  ? 36 A  A N6    1 
ATOM   765  N  N1    . A  A 1 36 ? 30.659  -24.778 16.692  1.00 64.16  ? 36 A  A N1    1 
ATOM   766  C  C2    . A  A 1 36 ? 30.199  -24.569 17.934  1.00 64.22  ? 36 A  A C2    1 
ATOM   767  N  N3    . A  A 1 36 ? 29.357  -25.305 18.649  1.00 63.63  ? 36 A  A N3    1 
ATOM   768  C  C4    . A  A 1 36 ? 28.966  -26.377 17.947  1.00 63.12  ? 36 A  A C4    1 
ATOM   769  P  P     . A  A 1 37 ? 23.081  -25.777 19.981  1.00 76.99  ? 37 A  A P     1 
ATOM   770  O  OP1   . A  A 1 37 ? 22.027  -25.471 20.988  1.00 77.00  ? 37 A  A OP1   1 
ATOM   771  O  OP2   . A  A 1 37 ? 22.700  -26.304 18.644  1.00 74.19  ? 37 A  A OP2   1 
ATOM   772  O  "O5'" . A  A 1 37 ? 23.952  -24.454 19.823  1.00 75.57  ? 37 A  A "O5'" 1 
ATOM   773  C  "C5'" . A  A 1 37 ? 24.288  -23.652 20.959  1.00 73.01  ? 37 A  A "C5'" 1 
ATOM   774  C  "C4'" . A  A 1 37 ? 25.116  -22.469 20.513  1.00 72.40  ? 37 A  A "C4'" 1 
ATOM   775  O  "O4'" . A  A 1 37 ? 26.382  -22.950 19.998  1.00 70.59  ? 37 A  A "O4'" 1 
ATOM   776  C  "C3'" . A  A 1 37 ? 24.506  -21.697 19.356  1.00 72.22  ? 37 A  A "C3'" 1 
ATOM   777  O  "O3'" . A  A 1 37 ? 23.637  -20.678 19.832  1.00 74.34  ? 37 A  A "O3'" 1 
ATOM   778  C  "C2'" . A  A 1 37 ? 25.723  -21.112 18.665  1.00 69.99  ? 37 A  A "C2'" 1 
ATOM   779  O  "O2'" . A  A 1 37 ? 26.220  -19.973 19.325  1.00 73.35  ? 37 A  A "O2'" 1 
ATOM   780  C  "C1'" . A  A 1 37 ? 26.726  -22.242 18.821  1.00 67.97  ? 37 A  A "C1'" 1 
ATOM   781  N  N9    . A  A 1 37 ? 26.684  -23.184 17.714  1.00 65.24  ? 37 A  A N9    1 
ATOM   782  C  C8    . A  A 1 37 ? 25.868  -24.264 17.595  1.00 65.06  ? 37 A  A C8    1 
ATOM   783  N  N7    . A  A 1 37 ? 26.078  -24.963 16.512  1.00 64.70  ? 37 A  A N7    1 
ATOM   784  C  C5    . A  A 1 37 ? 27.100  -24.289 15.873  1.00 63.27  ? 37 A  A C5    1 
ATOM   785  C  C6    . A  A 1 37 ? 27.783  -24.533 14.675  1.00 64.30  ? 37 A  A C6    1 
ATOM   786  N  N6    . A  A 1 37 ? 27.541  -25.580 13.881  1.00 66.52  ? 37 A  A N6    1 
ATOM   787  N  N1    . A  A 1 37 ? 28.744  -23.660 14.311  1.00 65.14  ? 37 A  A N1    1 
ATOM   788  C  C2    . A  A 1 37 ? 28.993  -22.623 15.112  1.00 65.92  ? 37 A  A C2    1 
ATOM   789  N  N3    . A  A 1 37 ? 28.423  -22.296 16.270  1.00 66.79  ? 37 A  A N3    1 
ATOM   790  C  C4    . A  A 1 37 ? 27.473  -23.183 16.595  1.00 64.22  ? 37 A  A C4    1 
ATOM   791  P  P     . G  A 1 38 ? 22.506  -20.084 18.856  1.00 75.99  ? 38 G  A P     1 
ATOM   792  O  OP1   . G  A 1 38 ? 21.804  -18.993 19.587  1.00 74.50  ? 38 G  A OP1   1 
ATOM   793  O  OP2   . G  A 1 38 ? 21.734  -21.231 18.271  1.00 73.52  ? 38 G  A OP2   1 
ATOM   794  O  "O5'" . G  A 1 38 ? 23.338  -19.379 17.698  1.00 74.56  ? 38 G  A "O5'" 1 
ATOM   795  C  "C5'" . G  A 1 38 ? 22.873  -19.383 16.359  1.00 72.13  ? 38 G  A "C5'" 1 
ATOM   796  C  "C4'" . G  A 1 38 ? 23.996  -19.748 15.426  1.00 69.66  ? 38 G  A "C4'" 1 
ATOM   797  O  "O4'" . G  A 1 38 ? 24.410  -21.109 15.686  1.00 68.92  ? 38 G  A "O4'" 1 
ATOM   798  C  "C3'" . G  A 1 38 ? 23.595  -19.787 13.971  1.00 70.14  ? 38 G  A "C3'" 1 
ATOM   799  O  "O3'" . G  A 1 38 ? 23.617  -18.474 13.451  1.00 71.66  ? 38 G  A "O3'" 1 
ATOM   800  C  "C2'" . G  A 1 38 ? 24.657  -20.685 13.368  1.00 68.99  ? 38 G  A "C2'" 1 
ATOM   801  O  "O2'" . G  A 1 38 ? 25.881  -20.017 13.188  1.00 70.41  ? 38 G  A "O2'" 1 
ATOM   802  C  "C1'" . G  A 1 38 ? 24.831  -21.710 14.477  1.00 67.95  ? 38 G  A "C1'" 1 
ATOM   803  N  N9    . G  A 1 38 ? 24.033  -22.903 14.288  1.00 67.29  ? 38 G  A N9    1 
ATOM   804  C  C8    . G  A 1 38 ? 23.033  -23.343 15.107  1.00 68.77  ? 38 G  A C8    1 
ATOM   805  N  N7    . G  A 1 38 ? 22.533  -24.488 14.732  1.00 69.61  ? 38 G  A N7    1 
ATOM   806  C  C5    . G  A 1 38 ? 23.240  -24.808 13.587  1.00 67.85  ? 38 G  A C5    1 
ATOM   807  C  C6    . G  A 1 38 ? 23.146  -25.936 12.749  1.00 68.78  ? 38 G  A C6    1 
ATOM   808  O  O6    . G  A 1 38 ? 22.411  -26.933 12.867  1.00 70.52  ? 38 G  A O6    1 
ATOM   809  N  N1    . G  A 1 38 ? 24.027  -25.850 11.687  1.00 67.96  ? 38 G  A N1    1 
ATOM   810  C  C2    . G  A 1 38 ? 24.893  -24.818 11.468  1.00 68.81  ? 38 G  A C2    1 
ATOM   811  N  N2    . G  A 1 38 ? 25.655  -24.927 10.374  1.00 71.35  ? 38 G  A N2    1 
ATOM   812  N  N3    . G  A 1 38 ? 25.004  -23.759 12.254  1.00 68.04  ? 38 G  A N3    1 
ATOM   813  C  C4    . G  A 1 38 ? 24.152  -23.824 13.287  1.00 67.38  ? 38 G  A C4    1 
ATOM   814  P  P     . U  A 1 39 ? 22.349  -17.933 12.633  1.00 72.37  ? 39 U  A P     1 
ATOM   815  O  OP1   . U  A 1 39 ? 22.459  -16.438 12.642  1.00 69.91  ? 39 U  A OP1   1 
ATOM   816  O  OP2   . U  A 1 39 ? 21.117  -18.587 13.160  1.00 72.08  ? 39 U  A OP2   1 
ATOM   817  O  "O5'" . U  A 1 39 ? 22.608  -18.532 11.186  1.00 69.02  ? 39 U  A "O5'" 1 
ATOM   818  C  "C5'" . U  A 1 39 ? 23.825  -18.261 10.530  1.00 68.65  ? 39 U  A "C5'" 1 
ATOM   819  C  "C4'" . U  A 1 39 ? 24.090  -19.301 9.487   1.00 68.37  ? 39 U  A "C4'" 1 
ATOM   820  O  "O4'" . U  A 1 39 ? 24.238  -20.584 10.119  1.00 66.62  ? 39 U  A "O4'" 1 
ATOM   821  C  "C3'" . U  A 1 39 ? 22.954  -19.552 8.532   1.00 69.42  ? 39 U  A "C3'" 1 
ATOM   822  O  "O3'" . U  A 1 39 ? 22.906  -18.556 7.543   1.00 73.77  ? 39 U  A "O3'" 1 
ATOM   823  C  "C2'" . U  A 1 39 ? 23.330  -20.901 7.962   1.00 67.31  ? 39 U  A "C2'" 1 
ATOM   824  O  "O2'" . U  A 1 39 ? 24.357  -20.808 7.003   1.00 66.86  ? 39 U  A "O2'" 1 
ATOM   825  C  "C1'" . U  A 1 39 ? 23.855  -21.591 9.213   1.00 65.90  ? 39 U  A "C1'" 1 
ATOM   826  N  N1    . U  A 1 39 ? 22.819  -22.380 9.865   1.00 64.87  ? 39 U  A N1    1 
ATOM   827  C  C2    . U  A 1 39 ? 22.499  -23.591 9.294   1.00 65.19  ? 39 U  A C2    1 
ATOM   828  O  O2    . U  A 1 39 ? 23.027  -23.996 8.259   1.00 65.05  ? 39 U  A O2    1 
ATOM   829  N  N3    . U  A 1 39 ? 21.542  -24.311 9.971   1.00 65.36  ? 39 U  A N3    1 
ATOM   830  C  C4    . U  A 1 39 ? 20.892  -23.933 11.134  1.00 65.24  ? 39 U  A C4    1 
ATOM   831  O  O4    . U  A 1 39 ? 20.073  -24.699 11.646  1.00 65.61  ? 39 U  A O4    1 
ATOM   832  C  C5    . U  A 1 39 ? 21.278  -22.649 11.646  1.00 65.37  ? 39 U  A C5    1 
ATOM   833  C  C6    . U  A 1 39 ? 22.205  -21.933 11.004  1.00 64.71  ? 39 U  A C6    1 
ATOM   834  P  P     . C  A 1 40 ? 21.497  -18.184 6.908   1.00 76.31  ? 40 C  A P     1 
ATOM   835  O  OP1   . C  A 1 40 ? 21.720  -16.985 6.055   1.00 74.46  ? 40 C  A OP1   1 
ATOM   836  O  OP2   . C  A 1 40 ? 20.497  -18.136 8.013   1.00 74.03  ? 40 C  A OP2   1 
ATOM   837  O  "O5'" . C  A 1 40 ? 21.218  -19.458 6.008   1.00 74.55  ? 40 C  A "O5'" 1 
ATOM   838  C  "C5'" . C  A 1 40 ? 22.174  -19.843 5.050   1.00 77.53  ? 40 C  A "C5'" 1 
ATOM   839  C  "C4'" . C  A 1 40 ? 21.668  -21.005 4.257   1.00 80.33  ? 40 C  A "C4'" 1 
ATOM   840  O  "O4'" . C  A 1 40 ? 21.793  -22.225 5.017   1.00 81.23  ? 40 C  A "O4'" 1 
ATOM   841  C  "C3'" . C  A 1 40 ? 20.201  -20.943 3.907   1.00 81.45  ? 40 C  A "C3'" 1 
ATOM   842  O  "O3'" . C  A 1 40 ? 20.009  -20.123 2.780   1.00 84.70  ? 40 C  A "O3'" 1 
ATOM   843  C  "C2'" . C  A 1 40 ? 19.902  -22.401 3.612   1.00 81.76  ? 40 C  A "C2'" 1 
ATOM   844  O  "O2'" . C  A 1 40 ? 20.384  -22.803 2.349   1.00 81.97  ? 40 C  A "O2'" 1 
ATOM   845  C  "C1'" . C  A 1 40 ? 20.706  -23.081 4.717   1.00 80.85  ? 40 C  A "C1'" 1 
ATOM   846  N  N1    . C  A 1 40 ? 19.919  -23.226 5.943   1.00 81.07  ? 40 C  A N1    1 
ATOM   847  C  C2    . C  A 1 40 ? 19.318  -24.456 6.208   1.00 80.60  ? 40 C  A C2    1 
ATOM   848  O  O2    . C  A 1 40 ? 19.454  -25.371 5.382   1.00 80.61  ? 40 C  A O2    1 
ATOM   849  N  N3    . C  A 1 40 ? 18.606  -24.613 7.346   1.00 80.18  ? 40 C  A N3    1 
ATOM   850  C  C4    . C  A 1 40 ? 18.470  -23.585 8.191   1.00 81.48  ? 40 C  A C4    1 
ATOM   851  N  N4    . C  A 1 40 ? 17.749  -23.777 9.294   1.00 83.47  ? 40 C  A N4    1 
ATOM   852  C  C5    . C  A 1 40 ? 19.065  -22.311 7.938   1.00 81.04  ? 40 C  A C5    1 
ATOM   853  C  C6    . C  A 1 40 ? 19.776  -22.178 6.814   1.00 80.78  ? 40 C  A C6    1 
ATOM   854  P  P     . G  A 1 41 ? 18.530  -19.817 2.282   1.00 86.62  ? 41 G  A P     1 
ATOM   855  O  OP1   . G  A 1 41 ? 18.623  -18.807 1.196   1.00 85.89  ? 41 G  A OP1   1 
ATOM   856  O  OP2   . G  A 1 41 ? 17.672  -19.545 3.473   1.00 85.58  ? 41 G  A OP2   1 
ATOM   857  O  "O5'" . G  A 1 41 ? 18.099  -21.206 1.643   1.00 86.69  ? 41 G  A "O5'" 1 
ATOM   858  C  "C5'" . G  A 1 41 ? 16.738  -21.476 1.422   1.00 89.56  ? 41 G  A "C5'" 1 
ATOM   859  C  "C4'" . G  A 1 41 ? 16.516  -22.945 1.266   1.00 90.83  ? 41 G  A "C4'" 1 
ATOM   860  O  "O4'" . G  A 1 41 ? 17.078  -23.661 2.394   1.00 91.17  ? 41 G  A "O4'" 1 
ATOM   861  C  "C3'" . G  A 1 41 ? 15.047  -23.288 1.301   1.00 92.62  ? 41 G  A "C3'" 1 
ATOM   862  O  "O3'" . G  A 1 41 ? 14.511  -23.051 0.020   1.00 95.15  ? 41 G  A "O3'" 1 
ATOM   863  C  "C2'" . G  A 1 41 ? 15.078  -24.738 1.753   1.00 92.75  ? 41 G  A "C2'" 1 
ATOM   864  O  "O2'" . G  A 1 41 ? 15.511  -25.619 0.731   1.00 94.66  ? 41 G  A "O2'" 1 
ATOM   865  C  "C1'" . G  A 1 41 ? 16.168  -24.665 2.824   1.00 90.15  ? 41 G  A "C1'" 1 
ATOM   866  N  N9    . G  A 1 41 ? 15.695  -24.286 4.152   1.00 86.27  ? 41 G  A N9    1 
ATOM   867  C  C8    . G  A 1 41 ? 16.053  -23.160 4.855   1.00 85.97  ? 41 G  A C8    1 
ATOM   868  N  N7    . G  A 1 41 ? 15.531  -23.112 6.049   1.00 84.45  ? 41 G  A N7    1 
ATOM   869  C  C5    . G  A 1 41 ? 14.775  -24.271 6.135   1.00 83.77  ? 41 G  A C5    1 
ATOM   870  C  C6    . G  A 1 41 ? 13.988  -24.774 7.201   1.00 83.17  ? 41 G  A C6    1 
ATOM   871  O  O6    . G  A 1 41 ? 13.826  -24.299 8.331   1.00 82.14  ? 41 G  A O6    1 
ATOM   872  N  N1    . G  A 1 41 ? 13.358  -25.962 6.852   1.00 82.52  ? 41 G  A N1    1 
ATOM   873  C  C2    . G  A 1 41 ? 13.478  -26.590 5.642   1.00 83.65  ? 41 G  A C2    1 
ATOM   874  N  N2    . G  A 1 41 ? 12.774  -27.721 5.495   1.00 84.37  ? 41 G  A N2    1 
ATOM   875  N  N3    . G  A 1 41 ? 14.228  -26.144 4.648   1.00 84.10  ? 41 G  A N3    1 
ATOM   876  C  C4    . G  A 1 41 ? 14.842  -24.990 4.961   1.00 84.16  ? 41 G  A C4    1 
ATOM   877  P  P     . C  A 1 42 ? 13.545  -21.790 -0.201  1.00 98.75  ? 42 C  A P     1 
ATOM   878  O  OP1   . C  A 1 42 ? 14.021  -21.021 -1.371  1.00 99.12  ? 42 C  A OP1   1 
ATOM   879  O  OP2   . C  A 1 42 ? 13.308  -21.081 1.083   1.00 97.61  ? 42 C  A OP2   1 
ATOM   880  O  "O5'" . C  A 1 42 ? 12.194  -22.509 -0.607  1.00 101.78 ? 42 C  A "O5'" 1 
ATOM   881  C  "C5'" . C  A 1 42 ? 11.011  -22.265 0.120   1.00 105.05 ? 42 C  A "C5'" 1 
ATOM   882  C  "C4'" . C  A 1 42 ? 10.315  -23.559 0.439   1.00 106.40 ? 42 C  A "C4'" 1 
ATOM   883  O  "O4'" . C  A 1 42 ? 11.049  -24.264 1.474   1.00 104.91 ? 42 C  A "O4'" 1 
ATOM   884  C  "C3'" . C  A 1 42 ? 8.927   -23.327 1.003   1.00 108.14 ? 42 C  A "C3'" 1 
ATOM   885  O  "O3'" . C  A 1 42 ? 8.022   -23.319 -0.095  1.00 113.41 ? 42 C  A "O3'" 1 
ATOM   886  C  "C2'" . C  A 1 42 ? 8.721   -24.547 1.893   1.00 106.87 ? 42 C  A "C2'" 1 
ATOM   887  O  "O2'" . C  A 1 42 ? 8.279   -25.670 1.149   1.00 108.25 ? 42 C  A "O2'" 1 
ATOM   888  C  "C1'" . C  A 1 42 ? 10.141  -24.793 2.426   1.00 104.25 ? 42 C  A "C1'" 1 
ATOM   889  N  N1    . C  A 1 42 ? 10.454  -24.198 3.749   1.00 99.99  ? 42 C  A N1    1 
ATOM   890  C  C2    . C  A 1 42 ? 9.873   -24.737 4.905   1.00 97.87  ? 42 C  A C2    1 
ATOM   891  O  O2    . C  A 1 42 ? 9.127   -25.713 4.806   1.00 98.83  ? 42 C  A O2    1 
ATOM   892  N  N3    . C  A 1 42 ? 10.147  -24.184 6.100   1.00 95.36  ? 42 C  A N3    1 
ATOM   893  C  C4    . C  A 1 42 ? 10.970  -23.144 6.176   1.00 94.33  ? 42 C  A C4    1 
ATOM   894  N  N4    . C  A 1 42 ? 11.201  -22.624 7.372   1.00 94.00  ? 42 C  A N4    1 
ATOM   895  C  C5    . C  A 1 42 ? 11.589  -22.587 5.029   1.00 95.15  ? 42 C  A C5    1 
ATOM   896  C  C6    . C  A 1 42 ? 11.303  -23.136 3.846   1.00 98.08  ? 42 C  A C6    1 
ATOM   897  P  P     . A  A 1 43 ? 7.334   -21.944 -0.581  1.00 117.61 ? 43 A  A P     1 
ATOM   898  O  OP1   . A  A 1 43 ? 6.362   -21.451 0.430   1.00 117.18 ? 43 A  A OP1   1 
ATOM   899  O  OP2   . A  A 1 43 ? 6.874   -22.246 -1.959  1.00 118.66 ? 43 A  A OP2   1 
ATOM   900  O  "O5'" . A  A 1 43 ? 8.507   -20.870 -0.688  1.00 119.63 ? 43 A  A "O5'" 1 
ATOM   901  C  "C5'" . A  A 1 43 ? 9.358   -20.824 -1.829  1.00 125.41 ? 43 A  A "C5'" 1 
ATOM   902  C  "C4'" . A  A 1 43 ? 9.086   -19.585 -2.646  1.00 129.05 ? 43 A  A "C4'" 1 
ATOM   903  O  "O4'" . A  A 1 43 ? 7.884   -19.766 -3.442  1.00 131.23 ? 43 A  A "O4'" 1 
ATOM   904  C  "C3'" . A  A 1 43 ? 8.837   -18.296 -1.877  1.00 130.26 ? 43 A  A "C3'" 1 
ATOM   905  O  "O3'" . A  A 1 43 ? 10.066  -17.680 -1.487  1.00 128.81 ? 43 A  A "O3'" 1 
ATOM   906  C  "C2'" . A  A 1 43 ? 8.106   -17.449 -2.917  1.00 132.03 ? 43 A  A "C2'" 1 
ATOM   907  O  "O2'" . A  A 1 43 ? 9.011   -16.848 -3.825  1.00 132.47 ? 43 A  A "O2'" 1 
ATOM   908  C  "C1'" . A  A 1 43 ? 7.274   -18.503 -3.662  1.00 133.35 ? 43 A  A "C1'" 1 
ATOM   909  N  N9    . A  A 1 43 ? 5.849   -18.585 -3.304  1.00 135.85 ? 43 A  A N9    1 
ATOM   910  C  C8    . A  A 1 43 ? 5.144   -19.714 -2.955  1.00 136.71 ? 43 A  A C8    1 
ATOM   911  N  N7    . A  A 1 43 ? 3.871   -19.496 -2.721  1.00 137.21 ? 43 A  A N7    1 
ATOM   912  C  C5    . A  A 1 43 ? 3.724   -18.131 -2.921  1.00 137.51 ? 43 A  A C5    1 
ATOM   913  C  C6    . A  A 1 43 ? 2.607   -17.277 -2.831  1.00 137.96 ? 43 A  A C6    1 
ATOM   914  N  N6    . A  A 1 43 ? 1.378   -17.693 -2.508  1.00 137.94 ? 43 A  A N6    1 
ATOM   915  N  N1    . A  A 1 43 ? 2.796   -15.965 -3.089  1.00 138.25 ? 43 A  A N1    1 
ATOM   916  C  C2    . A  A 1 43 ? 4.026   -15.548 -3.418  1.00 138.57 ? 43 A  A C2    1 
ATOM   917  N  N3    . A  A 1 43 ? 5.153   -16.252 -3.538  1.00 138.29 ? 43 A  A N3    1 
ATOM   918  C  C4    . A  A 1 43 ? 4.934   -17.552 -3.274  1.00 137.17 ? 43 A  A C4    1 
ATOM   919  P  P     . C  A 1 44 ? 10.051  -16.423 -0.473  1.00 127.30 ? 44 C  A P     1 
ATOM   920  O  OP1   . C  A 1 44 ? 8.679   -16.218 0.079   1.00 127.16 ? 44 C  A OP1   1 
ATOM   921  O  OP2   . C  A 1 44 ? 10.743  -15.297 -1.143  1.00 126.80 ? 44 C  A OP2   1 
ATOM   922  O  "O5'" . C  A 1 44 ? 10.987  -16.906 0.718   1.00 127.08 ? 44 C  A "O5'" 1 
ATOM   923  C  "C5'" . C  A 1 44 ? 11.087  -18.289 1.059   1.00 124.94 ? 44 C  A "C5'" 1 
ATOM   924  C  "C4'" . C  A 1 44 ? 11.314  -18.435 2.544   1.00 121.99 ? 44 C  A "C4'" 1 
ATOM   925  O  "O4'" . C  A 1 44 ? 12.556  -17.764 2.893   1.00 124.54 ? 44 C  A "O4'" 1 
ATOM   926  C  "C3'" . C  A 1 44 ? 10.268  -17.761 3.419   1.00 118.82 ? 44 C  A "C3'" 1 
ATOM   927  O  "O3'" . C  A 1 44 ? 9.183   -18.636 3.663   1.00 108.75 ? 44 C  A "O3'" 1 
ATOM   928  C  "C2'" . C  A 1 44 ? 11.034  -17.505 4.707   1.00 122.52 ? 44 C  A "C2'" 1 
ATOM   929  O  "O2'" . C  A 1 44 ? 11.105  -18.650 5.534   1.00 124.94 ? 44 C  A "O2'" 1 
ATOM   930  C  "C1'" . C  A 1 44 ? 12.428  -17.165 4.174   1.00 125.59 ? 44 C  A "C1'" 1 
ATOM   931  N  N1    . C  A 1 44 ? 12.682  -15.716 4.052   1.00 128.36 ? 44 C  A N1    1 
ATOM   932  C  C2    . C  A 1 44 ? 12.488  -14.894 5.183   1.00 129.96 ? 44 C  A C2    1 
ATOM   933  O  O2    . C  A 1 44 ? 12.129  -15.413 6.258   1.00 130.17 ? 44 C  A O2    1 
ATOM   934  N  N3    . C  A 1 44 ? 12.704  -13.558 5.075   1.00 131.12 ? 44 C  A N3    1 
ATOM   935  C  C4    . C  A 1 44 ? 13.107  -13.039 3.910   1.00 131.24 ? 44 C  A C4    1 
ATOM   936  N  N4    . C  A 1 44 ? 13.303  -11.714 3.853   1.00 131.76 ? 44 C  A N4    1 
ATOM   937  C  C5    . C  A 1 44 ? 13.324  -13.853 2.754   1.00 130.78 ? 44 C  A C5    1 
ATOM   938  C  C6    . C  A 1 44 ? 13.099  -15.172 2.868   1.00 129.03 ? 44 C  A C6    1 
ATOM   939  P  P     . G  A 1 45 ? 7.835   -18.070 4.316   1.00 102.99 ? 45 G  A P     1 
ATOM   940  O  OP1   . G  A 1 45 ? 7.107   -17.352 3.243   1.00 104.55 ? 45 G  A OP1   1 
ATOM   941  O  OP2   . G  A 1 45 ? 8.124   -17.371 5.591   1.00 102.67 ? 45 G  A OP2   1 
ATOM   942  O  "O5'" . G  A 1 45 ? 7.046   -19.404 4.651   1.00 98.70  ? 45 G  A "O5'" 1 
ATOM   943  C  "C5'" . G  A 1 45 ? 6.878   -20.402 3.656   1.00 93.76  ? 45 G  A "C5'" 1 
ATOM   944  C  "C4'" . G  A 1 45 ? 6.459   -21.703 4.288   1.00 90.90  ? 45 G  A "C4'" 1 
ATOM   945  O  "O4'" . G  A 1 45 ? 7.593   -22.326 4.947   1.00 89.41  ? 45 G  A "O4'" 1 
ATOM   946  C  "C3'" . G  A 1 45 ? 5.417   -21.572 5.383   1.00 89.71  ? 45 G  A "C3'" 1 
ATOM   947  O  "O3'" . G  A 1 45 ? 4.104   -21.476 4.856   1.00 89.63  ? 45 G  A "O3'" 1 
ATOM   948  C  "C2'" . G  A 1 45 ? 5.649   -22.850 6.161   1.00 87.94  ? 45 G  A "C2'" 1 
ATOM   949  O  "O2'" . G  A 1 45 ? 5.164   -23.958 5.438   1.00 87.74  ? 45 G  A "O2'" 1 
ATOM   950  C  "C1'" . G  A 1 45 ? 7.177   -22.884 6.184   1.00 87.15  ? 45 G  A "C1'" 1 
ATOM   951  N  N9    . G  A 1 45 ? 7.742   -22.056 7.251   1.00 85.58  ? 45 G  A N9    1 
ATOM   952  C  C8    . G  A 1 45 ? 8.653   -21.038 7.103   1.00 84.04  ? 45 G  A C8    1 
ATOM   953  N  N7    . G  A 1 45 ? 8.970   -20.465 8.231   1.00 82.40  ? 45 G  A N7    1 
ATOM   954  C  C5    . G  A 1 45 ? 8.225   -21.145 9.183   1.00 82.74  ? 45 G  A C5    1 
ATOM   955  C  C6    . G  A 1 45 ? 8.150   -20.970 10.584  1.00 82.12  ? 45 G  A C6    1 
ATOM   956  O  O6    . G  A 1 45 ? 8.752   -20.158 11.294  1.00 82.32  ? 45 G  A O6    1 
ATOM   957  N  N1    . G  A 1 45 ? 7.267   -21.865 11.165  1.00 82.25  ? 45 G  A N1    1 
ATOM   958  C  C2    . G  A 1 45 ? 6.556   -22.818 10.494  1.00 83.36  ? 45 G  A C2    1 
ATOM   959  N  N2    . G  A 1 45 ? 5.760   -23.589 11.242  1.00 83.20  ? 45 G  A N2    1 
ATOM   960  N  N3    . G  A 1 45 ? 6.620   -23.002 9.187   1.00 84.68  ? 45 G  A N3    1 
ATOM   961  C  C4    . G  A 1 45 ? 7.465   -22.133 8.597   1.00 84.25  ? 45 G  A C4    1 
ATOM   962  P  P     . U  A 1 46 ? 3.150   -20.270 5.328   1.00 90.60  ? 46 U  A P     1 
ATOM   963  O  OP1   . U  A 1 46 ? 1.971   -20.358 4.441   1.00 91.36  ? 46 U  A OP1   1 
ATOM   964  O  OP2   . U  A 1 46 ? 3.904   -18.988 5.437   1.00 89.07  ? 46 U  A OP2   1 
ATOM   965  O  "O5'" . U  A 1 46 ? 2.671   -20.700 6.779   1.00 91.31  ? 46 U  A "O5'" 1 
ATOM   966  C  "C5'" . U  A 1 46 ? 1.855   -21.851 6.936   1.00 93.50  ? 46 U  A "C5'" 1 
ATOM   967  C  "C4'" . U  A 1 46 ? 1.613   -22.135 8.391   1.00 93.77  ? 46 U  A "C4'" 1 
ATOM   968  O  "O4'" . U  A 1 46 ? 2.857   -22.509 9.033   1.00 93.42  ? 46 U  A "O4'" 1 
ATOM   969  C  "C3'" . U  A 1 46 ? 1.138   -20.951 9.204   1.00 94.48  ? 46 U  A "C3'" 1 
ATOM   970  O  "O3'" . U  A 1 46 ? -0.245  -20.743 9.054   1.00 97.35  ? 46 U  A "O3'" 1 
ATOM   971  C  "C2'" . U  A 1 46 ? 1.493   -21.391 10.605  1.00 93.92  ? 46 U  A "C2'" 1 
ATOM   972  O  "O2'" . U  A 1 46 ? 0.607   -22.373 11.092  1.00 94.34  ? 46 U  A "O2'" 1 
ATOM   973  C  "C1'" . U  A 1 46 ? 2.869   -22.005 10.359  1.00 93.56  ? 46 U  A "C1'" 1 
ATOM   974  N  N1    . U  A 1 46 ? 3.888   -20.953 10.451  1.00 92.66  ? 46 U  A N1    1 
ATOM   975  C  C2    . U  A 1 46 ? 4.129   -20.456 11.707  1.00 92.68  ? 46 U  A C2    1 
ATOM   976  O  O2    . U  A 1 46 ? 3.593   -20.910 12.699  1.00 93.93  ? 46 U  A O2    1 
ATOM   977  N  N3    . U  A 1 46 ? 5.019   -19.418 11.761  1.00 91.86  ? 46 U  A N3    1 
ATOM   978  C  C4    . U  A 1 46 ? 5.684   -18.850 10.708  1.00 90.96  ? 46 U  A C4    1 
ATOM   979  O  O4    . U  A 1 46 ? 6.347   -17.838 10.907  1.00 90.58  ? 46 U  A O4    1 
ATOM   980  C  C5    . U  A 1 46 ? 5.419   -19.451 9.433   1.00 90.14  ? 46 U  A C5    1 
ATOM   981  C  C6    . U  A 1 46 ? 4.549   -20.458 9.350   1.00 90.83  ? 46 U  A C6    1 
ATOM   982  P  P     . A  A 1 47 ? -0.821  -19.265 9.213   1.00 99.62  ? 47 A  A P     1 
ATOM   983  O  OP1   . A  A 1 47 ? -2.262  -19.335 8.878   1.00 99.44  ? 47 A  A OP1   1 
ATOM   984  O  OP2   . A  A 1 47 ? 0.068   -18.332 8.479   1.00 99.19  ? 47 A  A OP2   1 
ATOM   985  O  "O5'" . A  A 1 47 ? -0.661  -18.987 10.765  1.00 102.53 ? 47 A  A "O5'" 1 
ATOM   986  C  "C5'" . A  A 1 47 ? -1.316  -19.823 11.706  1.00 108.40 ? 47 A  A "C5'" 1 
ATOM   987  C  "C4'" . A  A 1 47 ? -1.181  -19.246 13.085  1.00 111.83 ? 47 A  A "C4'" 1 
ATOM   988  O  "O4'" . A  A 1 47 ? 0.163   -19.460 13.582  1.00 112.60 ? 47 A  A "O4'" 1 
ATOM   989  C  "C3'" . A  A 1 47 ? -1.357  -17.747 13.126  1.00 114.09 ? 47 A  A "C3'" 1 
ATOM   990  O  "O3'" . A  A 1 47 ? -2.731  -17.421 13.169  1.00 117.55 ? 47 A  A "O3'" 1 
ATOM   991  C  "C2'" . A  A 1 47 ? -0.607  -17.376 14.395  1.00 113.86 ? 47 A  A "C2'" 1 
ATOM   992  O  "O2'" . A  A 1 47 ? -1.347  -17.663 15.565  1.00 113.43 ? 47 A  A "O2'" 1 
ATOM   993  C  "C1'" . A  A 1 47 ? 0.593   -18.320 14.305  1.00 112.95 ? 47 A  A "C1'" 1 
ATOM   994  N  N9    . A  A 1 47 ? 1.742   -17.760 13.593  1.00 112.37 ? 47 A  A N9    1 
ATOM   995  C  C8    . A  A 1 47 ? 2.020   -17.859 12.254  1.00 112.17 ? 47 A  A C8    1 
ATOM   996  N  N7    . A  A 1 47 ? 3.140   -17.276 11.902  1.00 112.16 ? 47 A  A N7    1 
ATOM   997  C  C5    . A  A 1 47 ? 3.629   -16.752 13.088  1.00 112.36 ? 47 A  A C5    1 
ATOM   998  C  C6    . A  A 1 47 ? 4.787   -16.018 13.389  1.00 112.38 ? 47 A  A C6    1 
ATOM   999  N  N6    . A  A 1 47 ? 5.694   -15.668 12.483  1.00 112.39 ? 47 A  A N6    1 
ATOM   1000 N  N1    . A  A 1 47 ? 4.982   -15.647 14.671  1.00 112.70 ? 47 A  A N1    1 
ATOM   1001 C  C2    . A  A 1 47 ? 4.064   -15.998 15.584  1.00 113.00 ? 47 A  A C2    1 
ATOM   1002 N  N3    . A  A 1 47 ? 2.934   -16.684 15.424  1.00 112.65 ? 47 A  A N3    1 
ATOM   1003 C  C4    . A  A 1 47 ? 2.774   -17.037 14.138  1.00 112.49 ? 47 A  A C4    1 
ATOM   1004 P  P     . C  A 1 48 ? -3.168  -15.889 13.085  1.00 120.81 ? 48 C  A P     1 
ATOM   1005 O  OP1   . C  A 1 48 ? -4.648  -15.865 13.029  1.00 120.92 ? 48 C  A OP1   1 
ATOM   1006 O  OP2   . C  A 1 48 ? -2.374  -15.217 12.018  1.00 118.92 ? 48 C  A OP2   1 
ATOM   1007 O  "O5'" . C  A 1 48 ? -2.724  -15.331 14.503  1.00 123.74 ? 48 C  A "O5'" 1 
ATOM   1008 C  "C5'" . C  A 1 48 ? -2.443  -13.958 14.690  1.00 129.03 ? 48 C  A "C5'" 1 
ATOM   1009 C  "C4'" . C  A 1 48 ? -1.515  -13.781 15.861  1.00 132.28 ? 48 C  A "C4'" 1 
ATOM   1010 O  "O4'" . C  A 1 48 ? -0.289  -14.523 15.627  1.00 133.24 ? 48 C  A "O4'" 1 
ATOM   1011 C  "C3'" . C  A 1 48 ? -1.059  -12.352 16.073  1.00 134.51 ? 48 C  A "C3'" 1 
ATOM   1012 O  "O3'" . C  A 1 48 ? -2.006  -11.662 16.865  1.00 136.46 ? 48 C  A "O3'" 1 
ATOM   1013 C  "C2'" . C  A 1 48 ? 0.254   -12.540 16.813  1.00 134.67 ? 48 C  A "C2'" 1 
ATOM   1014 O  "O2'" . C  A 1 48 ? 0.032   -12.826 18.179  1.00 135.68 ? 48 C  A "O2'" 1 
ATOM   1015 C  "C1'" . C  A 1 48 ? 0.816   -13.776 16.111  1.00 134.00 ? 48 C  A "C1'" 1 
ATOM   1016 N  N1    . C  A 1 48 ? 1.707   -13.488 14.976  1.00 133.76 ? 48 C  A N1    1 
ATOM   1017 C  C2    . C  A 1 48 ? 2.832   -12.682 15.174  1.00 133.79 ? 48 C  A C2    1 
ATOM   1018 O  O2    . C  A 1 48 ? 3.023   -12.183 16.291  1.00 133.50 ? 48 C  A O2    1 
ATOM   1019 N  N3    . C  A 1 48 ? 3.679   -12.464 14.144  1.00 134.06 ? 48 C  A N3    1 
ATOM   1020 C  C4    . C  A 1 48 ? 3.430   -13.009 12.951  1.00 134.09 ? 48 C  A C4    1 
ATOM   1021 N  N4    . C  A 1 48 ? 4.303   -12.787 11.966  1.00 134.19 ? 48 C  A N4    1 
ATOM   1022 C  C5    . C  A 1 48 ? 2.279   -13.810 12.716  1.00 134.04 ? 48 C  A C5    1 
ATOM   1023 C  C6    . C  A 1 48 ? 1.451   -14.021 13.744  1.00 133.93 ? 48 C  A C6    1 
ATOM   1024 P  P     . G  A 1 49 ? -2.828  -10.453 16.220  1.00 138.06 ? 49 G  A P     1 
ATOM   1025 O  OP1   . G  A 1 49 ? -3.286  -9.605  17.348  1.00 138.10 ? 49 G  A OP1   1 
ATOM   1026 O  OP2   . G  A 1 49 ? -3.820  -11.034 15.281  1.00 137.93 ? 49 G  A OP2   1 
ATOM   1027 O  "O5'" . G  A 1 49 ? -1.735  -9.664  15.372  1.00 138.53 ? 49 G  A "O5'" 1 
ATOM   1028 C  "C5'" . G  A 1 49 ? -1.403  -8.316  15.676  1.00 140.88 ? 49 G  A "C5'" 1 
ATOM   1029 C  "C4'" . G  A 1 49 ? -0.299  -8.272  16.707  1.00 142.79 ? 49 G  A "C4'" 1 
ATOM   1030 O  "O4'" . G  A 1 49 ? 0.624   -9.371  16.488  1.00 143.36 ? 49 G  A "O4'" 1 
ATOM   1031 C  "C3'" . G  A 1 49 ? 0.552   -7.014  16.649  1.00 143.88 ? 49 G  A "C3'" 1 
ATOM   1032 O  "O3'" . G  A 1 49 ? -0.017  -5.950  17.400  1.00 144.14 ? 49 G  A "O3'" 1 
ATOM   1033 C  "C2'" . G  A 1 49 ? 1.896   -7.495  17.181  1.00 143.82 ? 49 G  A "C2'" 1 
ATOM   1034 O  "O2'" . G  A 1 49 ? 1.970   -7.542  18.591  1.00 143.72 ? 49 G  A "O2'" 1 
ATOM   1035 C  "C1'" . G  A 1 49 ? 1.959   -8.900  16.580  1.00 144.15 ? 49 G  A "C1'" 1 
ATOM   1036 N  N9    . G  A 1 49 ? 2.503   -8.894  15.227  1.00 144.78 ? 49 G  A N9    1 
ATOM   1037 C  C8    . G  A 1 49 ? 1.919   -9.432  14.105  1.00 145.04 ? 49 G  A C8    1 
ATOM   1038 N  N7    . G  A 1 49 ? 2.620   -9.244  13.021  1.00 145.35 ? 49 G  A N7    1 
ATOM   1039 C  C5    . G  A 1 49 ? 3.739   -8.548  13.455  1.00 145.66 ? 49 G  A C5    1 
ATOM   1040 C  C6    . G  A 1 49 ? 4.852   -8.065  12.727  1.00 146.12 ? 49 G  A C6    1 
ATOM   1041 O  O6    . G  A 1 49 ? 5.065   -8.138  11.509  1.00 146.83 ? 49 G  A O6    1 
ATOM   1042 N  N1    . G  A 1 49 ? 5.772   -7.430  13.560  1.00 145.99 ? 49 G  A N1    1 
ATOM   1043 C  C2    . G  A 1 49 ? 5.631   -7.271  14.919  1.00 145.56 ? 49 G  A C2    1 
ATOM   1044 N  N2    . G  A 1 49 ? 6.633   -6.636  15.550  1.00 145.38 ? 49 G  A N2    1 
ATOM   1045 N  N3    . G  A 1 49 ? 4.587   -7.705  15.608  1.00 145.47 ? 49 G  A N3    1 
ATOM   1046 C  C4    . G  A 1 49 ? 3.688   -8.333  14.816  1.00 145.27 ? 49 G  A C4    1 
ATOM   1047 P  P     . G  A 1 50 ? -0.243  -4.523  16.698  1.00 144.18 ? 50 G  A P     1 
ATOM   1048 O  OP1   . G  A 1 50 ? -0.969  -3.676  17.676  1.00 144.39 ? 50 G  A OP1   1 
ATOM   1049 O  OP2   . G  A 1 50 ? -0.815  -4.743  15.342  1.00 144.25 ? 50 G  A OP2   1 
ATOM   1050 O  "O5'" . G  A 1 50 ? 1.226   -3.940  16.533  1.00 142.70 ? 50 G  A "O5'" 1 
ATOM   1051 C  "C5'" . G  A 1 50 ? 2.015   -3.646  17.673  1.00 141.79 ? 50 G  A "C5'" 1 
ATOM   1052 C  "C4'" . G  A 1 50 ? 3.332   -3.068  17.246  1.00 141.44 ? 50 G  A "C4'" 1 
ATOM   1053 O  "O4'" . G  A 1 50 ? 4.131   -4.095  16.603  1.00 141.82 ? 50 G  A "O4'" 1 
ATOM   1054 C  "C3'" . G  A 1 50 ? 3.229   -1.984  16.193  1.00 140.98 ? 50 G  A "C3'" 1 
ATOM   1055 O  "O3'" . G  A 1 50 ? 2.915   -0.729  16.766  1.00 140.42 ? 50 G  A "O3'" 1 
ATOM   1056 C  "C2'" . G  A 1 50 ? 4.622   -2.009  15.587  1.00 141.07 ? 50 G  A "C2'" 1 
ATOM   1057 O  "O2'" . G  A 1 50 ? 5.574   -1.354  16.404  1.00 139.87 ? 50 G  A "O2'" 1 
ATOM   1058 C  "C1'" . G  A 1 50 ? 4.895   -3.514  15.556  1.00 141.35 ? 50 G  A "C1'" 1 
ATOM   1059 N  N9    . G  A 1 50 ? 4.505   -4.152  14.301  1.00 141.29 ? 50 G  A N9    1 
ATOM   1060 C  C8    . G  A 1 50 ? 3.374   -4.898  14.070  1.00 141.27 ? 50 G  A C8    1 
ATOM   1061 N  N7    . G  A 1 50 ? 3.314   -5.375  12.856  1.00 141.32 ? 50 G  A N7    1 
ATOM   1062 C  C5    . G  A 1 50 ? 4.471   -4.909  12.243  1.00 140.75 ? 50 G  A C5    1 
ATOM   1063 C  C6    . G  A 1 50 ? 4.962   -5.113  10.924  1.00 140.27 ? 50 G  A C6    1 
ATOM   1064 O  O6    . G  A 1 50 ? 4.458   -5.775  10.006  1.00 139.30 ? 50 G  A O6    1 
ATOM   1065 N  N1    . G  A 1 50 ? 6.170   -4.454  10.723  1.00 140.27 ? 50 G  A N1    1 
ATOM   1066 C  C2    . G  A 1 50 ? 6.829   -3.701  11.666  1.00 140.37 ? 50 G  A C2    1 
ATOM   1067 N  N2    . G  A 1 50 ? 7.984   -3.139  11.278  1.00 139.88 ? 50 G  A N2    1 
ATOM   1068 N  N3    . G  A 1 50 ? 6.388   -3.513  12.900  1.00 140.72 ? 50 G  A N3    1 
ATOM   1069 C  C4    . G  A 1 50 ? 5.212   -4.141  13.118  1.00 140.85 ? 50 G  A C4    1 
ATOM   1070 P  P     . U  A 1 51 ? 2.044   0.319   15.923  1.00 139.65 ? 51 U  A P     1 
ATOM   1071 O  OP1   . U  A 1 51 ? 1.656   1.405   16.854  1.00 139.95 ? 51 U  A OP1   1 
ATOM   1072 O  OP2   . U  A 1 51 ? 0.995   -0.437  15.188  1.00 138.92 ? 51 U  A OP2   1 
ATOM   1073 O  "O5'" . U  A 1 51 ? 3.080   0.903   14.865  1.00 138.96 ? 51 U  A "O5'" 1 
ATOM   1074 C  "C5'" . U  A 1 51 ? 4.353   1.384   15.284  1.00 138.45 ? 51 U  A "C5'" 1 
ATOM   1075 C  "C4'" . U  A 1 51 ? 5.321   1.383   14.124  1.00 138.42 ? 51 U  A "C4'" 1 
ATOM   1076 O  "O4'" . U  A 1 51 ? 5.469   0.031   13.620  1.00 138.08 ? 51 U  A "O4'" 1 
ATOM   1077 C  "C3'" . U  A 1 51 ? 4.886   2.168   12.900  1.00 138.43 ? 51 U  A "C3'" 1 
ATOM   1078 O  "O3'" . U  A 1 51 ? 5.190   3.550   13.038  1.00 139.24 ? 51 U  A "O3'" 1 
ATOM   1079 C  "C2'" . U  A 1 51 ? 5.711   1.533   11.785  1.00 137.52 ? 51 U  A "C2'" 1 
ATOM   1080 O  "O2'" . U  A 1 51 ? 7.025   2.048   11.693  1.00 137.03 ? 51 U  A "O2'" 1 
ATOM   1081 C  "C1'" . U  A 1 51 ? 5.756   0.073   12.232  1.00 136.83 ? 51 U  A "C1'" 1 
ATOM   1082 N  N1    . U  A 1 51 ? 4.800   -0.788  11.527  1.00 135.69 ? 51 U  A N1    1 
ATOM   1083 C  C2    . U  A 1 51 ? 5.126   -1.173  10.245  1.00 135.16 ? 51 U  A C2    1 
ATOM   1084 O  O2    . U  A 1 51 ? 6.141   -0.797  9.683   1.00 134.66 ? 51 U  A O2    1 
ATOM   1085 N  N3    . U  A 1 51 ? 4.221   -2.011  9.643   1.00 134.70 ? 51 U  A N3    1 
ATOM   1086 C  C4    . U  A 1 51 ? 3.043   -2.483  10.180  1.00 134.63 ? 51 U  A C4    1 
ATOM   1087 O  O4    . U  A 1 51 ? 2.352   -3.269  9.527   1.00 134.33 ? 51 U  A O4    1 
ATOM   1088 C  C5    . U  A 1 51 ? 2.766   -2.018  11.510  1.00 134.68 ? 51 U  A C5    1 
ATOM   1089 C  C6    . U  A 1 51 ? 3.633   -1.207  12.121  1.00 135.06 ? 51 U  A C6    1 
ATOM   1090 P  P     . U  A 1 52 ? 4.507   4.605   12.043  1.00 138.94 ? 52 U  A P     1 
ATOM   1091 O  OP1   . U  A 1 52 ? 5.414   5.776   11.907  1.00 138.54 ? 52 U  A OP1   1 
ATOM   1092 O  OP2   . U  A 1 52 ? 3.100   4.805   12.491  1.00 139.12 ? 52 U  A OP2   1 
ATOM   1093 O  "O5'" . U  A 1 52 ? 4.495   3.818   10.659  1.00 137.11 ? 52 U  A "O5'" 1 
ATOM   1094 C  "C5'" . U  A 1 52 ? 4.467   4.510   9.425   1.00 134.61 ? 52 U  A "C5'" 1 
ATOM   1095 C  "C4'" . U  A 1 52 ? 5.761   4.300   8.684   1.00 132.41 ? 52 U  A "C4'" 1 
ATOM   1096 O  "O4'" . U  A 1 52 ? 6.181   2.923   8.829   1.00 131.45 ? 52 U  A "O4'" 1 
ATOM   1097 C  "C3'" . U  A 1 52 ? 5.641   4.534   7.188   1.00 131.59 ? 52 U  A "C3'" 1 
ATOM   1098 O  "O3'" . U  A 1 52 ? 5.898   5.888   6.853   1.00 129.77 ? 52 U  A "O3'" 1 
ATOM   1099 C  "C2'" . U  A 1 52 ? 6.671   3.580   6.617   1.00 130.85 ? 52 U  A "C2'" 1 
ATOM   1100 O  "O2'" . U  A 1 52 ? 7.985   4.101   6.687   1.00 130.84 ? 52 U  A "O2'" 1 
ATOM   1101 C  "C1'" . U  A 1 52 ? 6.500   2.392   7.561   1.00 130.40 ? 52 U  A "C1'" 1 
ATOM   1102 N  N1    . U  A 1 52 ? 5.397   1.498   7.200   1.00 129.43 ? 52 U  A N1    1 
ATOM   1103 C  C2    . U  A 1 52 ? 5.382   0.945   5.936   1.00 129.40 ? 52 U  A C2    1 
ATOM   1104 O  O2    . U  A 1 52 ? 6.197   1.235   5.073   1.00 129.01 ? 52 U  A O2    1 
ATOM   1105 N  N3    . U  A 1 52 ? 4.364   0.048   5.714   1.00 129.27 ? 52 U  A N3    1 
ATOM   1106 C  C4    . U  A 1 52 ? 3.369   -0.320  6.605   1.00 129.37 ? 52 U  A C4    1 
ATOM   1107 O  O4    . U  A 1 52 ? 2.567   -1.200  6.290   1.00 129.13 ? 52 U  A O4    1 
ATOM   1108 C  C5    . U  A 1 52 ? 3.431   0.342   7.871   1.00 129.64 ? 52 U  A C5    1 
ATOM   1109 C  C6    . U  A 1 52 ? 4.418   1.204   8.118   1.00 129.46 ? 52 U  A C6    1 
ATOM   1110 P  P     . C  A 1 53 ? 4.912   6.635   5.836   1.00 127.07 ? 53 C  A P     1 
ATOM   1111 O  OP1   . C  A 1 53 ? 4.791   8.052   6.289   1.00 126.45 ? 53 C  A OP1   1 
ATOM   1112 O  OP2   . C  A 1 53 ? 3.689   5.792   5.686   1.00 126.44 ? 53 C  A OP2   1 
ATOM   1113 O  "O5'" . C  A 1 53 ? 5.681   6.577   4.447   1.00 123.36 ? 53 C  A "O5'" 1 
ATOM   1114 C  "C5'" . C  A 1 53 ? 4.946   6.563   3.243   1.00 117.55 ? 53 C  A "C5'" 1 
ATOM   1115 C  "C4'" . C  A 1 53 ? 5.362   5.401   2.395   1.00 113.19 ? 53 C  A "C4'" 1 
ATOM   1116 O  "O4'" . C  A 1 53 ? 5.344   4.179   3.171   1.00 110.04 ? 53 C  A "O4'" 1 
ATOM   1117 C  "C3'" . C  A 1 53 ? 4.382   5.099   1.286   1.00 112.24 ? 53 C  A "C3'" 1 
ATOM   1118 O  "O3'" . C  A 1 53 ? 4.521   5.995   0.207   1.00 111.89 ? 53 C  A "O3'" 1 
ATOM   1119 C  "C2'" . C  A 1 53 ? 4.728   3.665   0.932   1.00 110.44 ? 53 C  A "C2'" 1 
ATOM   1120 O  "O2'" . C  A 1 53 ? 5.849   3.529   0.089   1.00 109.35 ? 53 C  A "O2'" 1 
ATOM   1121 C  "C1'" . C  A 1 53 ? 5.024   3.095   2.315   1.00 109.89 ? 53 C  A "C1'" 1 
ATOM   1122 N  N1    . C  A 1 53 ? 3.850   2.422   2.853   1.00 109.76 ? 53 C  A N1    1 
ATOM   1123 C  C2    . C  A 1 53 ? 3.243   1.409   2.090   1.00 110.05 ? 53 C  A C2    1 
ATOM   1124 O  O2    . C  A 1 53 ? 3.688   1.156   0.958   1.00 109.44 ? 53 C  A O2    1 
ATOM   1125 N  N3    . C  A 1 53 ? 2.184   0.743   2.601   1.00 110.22 ? 53 C  A N3    1 
ATOM   1126 C  C4    . C  A 1 53 ? 1.719   1.065   3.813   1.00 110.96 ? 53 C  A C4    1 
ATOM   1127 N  N4    . C  A 1 53 ? 0.675   0.369   4.289   1.00 111.16 ? 53 C  A N4    1 
ATOM   1128 C  C5    . C  A 1 53 ? 2.301   2.116   4.597   1.00 110.94 ? 53 C  A C5    1 
ATOM   1129 C  C6    . C  A 1 53 ? 3.356   2.760   4.080   1.00 109.97 ? 53 C  A C6    1 
ATOM   1130 P  P     . U  A 1 54 ? 3.208   6.601   -0.461  1.00 110.46 ? 54 U  A P     1 
ATOM   1131 O  OP1   . U  A 1 54 ? 3.416   8.053   -0.680  1.00 111.79 ? 54 U  A OP1   1 
ATOM   1132 O  OP2   . U  A 1 54 ? 2.078   6.118   0.377   1.00 109.48 ? 54 U  A OP2   1 
ATOM   1133 O  "O5'" . U  A 1 54 ? 3.129   5.868   -1.860  1.00 109.85 ? 54 U  A "O5'" 1 
ATOM   1134 C  "C5'" . U  A 1 54 ? 3.194   4.464   -1.901  1.00 111.70 ? 54 U  A "C5'" 1 
ATOM   1135 C  "C4'" . U  A 1 54 ? 1.998   3.933   -2.615  1.00 112.52 ? 54 U  A "C4'" 1 
ATOM   1136 O  "O4'" . U  A 1 54 ? 1.644   2.665   -2.003  1.00 113.31 ? 54 U  A "O4'" 1 
ATOM   1137 C  "C3'" . U  A 1 54 ? 0.762   4.789   -2.437  1.00 113.06 ? 54 U  A "C3'" 1 
ATOM   1138 O  "O3'" . U  A 1 54 ? 0.757   5.831   -3.403  1.00 115.99 ? 54 U  A "O3'" 1 
ATOM   1139 C  "C2'" . U  A 1 54 ? -0.343  3.762   -2.632  1.00 112.03 ? 54 U  A "C2'" 1 
ATOM   1140 O  "O2'" . U  A 1 54 ? -0.528  3.410   -3.988  1.00 110.91 ? 54 U  A "O2'" 1 
ATOM   1141 C  "C1'" . U  A 1 54 ? 0.239   2.574   -1.864  1.00 110.67 ? 54 U  A "C1'" 1 
ATOM   1142 N  N1    . U  A 1 54 ? -0.064  2.631   -0.428  1.00 107.90 ? 54 U  A N1    1 
ATOM   1143 C  C2    . U  A 1 54 ? -1.039  1.780   0.049   1.00 106.33 ? 54 U  A C2    1 
ATOM   1144 O  O2    . U  A 1 54 ? -1.618  0.979   -0.662  1.00 104.11 ? 54 U  A O2    1 
ATOM   1145 N  N3    . U  A 1 54 ? -1.312  1.907   1.385   1.00 106.40 ? 54 U  A N3    1 
ATOM   1146 C  C4    . U  A 1 54 ? -0.724  2.789   2.275   1.00 106.93 ? 54 U  A C4    1 
ATOM   1147 O  O4    . U  A 1 54 ? -1.147  2.849   3.438   1.00 106.78 ? 54 U  A O4    1 
ATOM   1148 C  C5    . U  A 1 54 ? 0.295   3.627   1.703   1.00 105.82 ? 54 U  A C5    1 
ATOM   1149 C  C6    . U  A 1 54 ? 0.585   3.518   0.407   1.00 106.02 ? 54 U  A C6    1 
ATOM   1150 P  P     . A  A 1 55 ? -0.271  7.063   -3.251  1.00 119.09 ? 55 A  A P     1 
ATOM   1151 O  OP1   . A  A 1 55 ? 0.508   8.322   -3.031  1.00 117.19 ? 55 A  A OP1   1 
ATOM   1152 O  OP2   . A  A 1 55 ? -1.332  6.677   -2.281  1.00 118.52 ? 55 A  A OP2   1 
ATOM   1153 O  "O5'" . A  A 1 55 ? -0.942  7.134   -4.691  1.00 117.26 ? 55 A  A "O5'" 1 
ATOM   1154 C  "C5'" . A  A 1 55 ? -2.169  7.804   -4.891  1.00 116.33 ? 55 A  A "C5'" 1 
ATOM   1155 C  "C4'" . A  A 1 55 ? -3.206  6.823   -5.357  1.00 115.87 ? 55 A  A "C4'" 1 
ATOM   1156 O  "O4'" . A  A 1 55 ? -3.487  5.888   -4.286  1.00 114.67 ? 55 A  A "O4'" 1 
ATOM   1157 C  "C3'" . A  A 1 55 ? -4.549  7.436   -5.711  1.00 115.73 ? 55 A  A "C3'" 1 
ATOM   1158 O  "O3'" . A  A 1 55 ? -4.474  8.023   -7.026  1.00 114.98 ? 55 A  A "O3'" 1 
ATOM   1159 C  "C2'" . A  A 1 55 ? -5.537  6.288   -5.460  1.00 114.72 ? 55 A  A "C2'" 1 
ATOM   1160 O  "O2'" . A  A 1 55 ? -5.690  5.352   -6.511  1.00 113.74 ? 55 A  A "O2'" 1 
ATOM   1161 C  "C1'" . A  A 1 55 ? -4.868  5.559   -4.290  1.00 114.42 ? 55 A  A "C1'" 1 
ATOM   1162 N  N9    . A  A 1 55 ? -5.416  5.789   -2.948  1.00 113.37 ? 55 A  A N9    1 
ATOM   1163 C  C8    . A  A 1 55 ? -5.060  6.720   -1.999  1.00 112.29 ? 55 A  A C8    1 
ATOM   1164 N  N7    . A  A 1 55 ? -5.688  6.572   -0.854  1.00 110.30 ? 55 A  A N7    1 
ATOM   1165 C  C5    . A  A 1 55 ? -6.527  5.488   -1.074  1.00 110.27 ? 55 A  A C5    1 
ATOM   1166 C  C6    . A  A 1 55 ? -7.444  4.814   -0.248  1.00 109.97 ? 55 A  A C6    1 
ATOM   1167 N  N6    . A  A 1 55 ? -7.655  5.112   1.030   1.00 110.12 ? 55 A  A N6    1 
ATOM   1168 N  N1    . A  A 1 55 ? -8.139  3.793   -0.786  1.00 110.19 ? 55 A  A N1    1 
ATOM   1169 C  C2    . A  A 1 55 ? -7.908  3.461   -2.059  1.00 111.81 ? 55 A  A C2    1 
ATOM   1170 N  N3    . A  A 1 55 ? -7.061  4.000   -2.928  1.00 112.14 ? 55 A  A N3    1 
ATOM   1171 C  C4    . A  A 1 55 ? -6.394  5.020   -2.367  1.00 111.69 ? 55 A  A C4    1 
ATOM   1172 P  P     . U  A 1 56 ? -4.839  7.156   -8.338  1.00 114.50 ? 56 U  A P     1 
ATOM   1173 O  OP1   . U  A 1 56 ? -4.044  5.903   -8.326  1.00 115.33 ? 56 U  A OP1   1 
ATOM   1174 O  OP2   . U  A 1 56 ? -4.735  8.079   -9.498  1.00 115.23 ? 56 U  A OP2   1 
ATOM   1175 O  "O5'" . U  A 1 56 ? -6.358  6.729   -8.134  1.00 114.16 ? 56 U  A "O5'" 1 
ATOM   1176 C  "C5'" . U  A 1 56 ? -7.127  6.221   -9.215  1.00 114.58 ? 56 U  A "C5'" 1 
ATOM   1177 C  "C4'" . U  A 1 56 ? -7.731  4.877   -8.858  1.00 114.94 ? 56 U  A "C4'" 1 
ATOM   1178 O  "O4'" . U  A 1 56 ? -6.708  3.867   -8.815  1.00 116.49 ? 56 U  A "O4'" 1 
ATOM   1179 C  "C3'" . U  A 1 56 ? -8.461  4.731   -7.522  1.00 113.30 ? 56 U  A "C3'" 1 
ATOM   1180 O  "O3'" . U  A 1 56 ? -9.840  5.069   -7.702  1.00 106.75 ? 56 U  A "O3'" 1 
ATOM   1181 C  "C2'" . U  A 1 56 ? -8.390  3.221   -7.237  1.00 114.81 ? 56 U  A "C2'" 1 
ATOM   1182 O  "O2'" . U  A 1 56 ? -9.559  2.536   -7.636  1.00 115.58 ? 56 U  A "O2'" 1 
ATOM   1183 C  "C1'" . U  A 1 56 ? -7.225  2.758   -8.122  1.00 117.37 ? 56 U  A "C1'" 1 
ATOM   1184 N  N1    . U  A 1 56 ? -6.127  2.030   -7.484  1.00 120.08 ? 56 U  A N1    1 
ATOM   1185 C  C2    . U  A 1 56 ? -6.355  0.709   -7.147  1.00 121.83 ? 56 U  A C2    1 
ATOM   1186 O  O2    . U  A 1 56 ? -7.438  0.162   -7.303  1.00 122.02 ? 56 U  A O2    1 
ATOM   1187 N  N3    . U  A 1 56 ? -5.271  0.050   -6.622  1.00 123.74 ? 56 U  A N3    1 
ATOM   1188 C  C4    . U  A 1 56 ? -4.010  0.577   -6.392  1.00 124.29 ? 56 U  A C4    1 
ATOM   1189 O  O4    . U  A 1 56 ? -3.116  -0.157  -5.957  1.00 125.21 ? 56 U  A O4    1 
ATOM   1190 C  C5    . U  A 1 56 ? -3.868  1.963   -6.740  1.00 123.45 ? 56 U  A C5    1 
ATOM   1191 C  C6    . U  A 1 56 ? -4.908  2.624   -7.258  1.00 121.70 ? 56 U  A C6    1 
ATOM   1192 P  P     . G  A 1 57 ? -10.466 6.365   -6.986  1.00 101.24 ? 57 G  A P     1 
ATOM   1193 O  OP1   . G  A 1 57 ? -11.860 6.453   -7.499  1.00 100.41 ? 57 G  A OP1   1 
ATOM   1194 O  OP2   . G  A 1 57 ? -9.538  7.527   -7.136  1.00 98.05  ? 57 G  A OP2   1 
ATOM   1195 O  "O5'" . G  A 1 57 ? -10.524 5.962   -5.447  1.00 99.74  ? 57 G  A "O5'" 1 
ATOM   1196 C  "C5'" . G  A 1 57 ? -11.436 4.967   -4.980  1.00 94.47  ? 57 G  A "C5'" 1 
ATOM   1197 C  "C4'" . G  A 1 57 ? -11.886 5.296   -3.573  1.00 90.36  ? 57 G  A "C4'" 1 
ATOM   1198 O  "O4'" . G  A 1 57 ? -10.758 5.204   -2.663  1.00 89.67  ? 57 G  A "O4'" 1 
ATOM   1199 C  "C3'" . G  A 1 57 ? -12.377 6.716   -3.376  1.00 88.17  ? 57 G  A "C3'" 1 
ATOM   1200 O  "O3'" . G  A 1 57 ? -13.736 6.869   -3.728  1.00 85.62  ? 57 G  A "O3'" 1 
ATOM   1201 C  "C2'" . G  A 1 57 ? -12.202 6.899   -1.882  1.00 88.64  ? 57 G  A "C2'" 1 
ATOM   1202 O  "O2'" . G  A 1 57 ? -13.219 6.223   -1.162  1.00 89.41  ? 57 G  A "O2'" 1 
ATOM   1203 C  "C1'" . G  A 1 57 ? -10.852 6.220   -1.670  1.00 87.16  ? 57 G  A "C1'" 1 
ATOM   1204 N  N9    . G  A 1 57 ? -9.734  7.134   -1.868  1.00 83.79  ? 57 G  A N9    1 
ATOM   1205 C  C8    . G  A 1 57 ? -9.003  7.270   -3.015  1.00 84.73  ? 57 G  A C8    1 
ATOM   1206 N  N7    . G  A 1 57 ? -8.047  8.151   -2.914  1.00 84.49  ? 57 G  A N7    1 
ATOM   1207 C  C5    . G  A 1 57 ? -8.159  8.630   -1.622  1.00 82.44  ? 57 G  A C5    1 
ATOM   1208 C  C6    . G  A 1 57 ? -7.393  9.596   -0.948  1.00 82.64  ? 57 G  A C6    1 
ATOM   1209 O  O6    . G  A 1 57 ? -6.432  10.239  -1.370  1.00 85.28  ? 57 G  A O6    1 
ATOM   1210 N  N1    . G  A 1 57 ? -7.834  9.789   0.349   1.00 81.55  ? 57 G  A N1    1 
ATOM   1211 C  C2    . G  A 1 57 ? -8.875  9.122   0.927   1.00 81.98  ? 57 G  A C2    1 
ATOM   1212 N  N2    . G  A 1 57 ? -9.128  9.443   2.203   1.00 81.99  ? 57 G  A N2    1 
ATOM   1213 N  N3    . G  A 1 57 ? -9.610  8.208   0.304   1.00 81.48  ? 57 G  A N3    1 
ATOM   1214 C  C4    . G  A 1 57 ? -9.197  8.016   -0.961  1.00 82.10  ? 57 G  A C4    1 
ATOM   1215 P  P     . C  A 1 58 ? -14.322 8.342   -3.900  1.00 82.62  ? 58 C  A P     1 
ATOM   1216 O  OP1   . C  A 1 58 ? -15.796 8.253   -3.904  1.00 83.10  ? 58 C  A OP1   1 
ATOM   1217 O  OP2   . C  A 1 58 ? -13.611 8.996   -5.028  1.00 80.67  ? 58 C  A OP2   1 
ATOM   1218 O  "O5'" . C  A 1 58 ? -13.873 9.074   -2.564  1.00 82.30  ? 58 C  A "O5'" 1 
ATOM   1219 C  "C5'" . C  A 1 58 ? -13.828 10.487  -2.504  1.00 81.58  ? 58 C  A "C5'" 1 
ATOM   1220 C  "C4'" . C  A 1 58 ? -13.483 10.938  -1.114  1.00 80.61  ? 58 C  A "C4'" 1 
ATOM   1221 O  "O4'" . C  A 1 58 ? -12.192 10.393  -0.734  1.00 79.01  ? 58 C  A "O4'" 1 
ATOM   1222 C  "C3'" . C  A 1 58 ? -13.311 12.436  -0.987  1.00 80.14  ? 58 C  A "C3'" 1 
ATOM   1223 O  "O3'" . C  A 1 58 ? -14.571 13.060  -0.801  1.00 78.98  ? 58 C  A "O3'" 1 
ATOM   1224 C  "C2'" . C  A 1 58 ? -12.401 12.542  0.225   1.00 80.23  ? 58 C  A "C2'" 1 
ATOM   1225 O  "O2'" . C  A 1 58 ? -13.079 12.337  1.442   1.00 81.85  ? 58 C  A "O2'" 1 
ATOM   1226 C  "C1'" . C  A 1 58 ? -11.461 11.363  -0.013  1.00 79.83  ? 58 C  A "C1'" 1 
ATOM   1227 N  N1    . C  A 1 58 ? -10.309 11.767  -0.823  1.00 80.78  ? 58 C  A N1    1 
ATOM   1228 C  C2    . C  A 1 58 ? -9.349  12.596  -0.245  1.00 82.45  ? 58 C  A C2    1 
ATOM   1229 O  O2    . C  A 1 58 ? -9.487  12.935  0.938   1.00 86.13  ? 58 C  A O2    1 
ATOM   1230 N  N3    . C  A 1 58 ? -8.297  13.008  -0.983  1.00 81.67  ? 58 C  A N3    1 
ATOM   1231 C  C4    . C  A 1 58 ? -8.187  12.624  -2.252  1.00 80.93  ? 58 C  A C4    1 
ATOM   1232 N  N4    . C  A 1 58 ? -7.150  13.085  -2.950  1.00 81.05  ? 58 C  A N4    1 
ATOM   1233 C  C5    . C  A 1 58 ? -9.141  11.758  -2.864  1.00 80.58  ? 58 C  A C5    1 
ATOM   1234 C  C6    . C  A 1 58 ? -10.179 11.357  -2.118  1.00 80.52  ? 58 C  A C6    1 
ATOM   1235 P  P     . C  A 1 59 ? -14.837 14.514  -1.427  1.00 79.82  ? 59 C  A P     1 
ATOM   1236 O  OP1   . C  A 1 59 ? -16.289 14.705  -1.273  1.00 80.42  ? 59 C  A OP1   1 
ATOM   1237 O  OP2   . C  A 1 59 ? -14.230 14.630  -2.769  1.00 79.75  ? 59 C  A OP2   1 
ATOM   1238 O  "O5'" . C  A 1 59 ? -14.056 15.510  -0.460  1.00 76.78  ? 59 C  A "O5'" 1 
ATOM   1239 C  "C5'" . C  A 1 59 ? -14.430 15.619  0.899   1.00 77.72  ? 59 C  A "C5'" 1 
ATOM   1240 C  "C4'" . C  A 1 59 ? -13.511 16.568  1.613   1.00 79.49  ? 59 C  A "C4'" 1 
ATOM   1241 O  "O4'" . C  A 1 59 ? -12.184 15.998  1.677   1.00 81.19  ? 59 C  A "O4'" 1 
ATOM   1242 C  "C3'" . C  A 1 59 ? -13.292 17.890  0.910   1.00 80.50  ? 59 C  A "C3'" 1 
ATOM   1243 O  "O3'" . C  A 1 59 ? -14.332 18.798  1.187   1.00 77.60  ? 59 C  A "O3'" 1 
ATOM   1244 C  "C2'" . C  A 1 59 ? -11.971 18.356  1.500   1.00 82.17  ? 59 C  A "C2'" 1 
ATOM   1245 O  "O2'" . C  A 1 59 ? -12.096 18.942  2.779   1.00 83.39  ? 59 C  A "O2'" 1 
ATOM   1246 C  "C1'" . C  A 1 59 ? -11.215 17.032  1.594   1.00 83.20  ? 59 C  A "C1'" 1 
ATOM   1247 N  N1    . C  A 1 59 ? -10.408 16.797  0.395   1.00 85.38  ? 59 C  A N1    1 
ATOM   1248 C  C2    . C  A 1 59 ? -9.305  17.617  0.154   1.00 86.46  ? 59 C  A C2    1 
ATOM   1249 O  O2    . C  A 1 59 ? -9.029  18.497  0.976   1.00 87.89  ? 59 C  A O2    1 
ATOM   1250 N  N3    . C  A 1 59 ? -8.570  17.431  -0.963  1.00 88.02  ? 59 C  A N3    1 
ATOM   1251 C  C4    . C  A 1 59 ? -8.903  16.465  -1.822  1.00 88.87  ? 59 C  A C4    1 
ATOM   1252 N  N4    . C  A 1 59 ? -8.167  16.321  -2.930  1.00 89.42  ? 59 C  A N4    1 
ATOM   1253 C  C5    . C  A 1 59 ? -10.014 15.600  -1.588  1.00 89.07  ? 59 C  A C5    1 
ATOM   1254 C  C6    . C  A 1 59 ? -10.732 15.802  -0.479  1.00 86.74  ? 59 C  A C6    1 
ATOM   1255 P  P     . C  A 1 60 ? -14.718 19.887  0.091   1.00 75.09  ? 60 C  A P     1 
ATOM   1256 O  OP1   . C  A 1 60 ? -16.023 20.384  0.561   1.00 76.30  ? 60 C  A OP1   1 
ATOM   1257 O  OP2   . C  A 1 60 ? -14.607 19.294  -1.257  1.00 78.15  ? 60 C  A OP2   1 
ATOM   1258 O  "O5'" . C  A 1 60 ? -13.584 20.989  0.241   1.00 74.02  ? 60 C  A "O5'" 1 
ATOM   1259 C  "C5'" . C  A 1 60 ? -13.465 21.707  1.449   1.00 76.15  ? 60 C  A "C5'" 1 
ATOM   1260 C  "C4'" . C  A 1 60 ? -12.251 22.591  1.427   1.00 77.72  ? 60 C  A "C4'" 1 
ATOM   1261 O  "O4'" . C  A 1 60 ? -11.050 21.791  1.396   1.00 78.89  ? 60 C  A "O4'" 1 
ATOM   1262 C  "C3'" . C  A 1 60 ? -12.092 23.471  0.214   1.00 78.70  ? 60 C  A "C3'" 1 
ATOM   1263 O  "O3'" . C  A 1 60 ? -12.919 24.602  0.305   1.00 80.92  ? 60 C  A "O3'" 1 
ATOM   1264 C  "C2'" . C  A 1 60 ? -10.627 23.845  0.309   1.00 78.66  ? 60 C  A "C2'" 1 
ATOM   1265 O  "O2'" . C  A 1 60 ? -10.370 24.818  1.296   1.00 78.89  ? 60 C  A "O2'" 1 
ATOM   1266 C  "C1'" . C  A 1 60 ? -10.024 22.512  0.734   1.00 78.94  ? 60 C  A "C1'" 1 
ATOM   1267 N  N1    . C  A 1 60 ? -9.603  21.745  -0.439  1.00 80.58  ? 60 C  A N1    1 
ATOM   1268 C  C2    . C  A 1 60 ? -8.437  22.129  -1.095  1.00 81.60  ? 60 C  A C2    1 
ATOM   1269 O  O2    . C  A 1 60 ? -7.785  23.086  -0.637  1.00 82.87  ? 60 C  A O2    1 
ATOM   1270 N  N3    . C  A 1 60 ? -8.047  21.458  -2.203  1.00 81.63  ? 60 C  A N3    1 
ATOM   1271 C  C4    . C  A 1 60 ? -8.777  20.438  -2.652  1.00 81.30  ? 60 C  A C4    1 
ATOM   1272 N  N4    . C  A 1 60 ? -8.373  19.824  -3.761  1.00 81.84  ? 60 C  A N4    1 
ATOM   1273 C  C5    . C  A 1 60 ? -9.961  20.009  -1.987  1.00 81.43  ? 60 C  A C5    1 
ATOM   1274 C  C6    . C  A 1 60 ? -10.336 20.685  -0.895  1.00 80.97  ? 60 C  A C6    1 
ATOM   1275 P  P     . G  A 1 61 ? -13.582 25.181  -1.021  1.00 81.91  ? 61 G  A P     1 
ATOM   1276 O  OP1   . G  A 1 61 ? -14.430 26.309  -0.576  1.00 83.12  ? 61 G  A OP1   1 
ATOM   1277 O  OP2   . G  A 1 61 ? -14.182 24.052  -1.783  1.00 81.38  ? 61 G  A OP2   1 
ATOM   1278 O  "O5'" . G  A 1 61 ? -12.349 25.797  -1.812  1.00 81.89  ? 61 G  A "O5'" 1 
ATOM   1279 C  "C5'" . G  A 1 61 ? -11.688 26.933  -1.288  1.00 83.29  ? 61 G  A "C5'" 1 
ATOM   1280 C  "C4'" . G  A 1 61 ? -10.395 27.182  -2.015  1.00 84.24  ? 61 G  A "C4'" 1 
ATOM   1281 O  "O4'" . G  A 1 61 ? -9.562  26.003  -1.927  1.00 83.64  ? 61 G  A "O4'" 1 
ATOM   1282 C  "C3'" . G  A 1 61 ? -10.481 27.426  -3.506  1.00 84.90  ? 61 G  A "C3'" 1 
ATOM   1283 O  "O3'" . G  A 1 61 ? -10.867 28.761  -3.799  1.00 87.73  ? 61 G  A "O3'" 1 
ATOM   1284 C  "C2'" . G  A 1 61 ? -9.045  27.155  -3.928  1.00 84.26  ? 61 G  A "C2'" 1 
ATOM   1285 O  "O2'" . G  A 1 61 ? -8.152  28.211  -3.660  1.00 82.27  ? 61 G  A "O2'" 1 
ATOM   1286 C  "C1'" . G  A 1 61 ? -8.702  25.958  -3.050  1.00 84.53  ? 61 G  A "C1'" 1 
ATOM   1287 N  N9    . G  A 1 61 ? -8.929  24.717  -3.777  1.00 85.88  ? 61 G  A N9    1 
ATOM   1288 C  C8    . G  A 1 61 ? -9.937  23.800  -3.601  1.00 86.48  ? 61 G  A C8    1 
ATOM   1289 N  N7    . G  A 1 61 ? -9.859  22.790  -4.428  1.00 86.46  ? 61 G  A N7    1 
ATOM   1290 C  C5    . G  A 1 61 ? -8.731  23.059  -5.190  1.00 86.06  ? 61 G  A C5    1 
ATOM   1291 C  C6    . G  A 1 61 ? -8.145  22.329  -6.236  1.00 85.99  ? 61 G  A C6    1 
ATOM   1292 O  O6    . G  A 1 61 ? -8.512  21.256  -6.718  1.00 85.53  ? 61 G  A O6    1 
ATOM   1293 N  N1    . G  A 1 61 ? -7.014  22.967  -6.734  1.00 86.87  ? 61 G  A N1    1 
ATOM   1294 C  C2    . G  A 1 61 ? -6.511  24.163  -6.273  1.00 87.43  ? 61 G  A C2    1 
ATOM   1295 N  N2    . G  A 1 61 ? -5.409  24.633  -6.881  1.00 88.89  ? 61 G  A N2    1 
ATOM   1296 N  N3    . G  A 1 61 ? -7.050  24.851  -5.291  1.00 86.74  ? 61 G  A N3    1 
ATOM   1297 C  C4    . G  A 1 61 ? -8.149  24.245  -4.799  1.00 86.31  ? 61 G  A C4    1 
ATOM   1298 P  P     . G  A 1 62 ? -11.798 29.054  -5.074  1.00 89.99  ? 62 G  A P     1 
ATOM   1299 O  OP1   . G  A 1 62 ? -12.379 30.405  -4.895  1.00 89.85  ? 62 G  A OP1   1 
ATOM   1300 O  OP2   . G  A 1 62 ? -12.693 27.879  -5.257  1.00 88.92  ? 62 G  A OP2   1 
ATOM   1301 O  "O5'" . G  A 1 62 ? -10.778 29.112  -6.298  1.00 89.14  ? 62 G  A "O5'" 1 
ATOM   1302 C  "C5'" . G  A 1 62 ? -9.879  28.045  -6.510  1.00 88.27  ? 62 G  A "C5'" 1 
ATOM   1303 C  "C4'" . G  A 1 62 ? -8.930  28.339  -7.633  1.00 88.35  ? 62 G  A "C4'" 1 
ATOM   1304 O  "O4'" . G  A 1 62 ? -7.946  27.276  -7.614  1.00 88.78  ? 62 G  A "O4'" 1 
ATOM   1305 C  "C3'" . G  A 1 62 ? -9.561  28.292  -9.019  1.00 89.83  ? 62 G  A "C3'" 1 
ATOM   1306 O  "O3'" . G  A 1 62 ? -9.878  29.603  -9.482  1.00 91.27  ? 62 G  A "O3'" 1 
ATOM   1307 C  "C2'" . G  A 1 62 ? -8.465  27.650  -9.856  1.00 89.31  ? 62 G  A "C2'" 1 
ATOM   1308 O  "O2'" . G  A 1 62 ? -7.454  28.578  -10.183 1.00 89.50  ? 62 G  A "O2'" 1 
ATOM   1309 C  "C1'" . G  A 1 62 ? -7.916  26.624  -8.867  1.00 88.23  ? 62 G  A "C1'" 1 
ATOM   1310 N  N9    . G  A 1 62 ? -8.748  25.430  -8.742  1.00 86.49  ? 62 G  A N9    1 
ATOM   1311 C  C8    . G  A 1 62 ? -9.698  25.198  -7.778  1.00 85.57  ? 62 G  A C8    1 
ATOM   1312 N  N7    . G  A 1 62 ? -10.301 24.052  -7.917  1.00 85.17  ? 62 G  A N7    1 
ATOM   1313 C  C5    . G  A 1 62 ? -9.714  23.487  -9.037  1.00 83.97  ? 62 G  A C5    1 
ATOM   1314 C  C6    . G  A 1 62 ? -9.968  22.245  -9.678  1.00 82.68  ? 62 G  A C6    1 
ATOM   1315 O  O6    . G  A 1 62 ? -10.789 21.373  -9.381  1.00 79.73  ? 62 G  A O6    1 
ATOM   1316 N  N1    . G  A 1 62 ? -9.151  22.070  -10.780 1.00 83.89  ? 62 G  A N1    1 
ATOM   1317 C  C2    . G  A 1 62 ? -8.215  22.974  -11.222 1.00 86.22  ? 62 G  A C2    1 
ATOM   1318 N  N2    . G  A 1 62 ? -7.537  22.616  -12.327 1.00 88.36  ? 62 G  A N2    1 
ATOM   1319 N  N3    . G  A 1 62 ? -7.965  24.138  -10.634 1.00 84.75  ? 62 G  A N3    1 
ATOM   1320 C  C4    . G  A 1 62 ? -8.747  24.325  -9.556  1.00 84.93  ? 62 G  A C4    1 
ATOM   1321 P  P     . G  A 1 63 ? -10.865 29.793  -10.745 1.00 92.01  ? 63 G  A P     1 
ATOM   1322 O  OP1   . G  A 1 63 ? -10.526 31.144  -11.289 1.00 89.94  ? 63 G  A OP1   1 
ATOM   1323 O  OP2   . G  A 1 63 ? -12.273 29.471  -10.360 1.00 89.59  ? 63 G  A OP2   1 
ATOM   1324 O  "O5'" . G  A 1 63 ? -10.402 28.687  -11.799 1.00 89.67  ? 63 G  A "O5'" 1 
ATOM   1325 C  "C5'" . G  A 1 63 ? -9.414  28.991  -12.781 1.00 86.74  ? 63 G  A "C5'" 1 
ATOM   1326 C  "C4'" . G  A 1 63 ? -9.256  27.846  -13.751 1.00 82.85  ? 63 G  A "C4'" 1 
ATOM   1327 O  "O4'" . G  A 1 63 ? -8.909  26.653  -13.005 1.00 81.50  ? 63 G  A "O4'" 1 
ATOM   1328 C  "C3'" . G  A 1 63 ? -10.491 27.408  -14.513 1.00 81.47  ? 63 G  A "C3'" 1 
ATOM   1329 O  "O3'" . G  A 1 63 ? -10.757 28.223  -15.639 1.00 82.97  ? 63 G  A "O3'" 1 
ATOM   1330 C  "C2'" . G  A 1 63 ? -10.076 26.018  -14.942 1.00 80.37  ? 63 G  A "C2'" 1 
ATOM   1331 O  "O2'" . G  A 1 63 ? -9.077  26.061  -15.935 1.00 79.34  ? 63 G  A "O2'" 1 
ATOM   1332 C  "C1'" . G  A 1 63 ? -9.454  25.512  -13.648 1.00 79.57  ? 63 G  A "C1'" 1 
ATOM   1333 N  N9    . G  A 1 63 ? -10.471 24.956  -12.771 1.00 77.89  ? 63 G  A N9    1 
ATOM   1334 C  C8    . G  A 1 63 ? -10.973 25.527  -11.626 1.00 77.58  ? 63 G  A C8    1 
ATOM   1335 N  N7    . G  A 1 63 ? -11.890 24.796  -11.050 1.00 77.06  ? 63 G  A N7    1 
ATOM   1336 C  C5    . G  A 1 63 ? -11.999 23.678  -11.866 1.00 76.06  ? 63 G  A C5    1 
ATOM   1337 C  C6    . G  A 1 63 ? -12.832 22.549  -11.751 1.00 75.65  ? 63 G  A C6    1 
ATOM   1338 O  O6    . G  A 1 63 ? -13.670 22.305  -10.884 1.00 78.26  ? 63 G  A O6    1 
ATOM   1339 N  N1    . G  A 1 63 ? -12.623 21.647  -12.787 1.00 72.38  ? 63 G  A N1    1 
ATOM   1340 C  C2    . G  A 1 63 ? -11.731 21.819  -13.800 1.00 72.70  ? 63 G  A C2    1 
ATOM   1341 N  N2    . G  A 1 63 ? -11.686 20.841  -14.693 1.00 73.73  ? 63 G  A N2    1 
ATOM   1342 N  N3    . G  A 1 63 ? -10.940 22.873  -13.927 1.00 73.23  ? 63 G  A N3    1 
ATOM   1343 C  C4    . G  A 1 63 ? -11.129 23.758  -12.930 1.00 75.81  ? 63 G  A C4    1 
ATOM   1344 P  P     . G  A 1 64 ? -12.236 28.233  -16.276 1.00 84.37  ? 64 G  A P     1 
ATOM   1345 O  OP1   . G  A 1 64 ? -12.159 29.059  -17.510 1.00 85.20  ? 64 G  A OP1   1 
ATOM   1346 O  OP2   . G  A 1 64 ? -13.248 28.568  -15.238 1.00 83.61  ? 64 G  A OP2   1 
ATOM   1347 O  "O5'" . G  A 1 64 ? -12.439 26.726  -16.730 1.00 80.67  ? 64 G  A "O5'" 1 
ATOM   1348 C  "C5'" . G  A 1 64 ? -11.575 26.186  -17.702 1.00 79.58  ? 64 G  A "C5'" 1 
ATOM   1349 C  "C4'" . G  A 1 64 ? -12.066 24.847  -18.147 1.00 79.35  ? 64 G  A "C4'" 1 
ATOM   1350 O  "O4'" . G  A 1 64 ? -12.039 23.927  -17.035 1.00 79.04  ? 64 G  A "O4'" 1 
ATOM   1351 C  "C3'" . G  A 1 64 ? -13.505 24.784  -18.593 1.00 79.70  ? 64 G  A "C3'" 1 
ATOM   1352 O  "O3'" . G  A 1 64 ? -13.643 25.286  -19.911 1.00 81.97  ? 64 G  A "O3'" 1 
ATOM   1353 C  "C2'" . G  A 1 64 ? -13.760 23.289  -18.509 1.00 78.99  ? 64 G  A "C2'" 1 
ATOM   1354 O  "O2'" . G  A 1 64 ? -13.104 22.582  -19.538 1.00 79.22  ? 64 G  A "O2'" 1 
ATOM   1355 C  "C1'" . G  A 1 64 ? -13.058 22.961  -17.198 1.00 76.90  ? 64 G  A "C1'" 1 
ATOM   1356 N  N9    . G  A 1 64 ? -13.926 23.047  -16.035 1.00 73.97  ? 64 G  A N9    1 
ATOM   1357 C  C8    . G  A 1 64 ? -13.950 24.053  -15.097 1.00 73.33  ? 64 G  A C8    1 
ATOM   1358 N  N7    . G  A 1 64 ? -14.785 23.822  -14.122 1.00 72.46  ? 64 G  A N7    1 
ATOM   1359 C  C5    . G  A 1 64 ? -15.354 22.598  -14.445 1.00 72.44  ? 64 G  A C5    1 
ATOM   1360 C  C6    . G  A 1 64 ? -16.303 21.826  -13.747 1.00 73.90  ? 64 G  A C6    1 
ATOM   1361 O  O6    . G  A 1 64 ? -16.842 22.077  -12.652 1.00 75.36  ? 64 G  A O6    1 
ATOM   1362 N  N1    . G  A 1 64 ? -16.607 20.646  -14.432 1.00 71.40  ? 64 G  A N1    1 
ATOM   1363 C  C2    . G  A 1 64 ? -16.056 20.265  -15.629 1.00 69.34  ? 64 G  A C2    1 
ATOM   1364 N  N2    . G  A 1 64 ? -16.484 19.099  -16.119 1.00 67.16  ? 64 G  A N2    1 
ATOM   1365 N  N3    . G  A 1 64 ? -15.154 20.976  -16.287 1.00 68.82  ? 64 G  A N3    1 
ATOM   1366 C  C4    . G  A 1 64 ? -14.850 22.120  -15.638 1.00 71.49  ? 64 G  A C4    1 
ATOM   1367 P  P     . G  A 1 65 ? -15.101 25.664  -20.458 1.00 80.69  ? 65 G  A P     1 
ATOM   1368 O  OP1   . G  A 1 65 ? -14.920 26.087  -21.874 1.00 80.69  ? 65 G  A OP1   1 
ATOM   1369 O  OP2   . G  A 1 65 ? -15.750 26.590  -19.491 1.00 79.12  ? 65 G  A OP2   1 
ATOM   1370 O  "O5'" . G  A 1 65 ? -15.849 24.259  -20.440 1.00 78.40  ? 65 G  A "O5'" 1 
ATOM   1371 C  "C5'" . G  A 1 65 ? -17.253 24.200  -20.498 1.00 79.78  ? 65 G  A "C5'" 1 
ATOM   1372 C  "C4'" . G  A 1 65 ? -17.736 22.849  -20.074 1.00 79.82  ? 65 G  A "C4'" 1 
ATOM   1373 O  "O4'" . G  A 1 65 ? -16.957 22.390  -18.952 1.00 81.21  ? 65 G  A "O4'" 1 
ATOM   1374 C  "C3'" . G  A 1 65 ? -19.163 22.915  -19.570 1.00 81.02  ? 65 G  A "C3'" 1 
ATOM   1375 O  "O3'" . G  A 1 65 ? -20.032 22.645  -20.641 1.00 82.01  ? 65 G  A "O3'" 1 
ATOM   1376 C  "C2'" . G  A 1 65 ? -19.184 21.843  -18.499 1.00 79.80  ? 65 G  A "C2'" 1 
ATOM   1377 O  "O2'" . G  A 1 65 ? -19.242 20.536  -19.045 1.00 78.88  ? 65 G  A "O2'" 1 
ATOM   1378 C  "C1'" . G  A 1 65 ? -17.819 22.084  -17.872 1.00 79.30  ? 65 G  A "C1'" 1 
ATOM   1379 N  N9    . G  A 1 65 ? -17.767 23.234  -16.981 1.00 77.36  ? 65 G  A N9    1 
ATOM   1380 C  C8    . G  A 1 65 ? -17.030 24.370  -17.193 1.00 77.62  ? 65 G  A C8    1 
ATOM   1381 N  N7    . G  A 1 65 ? -17.086 25.211  -16.201 1.00 78.36  ? 65 G  A N7    1 
ATOM   1382 C  C5    . G  A 1 65 ? -17.930 24.604  -15.286 1.00 76.84  ? 65 G  A C5    1 
ATOM   1383 C  C6    . G  A 1 65 ? -18.356 25.047  -14.024 1.00 76.64  ? 65 G  A C6    1 
ATOM   1384 O  O6    . G  A 1 65 ? -18.030 26.083  -13.426 1.00 77.54  ? 65 G  A O6    1 
ATOM   1385 N  N1    . G  A 1 65 ? -19.244 24.150  -13.442 1.00 75.71  ? 65 G  A N1    1 
ATOM   1386 C  C2    . G  A 1 65 ? -19.659 22.966  -14.012 1.00 75.62  ? 65 G  A C2    1 
ATOM   1387 N  N2    . G  A 1 65 ? -20.554 22.248  -13.311 1.00 75.54  ? 65 G  A N2    1 
ATOM   1388 N  N3    . G  A 1 65 ? -19.236 22.526  -15.187 1.00 75.92  ? 65 G  A N3    1 
ATOM   1389 C  C4    . G  A 1 65 ? -18.383 23.393  -15.765 1.00 76.54  ? 65 G  A C4    1 
ATOM   1390 P  P     . A  A 1 66 ? -20.845 23.842  -21.314 1.00 81.98  ? 66 A  A P     1 
ATOM   1391 O  OP1   . A  A 1 66 ? -20.112 25.136  -21.215 1.00 77.93  ? 66 A  A OP1   1 
ATOM   1392 O  OP2   . A  A 1 66 ? -22.225 23.720  -20.762 1.00 82.65  ? 66 A  A OP2   1 
ATOM   1393 O  "O5'" . A  A 1 66 ? -20.885 23.379  -22.827 1.00 82.12  ? 66 A  A "O5'" 1 
ATOM   1394 C  "C5'" . A  A 1 66 ? -21.876 22.455  -23.254 1.00 82.23  ? 66 A  A "C5'" 1 
ATOM   1395 C  "C4'" . A  A 1 66 ? -21.624 21.084  -22.668 1.00 81.05  ? 66 A  A "C4'" 1 
ATOM   1396 O  "O4'" . A  A 1 66 ? -21.893 21.044  -21.249 1.00 76.12  ? 66 A  A "O4'" 1 
ATOM   1397 C  "C3'" . A  A 1 66 ? -22.549 20.026  -23.239 1.00 82.75  ? 66 A  A "C3'" 1 
ATOM   1398 O  "O3'" . A  A 1 66 ? -22.088 19.607  -24.544 1.00 90.23  ? 66 A  A "O3'" 1 
ATOM   1399 C  "C2'" . A  A 1 66 ? -22.713 18.976  -22.137 1.00 78.45  ? 66 A  A "C2'" 1 
ATOM   1400 O  "O2'" . A  A 1 66 ? -22.035 17.769  -22.366 1.00 77.73  ? 66 A  A "O2'" 1 
ATOM   1401 C  "C1'" . A  A 1 66 ? -22.188 19.709  -20.899 1.00 76.08  ? 66 A  A "C1'" 1 
ATOM   1402 N  N9    . A  A 1 66 ? -22.998 19.688  -19.683 1.00 73.61  ? 66 A  A N9    1 
ATOM   1403 C  C8    . A  A 1 66 ? -22.966 20.610  -18.663 1.00 73.99  ? 66 A  A C8    1 
ATOM   1404 N  N7    . A  A 1 66 ? -23.749 20.313  -17.652 1.00 71.37  ? 66 A  A N7    1 
ATOM   1405 C  C5    . A  A 1 66 ? -24.349 19.128  -18.037 1.00 69.14  ? 66 A  A C5    1 
ATOM   1406 C  C6    . A  A 1 66 ? -25.277 18.307  -17.401 1.00 67.92  ? 66 A  A C6    1 
ATOM   1407 N  N6    . A  A 1 66 ? -25.794 18.574  -16.200 1.00 66.78  ? 66 A  A N6    1 
ATOM   1408 N  N1    . A  A 1 66 ? -25.669 17.190  -18.043 1.00 67.72  ? 66 A  A N1    1 
ATOM   1409 C  C2    . A  A 1 66 ? -25.158 16.938  -19.255 1.00 69.67  ? 66 A  A C2    1 
ATOM   1410 N  N3    . A  A 1 66 ? -24.280 17.644  -19.966 1.00 69.73  ? 66 A  A N3    1 
ATOM   1411 C  C4    . A  A 1 66 ? -23.907 18.736  -19.291 1.00 70.47  ? 66 A  A C4    1 
ATOM   1412 P  P     . A  A 1 67 ? -20.665 18.837  -24.744 1.00 94.23  ? 67 A  A P     1 
ATOM   1413 O  OP1   . A  A 1 67 ? -20.103 19.411  -25.996 1.00 93.56  ? 67 A  A OP1   1 
ATOM   1414 O  OP2   . A  A 1 67 ? -20.865 17.359  -24.644 1.00 93.49  ? 67 A  A OP2   1 
ATOM   1415 O  "O5'" . A  A 1 67 ? -19.709 19.312  -23.553 1.00 96.61  ? 67 A  A "O5'" 1 
ATOM   1416 C  "C5'" . A  A 1 67 ? -18.689 20.302  -23.765 1.00 99.02  ? 67 A  A "C5'" 1 
ATOM   1417 C  "C4'" . A  A 1 67 ? -17.518 20.087  -22.817 1.00 100.10 ? 67 A  A "C4'" 1 
ATOM   1418 O  "O4'" . A  A 1 67 ? -18.002 20.074  -21.444 1.00 99.41  ? 67 A  A "O4'" 1 
ATOM   1419 C  "C3'" . A  A 1 67 ? -16.751 18.777  -22.963 1.00 100.89 ? 67 A  A "C3'" 1 
ATOM   1420 O  "O3'" . A  A 1 67 ? -15.725 18.873  -23.950 1.00 102.36 ? 67 A  A "O3'" 1 
ATOM   1421 C  "C2'" . A  A 1 67 ? -16.144 18.613  -21.579 1.00 101.09 ? 67 A  A "C2'" 1 
ATOM   1422 O  "O2'" . A  A 1 67 ? -15.002 19.418  -21.367 1.00 102.94 ? 67 A  A "O2'" 1 
ATOM   1423 C  "C1'" . A  A 1 67 ? -17.288 19.105  -20.696 1.00 99.63  ? 67 A  A "C1'" 1 
ATOM   1424 N  N9    . A  A 1 67 ? -18.195 18.007  -20.379 1.00 97.52  ? 67 A  A N9    1 
ATOM   1425 C  C8    . A  A 1 67 ? -19.283 17.604  -21.093 1.00 97.05  ? 67 A  A C8    1 
ATOM   1426 N  N7    . A  A 1 67 ? -19.904 16.575  -20.575 1.00 97.20  ? 67 A  A N7    1 
ATOM   1427 C  C5    . A  A 1 67 ? -19.177 16.287  -19.435 1.00 96.80  ? 67 A  A C5    1 
ATOM   1428 C  C6    . A  A 1 67 ? -19.331 15.310  -18.441 1.00 97.37  ? 67 A  A C6    1 
ATOM   1429 N  N6    . A  A 1 67 ? -20.317 14.411  -18.438 1.00 97.98  ? 67 A  A N6    1 
ATOM   1430 N  N1    . A  A 1 67 ? -18.428 15.286  -17.438 1.00 96.82  ? 67 A  A N1    1 
ATOM   1431 C  C2    . A  A 1 67 ? -17.446 16.188  -17.444 1.00 96.14  ? 67 A  A C2    1 
ATOM   1432 N  N3    . A  A 1 67 ? -17.201 17.159  -18.319 1.00 97.27  ? 67 A  A N3    1 
ATOM   1433 C  C4    . A  A 1 67 ? -18.117 17.156  -19.303 1.00 97.17  ? 67 A  A C4    1 
ATOM   1434 P  P     . A  A 1 68 ? -15.070 17.533  -24.562 1.00 103.53 ? 68 A  A P     1 
ATOM   1435 O  OP1   . A  A 1 68 ? -14.001 17.973  -25.494 1.00 102.10 ? 68 A  A OP1   1 
ATOM   1436 O  OP2   . A  A 1 68 ? -16.141 16.622  -25.043 1.00 103.50 ? 68 A  A OP2   1 
ATOM   1437 O  "O5'" . A  A 1 68 ? -14.377 16.824  -23.319 1.00 104.21 ? 68 A  A "O5'" 1 
ATOM   1438 C  "C5'" . A  A 1 68 ? -13.128 17.284  -22.843 1.00 105.67 ? 68 A  A "C5'" 1 
ATOM   1439 C  "C4'" . A  A 1 68 ? -12.553 16.306  -21.859 1.00 106.14 ? 68 A  A "C4'" 1 
ATOM   1440 O  "O4'" . A  A 1 68 ? -13.419 16.211  -20.697 1.00 106.83 ? 68 A  A "O4'" 1 
ATOM   1441 C  "C3'" . A  A 1 68 ? -12.470 14.858  -22.300 1.00 106.04 ? 68 A  A "C3'" 1 
ATOM   1442 O  "O3'" . A  A 1 68 ? -11.371 14.546  -23.140 1.00 105.23 ? 68 A  A "O3'" 1 
ATOM   1443 C  "C2'" . A  A 1 68 ? -12.258 14.159  -20.970 1.00 107.25 ? 68 A  A "C2'" 1 
ATOM   1444 O  "O2'" . A  A 1 68 ? -10.922 14.278  -20.538 1.00 107.66 ? 68 A  A "O2'" 1 
ATOM   1445 C  "C1'" . A  A 1 68 ? -13.157 14.977  -20.048 1.00 108.86 ? 68 A  A "C1'" 1 
ATOM   1446 N  N9    . A  A 1 68 ? -14.400 14.271  -19.724 1.00 111.81 ? 68 A  A N9    1 
ATOM   1447 C  C8    . A  A 1 68 ? -14.545 13.435  -18.635 1.00 113.45 ? 68 A  A C8    1 
ATOM   1448 N  N7    . A  A 1 68 ? -15.717 12.850  -18.564 1.00 113.10 ? 68 A  A N7    1 
ATOM   1449 C  C5    . A  A 1 68 ? -16.398 13.337  -19.665 1.00 112.38 ? 68 A  A C5    1 
ATOM   1450 C  C6    . A  A 1 68 ? -17.685 13.092  -20.135 1.00 112.64 ? 68 A  A C6    1 
ATOM   1451 N  N6    . A  A 1 68 ? -18.538 12.257  -19.535 1.00 111.83 ? 68 A  A N6    1 
ATOM   1452 N  N1    . A  A 1 68 ? -18.076 13.738  -21.257 1.00 113.55 ? 68 A  A N1    1 
ATOM   1453 C  C2    . A  A 1 68 ? -17.207 14.575  -21.851 1.00 113.71 ? 68 A  A C2    1 
ATOM   1454 N  N3    . A  A 1 68 ? -15.959 14.886  -21.500 1.00 112.98 ? 68 A  A N3    1 
ATOM   1455 C  C4    . A  A 1 68 ? -15.607 14.226  -20.386 1.00 112.24 ? 68 A  A C4    1 
ATOM   1456 P  P     . A  A 1 69 ? -11.061 12.999  -23.454 1.00 105.05 ? 69 A  A P     1 
ATOM   1457 O  OP1   . A  A 1 69 ? -12.293 12.413  -24.030 1.00 104.68 ? 69 A  A OP1   1 
ATOM   1458 O  OP2   . A  A 1 69 ? -10.496 12.400  -22.226 1.00 105.53 ? 69 A  A OP2   1 
ATOM   1459 O  "O5'" . A  A 1 69 ? -9.924  12.988  -24.576 1.00 106.05 ? 69 A  A "O5'" 1 
ATOM   1460 C  "C5'" . A  A 1 69 ? -8.899  13.989  -24.657 1.00 106.07 ? 69 A  A "C5'" 1 
ATOM   1461 C  "C4'" . A  A 1 69 ? -7.525  13.339  -24.634 1.00 106.52 ? 69 A  A "C4'" 1 
ATOM   1462 O  "O4'" . A  A 1 69 ? -7.058  13.211  -23.289 1.00 105.09 ? 69 A  A "O4'" 1 
ATOM   1463 C  "C3'" . A  A 1 69 ? -7.415  11.952  -25.262 1.00 107.82 ? 69 A  A "C3'" 1 
ATOM   1464 O  "O3'" . A  A 1 69 ? -6.844  12.119  -26.561 1.00 112.20 ? 69 A  A "O3'" 1 
ATOM   1465 C  "C2'" . A  A 1 69 ? -6.429  11.178  -24.377 1.00 105.73 ? 69 A  A "C2'" 1 
ATOM   1466 O  "O2'" . A  A 1 69 ? -5.229  10.825  -25.020 1.00 106.72 ? 69 A  A "O2'" 1 
ATOM   1467 C  "C1'" . A  A 1 69 ? -6.144  12.158  -23.237 1.00 105.04 ? 69 A  A "C1'" 1 
ATOM   1468 N  N9    . A  A 1 69 ? -6.101  11.647  -21.880 1.00 104.95 ? 69 A  A N9    1 
ATOM   1469 C  C8    . A  A 1 69 ? -7.077  11.063  -21.129 1.00 105.75 ? 69 A  A C8    1 
ATOM   1470 N  N7    . A  A 1 69 ? -6.691  10.749  -19.917 1.00 106.46 ? 69 A  A N7    1 
ATOM   1471 C  C5    . A  A 1 69 ? -5.367  11.153  -19.876 1.00 105.88 ? 69 A  A C5    1 
ATOM   1472 C  C6    . A  A 1 69 ? -4.390  11.104  -18.870 1.00 105.80 ? 69 A  A C6    1 
ATOM   1473 N  N6    . A  A 1 69 ? -4.607  10.627  -17.648 1.00 106.62 ? 69 A  A N6    1 
ATOM   1474 N  N1    . A  A 1 69 ? -3.165  11.578  -19.162 1.00 106.05 ? 69 A  A N1    1 
ATOM   1475 C  C2    . A  A 1 69 ? -2.951  12.082  -20.380 1.00 106.09 ? 69 A  A C2    1 
ATOM   1476 N  N3    . A  A 1 69 ? -3.788  12.196  -21.401 1.00 106.02 ? 69 A  A N3    1 
ATOM   1477 C  C4    . A  A 1 69 ? -4.992  11.702  -21.080 1.00 105.65 ? 69 A  A C4    1 
ATOM   1478 P  P     . C  A 1 70 ? -7.162  11.083  -27.748 1.00 115.95 ? 70 C  A P     1 
ATOM   1479 O  OP1   . C  A 1 70 ? -5.919  10.995  -28.546 1.00 115.74 ? 70 C  A OP1   1 
ATOM   1480 O  OP2   . C  A 1 70 ? -8.408  11.554  -28.399 1.00 116.44 ? 70 C  A OP2   1 
ATOM   1481 O  "O5'" . C  A 1 70 ? -7.431  9.663   -27.060 1.00 119.91 ? 70 C  A "O5'" 1 
ATOM   1482 C  "C5'" . C  A 1 70 ? -8.612  9.427   -26.274 1.00 126.88 ? 70 C  A "C5'" 1 
ATOM   1483 C  "C4'" . C  A 1 70 ? -9.402  8.234   -26.796 1.00 130.61 ? 70 C  A "C4'" 1 
ATOM   1484 O  "O4'" . C  A 1 70 ? -9.832  8.473   -28.160 1.00 132.76 ? 70 C  A "O4'" 1 
ATOM   1485 C  "C3'" . C  A 1 70 ? -8.692  6.891   -26.840 1.00 131.67 ? 70 C  A "C3'" 1 
ATOM   1486 O  "O3'" . C  A 1 70 ? -8.823  6.253   -25.576 1.00 131.31 ? 70 C  A "O3'" 1 
ATOM   1487 C  "C2'" . C  A 1 70 ? -9.490  6.129   -27.891 1.00 132.74 ? 70 C  A "C2'" 1 
ATOM   1488 O  "O2'" . C  A 1 70 ? -10.666 5.561   -27.352 1.00 132.70 ? 70 C  A "O2'" 1 
ATOM   1489 C  "C1'" . C  A 1 70 ? -9.877  7.246   -28.865 1.00 133.94 ? 70 C  A "C1'" 1 
ATOM   1490 N  N1    . C  A 1 70 ? -9.003  7.366   -30.041 1.00 136.18 ? 70 C  A N1    1 
ATOM   1491 C  C2    . C  A 1 70 ? -8.932  6.301   -30.945 1.00 137.07 ? 70 C  A C2    1 
ATOM   1492 O  O2    . C  A 1 70 ? -9.593  5.274   -30.718 1.00 137.13 ? 70 C  A O2    1 
ATOM   1493 N  N3    . C  A 1 70 ? -8.143  6.421   -32.046 1.00 137.77 ? 70 C  A N3    1 
ATOM   1494 C  C4    . C  A 1 70 ? -7.445  7.547   -32.252 1.00 137.65 ? 70 C  A C4    1 
ATOM   1495 N  N4    . C  A 1 70 ? -6.685  7.625   -33.347 1.00 137.30 ? 70 C  A N4    1 
ATOM   1496 C  C5    . C  A 1 70 ? -7.497  8.641   -31.340 1.00 137.67 ? 70 C  A C5    1 
ATOM   1497 C  C6    . C  A 1 70 ? -8.279  8.509   -30.258 1.00 137.32 ? 70 C  A C6    1 
HETATM 1498 MG MG    . MG B 2 .  ? 4.601   8.710   0.835   1.00 69.61  ? 71 MG A MG    1 
HETATM 1499 MG MG    . MG C 2 .  ? 24.135  -16.514 19.500  1.00 84.20  ? 72 MG A MG    1 
# 
